data_4HWU
# 
_entry.id   4HWU 
# 
_audit_conform.dict_name       mmcif_pdbx.dic 
_audit_conform.dict_version    5.397 
_audit_conform.dict_location   http://mmcif.pdb.org/dictionaries/ascii/mmcif_pdbx.dic 
# 
loop_
_database_2.database_id 
_database_2.database_code 
_database_2.pdbx_database_accession 
_database_2.pdbx_DOI 
PDB   4HWU         pdb_00004hwu 10.2210/pdb4hwu/pdb 
RCSB  RCSB076019   ?            ?                   
WWPDB D_1000076019 ?            ?                   
# 
loop_
_pdbx_audit_revision_history.ordinal 
_pdbx_audit_revision_history.data_content_type 
_pdbx_audit_revision_history.major_revision 
_pdbx_audit_revision_history.minor_revision 
_pdbx_audit_revision_history.revision_date 
1 'Structure model' 1 0 2012-11-21 
2 'Structure model' 1 1 2024-10-30 
# 
_pdbx_audit_revision_details.ordinal             1 
_pdbx_audit_revision_details.revision_ordinal    1 
_pdbx_audit_revision_details.data_content_type   'Structure model' 
_pdbx_audit_revision_details.provider            repository 
_pdbx_audit_revision_details.type                'Initial release' 
_pdbx_audit_revision_details.description         ? 
_pdbx_audit_revision_details.details             ? 
# 
loop_
_pdbx_audit_revision_group.ordinal 
_pdbx_audit_revision_group.revision_ordinal 
_pdbx_audit_revision_group.data_content_type 
_pdbx_audit_revision_group.group 
1 2 'Structure model' 'Data collection'     
2 2 'Structure model' 'Database references' 
3 2 'Structure model' 'Structure summary'   
# 
loop_
_pdbx_audit_revision_category.ordinal 
_pdbx_audit_revision_category.revision_ordinal 
_pdbx_audit_revision_category.data_content_type 
_pdbx_audit_revision_category.category 
1 2 'Structure model' chem_comp_atom            
2 2 'Structure model' chem_comp_bond            
3 2 'Structure model' database_2                
4 2 'Structure model' pdbx_entry_details        
5 2 'Structure model' pdbx_modification_feature 
6 2 'Structure model' struct_ref_seq_dif        
# 
loop_
_pdbx_audit_revision_item.ordinal 
_pdbx_audit_revision_item.revision_ordinal 
_pdbx_audit_revision_item.data_content_type 
_pdbx_audit_revision_item.item 
1 2 'Structure model' '_database_2.pdbx_DOI'                
2 2 'Structure model' '_database_2.pdbx_database_accession' 
3 2 'Structure model' '_struct_ref_seq_dif.details'         
# 
_pdbx_database_status.entry_id                        4HWU 
_pdbx_database_status.status_code                     REL 
_pdbx_database_status.deposit_site                    RCSB 
_pdbx_database_status.process_site                    RCSB 
_pdbx_database_status.recvd_initial_deposition_date   2012-11-08 
_pdbx_database_status.status_code_sf                  REL 
_pdbx_database_status.status_code_mr                  ? 
_pdbx_database_status.SG_entry                        Y 
_pdbx_database_status.status_code_cs                  ? 
_pdbx_database_status.methods_development_category    ? 
_pdbx_database_status.pdb_format_compatible           Y 
_pdbx_database_status.status_code_nmr_data            ? 
# 
_pdbx_database_related.db_name        TargetTrack 
_pdbx_database_related.db_id          NYSGRC-005912 
_pdbx_database_related.details        . 
_pdbx_database_related.content_type   unspecified 
# 
loop_
_audit_author.name 
_audit_author.pdbx_ordinal 
'Kumar, P.R.'                                               1  
'Ahmed, M.'                                                 2  
'Banu, R.'                                                  3  
'Bhosle, R.'                                                4  
'Calarese, D.'                                              5  
'Celikigil, A.'                                             6  
'Chamala, S.'                                               7  
'Chan, M.K.'                                                8  
'Chowdhury, S.'                                             9  
'Fiser, A.'                                                 10 
'Garforth, S.'                                              11 
'Glenn, A.S.'                                               12 
'Hillerich, B.'                                             13 
'Khafizov, K.'                                              14 
'Love, J.'                                                  15 
'Patel, H.'                                                 16 
'Rubinstein, R.'                                            17 
'Seidel, R.'                                                18 
'Stead, M.'                                                 19 
'Toro, R.'                                                  20 
'Nathenson, S.G.'                                           21 
'Almo, S.C.'                                                22 
'New York Structural Genomics Research Consortium (NYSGRC)' 23 
'Atoms-to-Animals: The Immune Function Network (IFN)'       24 
# 
_citation.id                        primary 
_citation.title                     'Crystal structure of the Ig-C2 type 1 domain from mouse FGFR2 [NYSGRC-005912]' 
_citation.journal_abbrev            'to be published' 
_citation.journal_volume            ? 
_citation.page_first                ? 
_citation.page_last                 ? 
_citation.year                      ? 
_citation.journal_id_ASTM           ? 
_citation.country                   ? 
_citation.journal_id_ISSN           ? 
_citation.journal_id_CSD            0353 
_citation.book_publisher            ? 
_citation.pdbx_database_id_PubMed   ? 
_citation.pdbx_database_id_DOI      ? 
# 
loop_
_citation_author.citation_id 
_citation_author.name 
_citation_author.ordinal 
_citation_author.identifier_ORCID 
primary 'Kumar, P.R.'     1 ? 
primary 'Nathenson, S.G.' 2 ? 
primary 'Almo, S.C.'      3 ? 
# 
loop_
_entity.id 
_entity.type 
_entity.src_method 
_entity.pdbx_description 
_entity.formula_weight 
_entity.pdbx_number_of_molecules 
_entity.pdbx_ec 
_entity.pdbx_mutation 
_entity.pdbx_fragment 
_entity.details 
1 polymer man 'Fibroblast growth factor receptor 2' 10378.567 2  2.7.10.1 ? 'UNP residues 45-127' ? 
2 water   nat water                                 18.015    16 ?        ? ?                     ? 
# 
_entity_name_com.entity_id   1 
_entity_name_com.name        'FGFR-2, Keratinocyte growth factor receptor, KGFR' 
# 
_entity_poly.entity_id                      1 
_entity_poly.type                           'polypeptide(L)' 
_entity_poly.nstd_linkage                   no 
_entity_poly.nstd_monomer                   no 
_entity_poly.pdbx_seq_one_letter_code       
;QDYGGSQPEAYVVAPGESLELQCMLKDAAVISWTKDGVHLGPNNRTVLIGEYLQIKGATPRDSGLYACTAARTVDSETWI
FMVNVTDAAENLYFQ
;
_entity_poly.pdbx_seq_one_letter_code_can   
;QDYGGSQPEAYVVAPGESLELQCMLKDAAVISWTKDGVHLGPNNRTVLIGEYLQIKGATPRDSGLYACTAARTVDSETWI
FMVNVTDAAENLYFQ
;
_entity_poly.pdbx_strand_id                 A,B 
_entity_poly.pdbx_target_identifier         NYSGRC-005912 
# 
_pdbx_entity_nonpoly.entity_id   2 
_pdbx_entity_nonpoly.name        water 
_pdbx_entity_nonpoly.comp_id     HOH 
# 
loop_
_entity_poly_seq.entity_id 
_entity_poly_seq.num 
_entity_poly_seq.mon_id 
_entity_poly_seq.hetero 
1 1  GLN n 
1 2  ASP n 
1 3  TYR n 
1 4  GLY n 
1 5  GLY n 
1 6  SER n 
1 7  GLN n 
1 8  PRO n 
1 9  GLU n 
1 10 ALA n 
1 11 TYR n 
1 12 VAL n 
1 13 VAL n 
1 14 ALA n 
1 15 PRO n 
1 16 GLY n 
1 17 GLU n 
1 18 SER n 
1 19 LEU n 
1 20 GLU n 
1 21 LEU n 
1 22 GLN n 
1 23 CYS n 
1 24 MET n 
1 25 LEU n 
1 26 LYS n 
1 27 ASP n 
1 28 ALA n 
1 29 ALA n 
1 30 VAL n 
1 31 ILE n 
1 32 SER n 
1 33 TRP n 
1 34 THR n 
1 35 LYS n 
1 36 ASP n 
1 37 GLY n 
1 38 VAL n 
1 39 HIS n 
1 40 LEU n 
1 41 GLY n 
1 42 PRO n 
1 43 ASN n 
1 44 ASN n 
1 45 ARG n 
1 46 THR n 
1 47 VAL n 
1 48 LEU n 
1 49 ILE n 
1 50 GLY n 
1 51 GLU n 
1 52 TYR n 
1 53 LEU n 
1 54 GLN n 
1 55 ILE n 
1 56 LYS n 
1 57 GLY n 
1 58 ALA n 
1 59 THR n 
1 60 PRO n 
1 61 ARG n 
1 62 ASP n 
1 63 SER n 
1 64 GLY n 
1 65 LEU n 
1 66 TYR n 
1 67 ALA n 
1 68 CYS n 
1 69 THR n 
1 70 ALA n 
1 71 ALA n 
1 72 ARG n 
1 73 THR n 
1 74 VAL n 
1 75 ASP n 
1 76 SER n 
1 77 GLU n 
1 78 THR n 
1 79 TRP n 
1 80 ILE n 
1 81 PHE n 
1 82 MET n 
1 83 VAL n 
1 84 ASN n 
1 85 VAL n 
1 86 THR n 
1 87 ASP n 
1 88 ALA n 
1 89 ALA n 
1 90 GLU n 
1 91 ASN n 
1 92 LEU n 
1 93 TYR n 
1 94 PHE n 
1 95 GLN n 
# 
_entity_src_gen.entity_id                          1 
_entity_src_gen.pdbx_src_id                        1 
_entity_src_gen.pdbx_alt_source_flag               sample 
_entity_src_gen.pdbx_seq_type                      ? 
_entity_src_gen.pdbx_beg_seq_num                   ? 
_entity_src_gen.pdbx_end_seq_num                   ? 
_entity_src_gen.gene_src_common_name               mouse 
_entity_src_gen.gene_src_genus                     ? 
_entity_src_gen.pdbx_gene_src_gene                 'Bek, Ect1, Fgfr2' 
_entity_src_gen.gene_src_species                   ? 
_entity_src_gen.gene_src_strain                    ? 
_entity_src_gen.gene_src_tissue                    ? 
_entity_src_gen.gene_src_tissue_fraction           ? 
_entity_src_gen.gene_src_details                   ? 
_entity_src_gen.pdbx_gene_src_fragment             ? 
_entity_src_gen.pdbx_gene_src_scientific_name      'Mus musculus' 
_entity_src_gen.pdbx_gene_src_ncbi_taxonomy_id     10090 
_entity_src_gen.pdbx_gene_src_variant              ? 
_entity_src_gen.pdbx_gene_src_cell_line            ? 
_entity_src_gen.pdbx_gene_src_atcc                 ? 
_entity_src_gen.pdbx_gene_src_organ                ? 
_entity_src_gen.pdbx_gene_src_organelle            ? 
_entity_src_gen.pdbx_gene_src_cell                 ? 
_entity_src_gen.pdbx_gene_src_cellular_location    ? 
_entity_src_gen.host_org_common_name               ? 
_entity_src_gen.pdbx_host_org_scientific_name      'Trichoplusia ni' 
_entity_src_gen.pdbx_host_org_ncbi_taxonomy_id     7111 
_entity_src_gen.host_org_genus                     ? 
_entity_src_gen.pdbx_host_org_gene                 ? 
_entity_src_gen.pdbx_host_org_organ                ? 
_entity_src_gen.host_org_species                   ? 
_entity_src_gen.pdbx_host_org_tissue               ? 
_entity_src_gen.pdbx_host_org_tissue_fraction      ? 
_entity_src_gen.pdbx_host_org_strain               Hi5 
_entity_src_gen.pdbx_host_org_variant              ? 
_entity_src_gen.pdbx_host_org_cell_line            ? 
_entity_src_gen.pdbx_host_org_atcc                 ? 
_entity_src_gen.pdbx_host_org_culture_collection   ? 
_entity_src_gen.pdbx_host_org_cell                 ? 
_entity_src_gen.pdbx_host_org_organelle            ? 
_entity_src_gen.pdbx_host_org_cellular_location    ? 
_entity_src_gen.pdbx_host_org_vector_type          Plasmid 
_entity_src_gen.pdbx_host_org_vector               ? 
_entity_src_gen.host_org_details                   ? 
_entity_src_gen.expression_system_id               ? 
_entity_src_gen.plasmid_name                       pIEX 
_entity_src_gen.plasmid_details                    ? 
_entity_src_gen.pdbx_description                   ? 
# 
loop_
_chem_comp.id 
_chem_comp.type 
_chem_comp.mon_nstd_flag 
_chem_comp.name 
_chem_comp.pdbx_synonyms 
_chem_comp.formula 
_chem_comp.formula_weight 
ALA 'L-peptide linking' y ALANINE         ? 'C3 H7 N O2'     89.093  
ARG 'L-peptide linking' y ARGININE        ? 'C6 H15 N4 O2 1' 175.209 
ASN 'L-peptide linking' y ASPARAGINE      ? 'C4 H8 N2 O3'    132.118 
ASP 'L-peptide linking' y 'ASPARTIC ACID' ? 'C4 H7 N O4'     133.103 
CYS 'L-peptide linking' y CYSTEINE        ? 'C3 H7 N O2 S'   121.158 
GLN 'L-peptide linking' y GLUTAMINE       ? 'C5 H10 N2 O3'   146.144 
GLU 'L-peptide linking' y 'GLUTAMIC ACID' ? 'C5 H9 N O4'     147.129 
GLY 'peptide linking'   y GLYCINE         ? 'C2 H5 N O2'     75.067  
HIS 'L-peptide linking' y HISTIDINE       ? 'C6 H10 N3 O2 1' 156.162 
HOH non-polymer         . WATER           ? 'H2 O'           18.015  
ILE 'L-peptide linking' y ISOLEUCINE      ? 'C6 H13 N O2'    131.173 
LEU 'L-peptide linking' y LEUCINE         ? 'C6 H13 N O2'    131.173 
LYS 'L-peptide linking' y LYSINE          ? 'C6 H15 N2 O2 1' 147.195 
MET 'L-peptide linking' y METHIONINE      ? 'C5 H11 N O2 S'  149.211 
PHE 'L-peptide linking' y PHENYLALANINE   ? 'C9 H11 N O2'    165.189 
PRO 'L-peptide linking' y PROLINE         ? 'C5 H9 N O2'     115.130 
SER 'L-peptide linking' y SERINE          ? 'C3 H7 N O3'     105.093 
THR 'L-peptide linking' y THREONINE       ? 'C4 H9 N O3'     119.119 
TRP 'L-peptide linking' y TRYPTOPHAN      ? 'C11 H12 N2 O2'  204.225 
TYR 'L-peptide linking' y TYROSINE        ? 'C9 H11 N O3'    181.189 
VAL 'L-peptide linking' y VALINE          ? 'C5 H11 N O2'    117.146 
# 
loop_
_pdbx_poly_seq_scheme.asym_id 
_pdbx_poly_seq_scheme.entity_id 
_pdbx_poly_seq_scheme.seq_id 
_pdbx_poly_seq_scheme.mon_id 
_pdbx_poly_seq_scheme.ndb_seq_num 
_pdbx_poly_seq_scheme.pdb_seq_num 
_pdbx_poly_seq_scheme.auth_seq_num 
_pdbx_poly_seq_scheme.pdb_mon_id 
_pdbx_poly_seq_scheme.auth_mon_id 
_pdbx_poly_seq_scheme.pdb_strand_id 
_pdbx_poly_seq_scheme.pdb_ins_code 
_pdbx_poly_seq_scheme.hetero 
A 1 1  GLN 1  40  ?   ?   ?   A . n 
A 1 2  ASP 2  41  ?   ?   ?   A . n 
A 1 3  TYR 3  42  ?   ?   ?   A . n 
A 1 4  GLY 4  43  ?   ?   ?   A . n 
A 1 5  GLY 5  44  ?   ?   ?   A . n 
A 1 6  SER 6  45  ?   ?   ?   A . n 
A 1 7  GLN 7  46  ?   ?   ?   A . n 
A 1 8  PRO 8  47  47  PRO PRO A . n 
A 1 9  GLU 9  48  48  GLU GLU A . n 
A 1 10 ALA 10 49  49  ALA ALA A . n 
A 1 11 TYR 11 50  50  TYR TYR A . n 
A 1 12 VAL 12 51  51  VAL VAL A . n 
A 1 13 VAL 13 52  52  VAL VAL A . n 
A 1 14 ALA 14 53  53  ALA ALA A . n 
A 1 15 PRO 15 54  54  PRO PRO A . n 
A 1 16 GLY 16 55  55  GLY GLY A . n 
A 1 17 GLU 17 56  56  GLU GLU A . n 
A 1 18 SER 18 57  57  SER SER A . n 
A 1 19 LEU 19 58  58  LEU LEU A . n 
A 1 20 GLU 20 59  59  GLU GLU A . n 
A 1 21 LEU 21 60  60  LEU LEU A . n 
A 1 22 GLN 22 61  61  GLN GLN A . n 
A 1 23 CYS 23 62  62  CYS CYS A . n 
A 1 24 MET 24 63  63  MET MET A . n 
A 1 25 LEU 25 64  64  LEU LEU A . n 
A 1 26 LYS 26 65  65  LYS LYS A . n 
A 1 27 ASP 27 66  66  ASP ASP A . n 
A 1 28 ALA 28 67  67  ALA ALA A . n 
A 1 29 ALA 29 68  68  ALA ALA A . n 
A 1 30 VAL 30 69  69  VAL VAL A . n 
A 1 31 ILE 31 70  70  ILE ILE A . n 
A 1 32 SER 32 71  71  SER SER A . n 
A 1 33 TRP 33 72  72  TRP TRP A . n 
A 1 34 THR 34 73  73  THR THR A . n 
A 1 35 LYS 35 74  74  LYS LYS A . n 
A 1 36 ASP 36 75  75  ASP ASP A . n 
A 1 37 GLY 37 76  76  GLY GLY A . n 
A 1 38 VAL 38 77  77  VAL VAL A . n 
A 1 39 HIS 39 78  78  HIS HIS A . n 
A 1 40 LEU 40 79  79  LEU LEU A . n 
A 1 41 GLY 41 80  80  GLY GLY A . n 
A 1 42 PRO 42 81  81  PRO PRO A . n 
A 1 43 ASN 43 82  82  ASN ASN A . n 
A 1 44 ASN 44 83  83  ASN ASN A . n 
A 1 45 ARG 45 84  84  ARG ARG A . n 
A 1 46 THR 46 85  85  THR THR A . n 
A 1 47 VAL 47 86  86  VAL VAL A . n 
A 1 48 LEU 48 87  87  LEU LEU A . n 
A 1 49 ILE 49 88  88  ILE ILE A . n 
A 1 50 GLY 50 89  89  GLY GLY A . n 
A 1 51 GLU 51 90  90  GLU GLU A . n 
A 1 52 TYR 52 91  91  TYR TYR A . n 
A 1 53 LEU 53 92  92  LEU LEU A . n 
A 1 54 GLN 54 93  93  GLN GLN A . n 
A 1 55 ILE 55 94  94  ILE ILE A . n 
A 1 56 LYS 56 95  95  LYS LYS A . n 
A 1 57 GLY 57 96  96  GLY GLY A . n 
A 1 58 ALA 58 97  97  ALA ALA A . n 
A 1 59 THR 59 98  98  THR THR A . n 
A 1 60 PRO 60 99  99  PRO PRO A . n 
A 1 61 ARG 61 100 100 ARG ARG A . n 
A 1 62 ASP 62 101 101 ASP ASP A . n 
A 1 63 SER 63 102 102 SER SER A . n 
A 1 64 GLY 64 103 103 GLY GLY A . n 
A 1 65 LEU 65 104 104 LEU LEU A . n 
A 1 66 TYR 66 105 105 TYR TYR A . n 
A 1 67 ALA 67 106 106 ALA ALA A . n 
A 1 68 CYS 68 107 107 CYS CYS A . n 
A 1 69 THR 69 108 108 THR THR A . n 
A 1 70 ALA 70 109 109 ALA ALA A . n 
A 1 71 ALA 71 110 110 ALA ALA A . n 
A 1 72 ARG 72 111 111 ARG ARG A . n 
A 1 73 THR 73 112 112 THR THR A . n 
A 1 74 VAL 74 113 113 VAL VAL A . n 
A 1 75 ASP 75 114 114 ASP ASP A . n 
A 1 76 SER 76 115 115 SER SER A . n 
A 1 77 GLU 77 116 116 GLU GLU A . n 
A 1 78 THR 78 117 117 THR THR A . n 
A 1 79 TRP 79 118 118 TRP TRP A . n 
A 1 80 ILE 80 119 119 ILE ILE A . n 
A 1 81 PHE 81 120 120 PHE PHE A . n 
A 1 82 MET 82 121 121 MET MET A . n 
A 1 83 VAL 83 122 122 VAL VAL A . n 
A 1 84 ASN 84 123 123 ASN ASN A . n 
A 1 85 VAL 85 124 124 VAL VAL A . n 
A 1 86 THR 86 125 125 THR THR A . n 
A 1 87 ASP 87 126 126 ASP ASP A . n 
A 1 88 ALA 88 127 127 ALA ALA A . n 
A 1 89 ALA 89 128 ?   ?   ?   A . n 
A 1 90 GLU 90 129 ?   ?   ?   A . n 
A 1 91 ASN 91 130 ?   ?   ?   A . n 
A 1 92 LEU 92 131 ?   ?   ?   A . n 
A 1 93 TYR 93 132 ?   ?   ?   A . n 
A 1 94 PHE 94 133 ?   ?   ?   A . n 
A 1 95 GLN 95 134 ?   ?   ?   A . n 
B 1 1  GLN 1  40  ?   ?   ?   B . n 
B 1 2  ASP 2  41  ?   ?   ?   B . n 
B 1 3  TYR 3  42  ?   ?   ?   B . n 
B 1 4  GLY 4  43  ?   ?   ?   B . n 
B 1 5  GLY 5  44  ?   ?   ?   B . n 
B 1 6  SER 6  45  ?   ?   ?   B . n 
B 1 7  GLN 7  46  ?   ?   ?   B . n 
B 1 8  PRO 8  47  47  PRO PRO B . n 
B 1 9  GLU 9  48  48  GLU GLU B . n 
B 1 10 ALA 10 49  49  ALA ALA B . n 
B 1 11 TYR 11 50  50  TYR TYR B . n 
B 1 12 VAL 12 51  51  VAL VAL B . n 
B 1 13 VAL 13 52  52  VAL VAL B . n 
B 1 14 ALA 14 53  53  ALA ALA B . n 
B 1 15 PRO 15 54  54  PRO PRO B . n 
B 1 16 GLY 16 55  55  GLY GLY B . n 
B 1 17 GLU 17 56  56  GLU GLU B . n 
B 1 18 SER 18 57  57  SER SER B . n 
B 1 19 LEU 19 58  58  LEU LEU B . n 
B 1 20 GLU 20 59  59  GLU GLU B . n 
B 1 21 LEU 21 60  60  LEU LEU B . n 
B 1 22 GLN 22 61  61  GLN GLN B . n 
B 1 23 CYS 23 62  62  CYS CYS B . n 
B 1 24 MET 24 63  63  MET MET B . n 
B 1 25 LEU 25 64  64  LEU LEU B . n 
B 1 26 LYS 26 65  ?   ?   ?   B . n 
B 1 27 ASP 27 66  ?   ?   ?   B . n 
B 1 28 ALA 28 67  ?   ?   ?   B . n 
B 1 29 ALA 29 68  68  ALA ALA B . n 
B 1 30 VAL 30 69  69  VAL VAL B . n 
B 1 31 ILE 31 70  70  ILE ILE B . n 
B 1 32 SER 32 71  71  SER SER B . n 
B 1 33 TRP 33 72  72  TRP TRP B . n 
B 1 34 THR 34 73  73  THR THR B . n 
B 1 35 LYS 35 74  74  LYS LYS B . n 
B 1 36 ASP 36 75  75  ASP ASP B . n 
B 1 37 GLY 37 76  76  GLY GLY B . n 
B 1 38 VAL 38 77  77  VAL VAL B . n 
B 1 39 HIS 39 78  78  HIS HIS B . n 
B 1 40 LEU 40 79  79  LEU LEU B . n 
B 1 41 GLY 41 80  80  GLY GLY B . n 
B 1 42 PRO 42 81  81  PRO PRO B . n 
B 1 43 ASN 43 82  82  ASN ASN B . n 
B 1 44 ASN 44 83  83  ASN ASN B . n 
B 1 45 ARG 45 84  84  ARG ARG B . n 
B 1 46 THR 46 85  85  THR THR B . n 
B 1 47 VAL 47 86  86  VAL VAL B . n 
B 1 48 LEU 48 87  87  LEU LEU B . n 
B 1 49 ILE 49 88  88  ILE ILE B . n 
B 1 50 GLY 50 89  89  GLY GLY B . n 
B 1 51 GLU 51 90  90  GLU GLU B . n 
B 1 52 TYR 52 91  91  TYR TYR B . n 
B 1 53 LEU 53 92  92  LEU LEU B . n 
B 1 54 GLN 54 93  93  GLN GLN B . n 
B 1 55 ILE 55 94  94  ILE ILE B . n 
B 1 56 LYS 56 95  95  LYS LYS B . n 
B 1 57 GLY 57 96  96  GLY GLY B . n 
B 1 58 ALA 58 97  97  ALA ALA B . n 
B 1 59 THR 59 98  98  THR THR B . n 
B 1 60 PRO 60 99  99  PRO PRO B . n 
B 1 61 ARG 61 100 100 ARG ARG B . n 
B 1 62 ASP 62 101 101 ASP ASP B . n 
B 1 63 SER 63 102 102 SER SER B . n 
B 1 64 GLY 64 103 103 GLY GLY B . n 
B 1 65 LEU 65 104 104 LEU LEU B . n 
B 1 66 TYR 66 105 105 TYR TYR B . n 
B 1 67 ALA 67 106 106 ALA ALA B . n 
B 1 68 CYS 68 107 107 CYS CYS B . n 
B 1 69 THR 69 108 108 THR THR B . n 
B 1 70 ALA 70 109 109 ALA ALA B . n 
B 1 71 ALA 71 110 ?   ?   ?   B . n 
B 1 72 ARG 72 111 ?   ?   ?   B . n 
B 1 73 THR 73 112 ?   ?   ?   B . n 
B 1 74 VAL 74 113 ?   ?   ?   B . n 
B 1 75 ASP 75 114 ?   ?   ?   B . n 
B 1 76 SER 76 115 115 SER SER B . n 
B 1 77 GLU 77 116 116 GLU GLU B . n 
B 1 78 THR 78 117 117 THR THR B . n 
B 1 79 TRP 79 118 118 TRP TRP B . n 
B 1 80 ILE 80 119 119 ILE ILE B . n 
B 1 81 PHE 81 120 120 PHE PHE B . n 
B 1 82 MET 82 121 121 MET MET B . n 
B 1 83 VAL 83 122 122 VAL VAL B . n 
B 1 84 ASN 84 123 123 ASN ASN B . n 
B 1 85 VAL 85 124 124 VAL VAL B . n 
B 1 86 THR 86 125 125 THR THR B . n 
B 1 87 ASP 87 126 126 ASP ASP B . n 
B 1 88 ALA 88 127 127 ALA ALA B . n 
B 1 89 ALA 89 128 ?   ?   ?   B . n 
B 1 90 GLU 90 129 ?   ?   ?   B . n 
B 1 91 ASN 91 130 ?   ?   ?   B . n 
B 1 92 LEU 92 131 ?   ?   ?   B . n 
B 1 93 TYR 93 132 ?   ?   ?   B . n 
B 1 94 PHE 94 133 ?   ?   ?   B . n 
B 1 95 GLN 95 134 ?   ?   ?   B . n 
# 
loop_
_pdbx_nonpoly_scheme.asym_id 
_pdbx_nonpoly_scheme.entity_id 
_pdbx_nonpoly_scheme.mon_id 
_pdbx_nonpoly_scheme.ndb_seq_num 
_pdbx_nonpoly_scheme.pdb_seq_num 
_pdbx_nonpoly_scheme.auth_seq_num 
_pdbx_nonpoly_scheme.pdb_mon_id 
_pdbx_nonpoly_scheme.auth_mon_id 
_pdbx_nonpoly_scheme.pdb_strand_id 
_pdbx_nonpoly_scheme.pdb_ins_code 
C 2 HOH 1  201 4  HOH HOH A . 
C 2 HOH 2  202 7  HOH HOH A . 
C 2 HOH 3  203 9  HOH HOH A . 
C 2 HOH 4  204 12 HOH HOH A . 
C 2 HOH 5  205 19 HOH HOH A . 
C 2 HOH 6  206 21 HOH HOH A . 
D 2 HOH 1  201 1  HOH HOH B . 
D 2 HOH 2  202 5  HOH HOH B . 
D 2 HOH 3  203 6  HOH HOH B . 
D 2 HOH 4  204 8  HOH HOH B . 
D 2 HOH 5  205 11 HOH HOH B . 
D 2 HOH 6  206 13 HOH HOH B . 
D 2 HOH 7  207 14 HOH HOH B . 
D 2 HOH 8  208 16 HOH HOH B . 
D 2 HOH 9  209 17 HOH HOH B . 
D 2 HOH 10 210 20 HOH HOH B . 
# 
loop_
_software.pdbx_ordinal 
_software.name 
_software.version 
_software.date 
_software.type 
_software.contact_author 
_software.contact_author_email 
_software.classification 
_software.location 
_software.language 
_software.citation_id 
1 SCALEPACK   .          ?                program 'Zbyszek Otwinowski' hkl@hkl-xray.com         'data scaling'    
http://www.hkl-xray.com/                  ?   ? 
2 PHENIX      1.8.1_1168 ?                package 'Paul D. Adams'      PDAdams@lbl.gov          refinement        
http://www.phenix-online.org/             C++ ? 
3 PDB_EXTRACT 3.11       'April 22, 2011' package PDB                  deposit@deposit.rcsb.org 'data extraction' 
http://sw-tools.pdb.org/apps/PDB_EXTRACT/ C++ ? 
4 CBASS       .          ?                ?       ?                    ?                        'data collection' ? ?   ? 
5 PHASER      .          ?                ?       ?                    ?                        phasing           ? ?   ? 
# 
_cell.length_a           53.818 
_cell.length_b           53.818 
_cell.length_c           122.817 
_cell.angle_alpha        90.000 
_cell.angle_beta         90.000 
_cell.angle_gamma        120.000 
_cell.entry_id           4HWU 
_cell.pdbx_unique_axis   ? 
_cell.Z_PDB              12 
_cell.length_a_esd       ? 
_cell.length_b_esd       ? 
_cell.length_c_esd       ? 
_cell.angle_alpha_esd    ? 
_cell.angle_beta_esd     ? 
_cell.angle_gamma_esd    ? 
# 
_symmetry.space_group_name_H-M             'P 31 2 1' 
_symmetry.entry_id                         4HWU 
_symmetry.Int_Tables_number                152 
_symmetry.pdbx_full_space_group_name_H-M   ? 
_symmetry.cell_setting                     ? 
_symmetry.space_group_name_Hall            ? 
# 
_exptl.crystals_number   1 
_exptl.entry_id          4HWU 
_exptl.method            'X-RAY DIFFRACTION' 
# 
_exptl_crystal.id                    1 
_exptl_crystal.density_Matthews      2.47 
_exptl_crystal.density_meas          ? 
_exptl_crystal.density_percent_sol   50.27 
_exptl_crystal.description           ? 
_exptl_crystal.F_000                 ? 
_exptl_crystal.preparation           ? 
# 
_exptl_crystal_grow.crystal_id      1 
_exptl_crystal_grow.method          'VAPOR DIFFUSION' 
_exptl_crystal_grow.pH              7.0 
_exptl_crystal_grow.temp            298 
_exptl_crystal_grow.pdbx_details    
;Protein (20 mM Hepes, pH 7.5, 150 mM NaCl, 10% glycerol; Reservoir (1.1M Malonic acid, 0.15M Ammonium Citrate Tribasic, 0.072M Succinic acid, 0.18M DL-Malic Acid, 0.24M Sodium acetate, 0.3M Sodium formate, 0.096M Ammonium tartrate dibasic, pH 7.0), Cryoprotection (Reservoir + 20% Glycerol, a speck of I3C (Jena Biosciences) heavy atom), Sitting Drop Vapor Diffusion, temperature 298K, VAPOR DIFFUSION
;
_exptl_crystal_grow.temp_details    ? 
_exptl_crystal_grow.pdbx_pH_range   ? 
# 
_diffrn.id                     1 
_diffrn.ambient_temp           100 
_diffrn.ambient_temp_details   ? 
_diffrn.crystal_id             1 
# 
_diffrn_detector.diffrn_id              1 
_diffrn_detector.detector               CCD 
_diffrn_detector.details                MIRRORS 
_diffrn_detector.type                   'ADSC QUANTUM 315' 
_diffrn_detector.pdbx_collection_date   2012-10-11 
# 
_diffrn_radiation.diffrn_id                        1 
_diffrn_radiation.pdbx_diffrn_protocol             'SINGLE WAVELENGTH' 
_diffrn_radiation.monochromator                    GRAPHITE 
_diffrn_radiation.wavelength_id                    1 
_diffrn_radiation.pdbx_monochromatic_or_laue_m_l   M 
_diffrn_radiation.pdbx_scattering_type             x-ray 
# 
_diffrn_radiation_wavelength.id           1 
_diffrn_radiation_wavelength.wavelength   1.5498 
_diffrn_radiation_wavelength.wt           1.0 
# 
_diffrn_source.diffrn_id                   1 
_diffrn_source.source                      SYNCHROTRON 
_diffrn_source.type                        'NSLS BEAMLINE X29A' 
_diffrn_source.pdbx_wavelength_list        1.5498 
_diffrn_source.pdbx_wavelength             ? 
_diffrn_source.pdbx_synchrotron_site       NSLS 
_diffrn_source.pdbx_synchrotron_beamline   X29A 
# 
_reflns.entry_id                     4HWU 
_reflns.d_resolution_high            2.900 
_reflns.d_resolution_low             50.000 
_reflns.number_obs                   8822 
_reflns.pdbx_Rmerge_I_obs            0.178 
_reflns.pdbx_netI_over_sigmaI        17.75 
_reflns.pdbx_chi_squared             1.300 
_reflns.pdbx_redundancy              11.100 
_reflns.percent_possible_obs         100.000 
_reflns.observed_criterion_sigma_F   ? 
_reflns.observed_criterion_sigma_I   ? 
_reflns.number_all                   ? 
_reflns.pdbx_Rsym_value              ? 
_reflns.B_iso_Wilson_estimate        ? 
_reflns.R_free_details               ? 
_reflns.limit_h_max                  ? 
_reflns.limit_h_min                  ? 
_reflns.limit_k_max                  ? 
_reflns.limit_k_min                  ? 
_reflns.limit_l_max                  ? 
_reflns.limit_l_min                  ? 
_reflns.observed_criterion_F_max     ? 
_reflns.observed_criterion_F_min     ? 
_reflns.pdbx_scaling_rejects         ? 
_reflns.pdbx_ordinal                 1 
_reflns.pdbx_diffrn_id               1 
# 
loop_
_reflns_shell.d_res_high 
_reflns_shell.d_res_low 
_reflns_shell.number_measured_obs 
_reflns_shell.number_measured_all 
_reflns_shell.number_unique_obs 
_reflns_shell.Rmerge_I_obs 
_reflns_shell.meanI_over_sigI_obs 
_reflns_shell.pdbx_Rsym_value 
_reflns_shell.pdbx_chi_squared 
_reflns_shell.pdbx_redundancy 
_reflns_shell.percent_possible_obs 
_reflns_shell.number_unique_all 
_reflns_shell.percent_possible_all 
_reflns_shell.pdbx_ordinal 
_reflns_shell.pdbx_diffrn_id 
2.900 2.950  ? ? ? ?     ? ? 0.916 9.100  ? 430 100.000 1  1 
2.950 3.000  ? ? ? ?     ? ? 0.922 10.100 ? 455 100.000 2  1 
3.000 3.060  ? ? ? ?     ? ? 0.950 11.100 ? 416 100.000 3  1 
3.060 3.120  ? ? ? 0.875 ? ? 0.916 11.300 ? 454 100.000 4  1 
3.120 3.190  ? ? ? 0.719 ? ? 0.985 11.200 ? 455 100.000 5  1 
3.190 3.270  ? ? ? 0.544 ? ? 1.013 11.400 ? 417 100.000 6  1 
3.270 3.350  ? ? ? 0.586 ? ? 1.052 11.500 ? 464 100.000 7  1 
3.350 3.440  ? ? ? 0.449 ? ? 1.141 11.400 ? 423 100.000 8  1 
3.440 3.540  ? ? ? 0.387 ? ? 1.189 11.400 ? 447 100.000 9  1 
3.540 3.650  ? ? ? 0.469 ? ? 1.745 11.000 ? 430 100.000 10 1 
3.650 3.780  ? ? ? 0.280 ? ? 2.248 10.500 ? 433 100.000 11 1 
3.780 3.940  ? ? ? 0.250 ? ? 1.793 11.300 ? 452 100.000 12 1 
3.940 4.110  ? ? ? 0.166 ? ? 1.484 11.500 ? 444 100.000 13 1 
4.110 4.330  ? ? ? 0.137 ? ? 1.392 11.500 ? 430 100.000 14 1 
4.330 4.600  ? ? ? 0.125 ? ? 1.492 11.500 ? 452 100.000 15 1 
4.600 4.960  ? ? ? 0.111 ? ? 1.470 11.500 ? 447 100.000 16 1 
4.960 5.460  ? ? ? 0.117 ? ? 1.383 11.400 ? 439 100.000 17 1 
5.460 6.240  ? ? ? 0.102 ? ? 1.245 11.300 ? 436 100.000 18 1 
6.240 7.860  ? ? ? 0.082 ? ? 1.197 11.200 ? 450 100.000 19 1 
7.860 50.000 ? ? ? 0.057 ? ? 1.421 11.300 ? 448 100.000 20 1 
# 
_refine.ls_percent_reflns_R_free                 4.6600 
_refine.overall_SU_B                             ? 
_refine.pdbx_solvent_vdw_probe_radii             1.1100 
_refine.pdbx_R_Free_selection_details            RANDOM 
_refine.overall_FOM_free_R_set                   ? 
_refine.pdbx_data_cutoff_low_absF                ? 
_refine.entry_id                                 4HWU 
_refine.aniso_B[2][3]                            ? 
_refine.overall_SU_R_Cruickshank_DPI             ? 
_refine.overall_SU_ML                            0.3000 
_refine.pdbx_ls_sigma_I                          ? 
_refine.aniso_B[1][3]                            ? 
_refine.pdbx_stereochemistry_target_values       ML 
_refine.aniso_B[3][3]                            ? 
_refine.occupancy_max                            1.000 
_refine.ls_number_restraints                     ? 
_refine.aniso_B[1][1]                            ? 
_refine.pdbx_overall_ESU_R                       ? 
_refine.ls_R_factor_obs                          0.2277 
_refine.pdbx_ls_cross_valid_method               ? 
_refine.pdbx_solvent_ion_probe_radii             ? 
_refine.pdbx_starting_model                      ? 
_refine.ls_wR_factor_R_free                      ? 
_refine.ls_wR_factor_R_work                      ? 
_refine.pdbx_isotropic_thermal_model             ? 
_refine.pdbx_method_to_determine_struct          'MOLECULAR REPLACEMENT' 
_refine.solvent_model_param_ksol                 ? 
_refine.pdbx_solvent_shrinkage_radii             0.9000 
_refine.correlation_coeff_Fo_to_Fc               ? 
_refine.ls_number_reflns_R_free                  225 
_refine.correlation_coeff_Fo_to_Fc_free          ? 
_refine.pdbx_ls_sigma_F                          1.340 
_refine.ls_percent_reflns_obs                    98.2700 
_refine.ls_R_factor_R_work                       0.2265 
_refine.overall_SU_R_free                        ? 
_refine.ls_d_res_high                            2.9030 
_refine.pdbx_overall_ESU_R_Free                  ? 
_refine.B_iso_min                                0.000 
_refine.occupancy_min                            1.000 
_refine.B_iso_mean                               22.2141 
_refine.pdbx_stereochem_target_val_spec_case     ? 
_refine.ls_R_factor_all                          ? 
_refine.aniso_B[2][2]                            ? 
_refine.B_iso_max                                205.600 
_refine.ls_d_res_low                             46.6080 
_refine.pdbx_overall_phase_error                 27.0400 
_refine.solvent_model_details                    'FLAT BULK SOLVENT MODEL' 
_refine.aniso_B[1][2]                            ? 
_refine.ls_R_factor_R_free                       0.2522 
_refine.ls_R_factor_R_free_error                 ? 
_refine.ls_number_reflns_obs                     4833 
_refine.overall_FOM_work_R_set                   0.7795 
_refine.ls_number_parameters                     ? 
_refine.details                                  ? 
_refine.ls_number_reflns_all                     ? 
_refine.ls_redundancy_reflns_obs                 ? 
_refine.pdbx_data_cutoff_high_absF               ? 
_refine.solvent_model_param_bsol                 ? 
_refine.ls_R_factor_R_free_error_details         ? 
_refine.pdbx_data_cutoff_high_rms_absF           ? 
_refine.pdbx_diffrn_id                           1 
_refine.pdbx_refine_id                           'X-RAY DIFFRACTION' 
_refine.pdbx_TLS_residual_ADP_flag               ? 
_refine.pdbx_overall_SU_R_free_Cruickshank_DPI   ? 
_refine.pdbx_overall_SU_R_Blow_DPI               ? 
_refine.pdbx_overall_SU_R_free_Blow_DPI          ? 
# 
_refine_hist.pdbx_refine_id                   'X-RAY DIFFRACTION' 
_refine_hist.cycle_id                         LAST 
_refine_hist.pdbx_number_atoms_protein        1168 
_refine_hist.pdbx_number_atoms_nucleic_acid   0 
_refine_hist.pdbx_number_atoms_ligand         0 
_refine_hist.number_atoms_solvent             16 
_refine_hist.number_atoms_total               1184 
_refine_hist.d_res_high                       2.9030 
_refine_hist.d_res_low                        46.6080 
# 
loop_
_refine_ls_restr.type 
_refine_ls_restr.number 
_refine_ls_restr.dev_ideal 
_refine_ls_restr.dev_ideal_target 
_refine_ls_restr.weight 
_refine_ls_restr.pdbx_restraint_function 
_refine_ls_restr.pdbx_refine_id 
f_bond_d           1192 0.011  ? ? ? 'X-RAY DIFFRACTION' 
f_angle_d          1621 1.405  ? ? ? 'X-RAY DIFFRACTION' 
f_chiral_restr     192  0.076  ? ? ? 'X-RAY DIFFRACTION' 
f_plane_restr      203  0.007  ? ? ? 'X-RAY DIFFRACTION' 
f_dihedral_angle_d 419  14.400 ? ? ? 'X-RAY DIFFRACTION' 
# 
loop_
_refine_ls_shell.d_res_high 
_refine_ls_shell.d_res_low 
_refine_ls_shell.pdbx_total_number_of_bins_used 
_refine_ls_shell.percent_reflns_obs 
_refine_ls_shell.number_reflns_R_work 
_refine_ls_shell.R_factor_all 
_refine_ls_shell.R_factor_R_work 
_refine_ls_shell.R_factor_R_free 
_refine_ls_shell.percent_reflns_R_free 
_refine_ls_shell.number_reflns_R_free 
_refine_ls_shell.R_factor_R_free_error 
_refine_ls_shell.number_reflns_all 
_refine_ls_shell.number_reflns_obs 
_refine_ls_shell.redundancy_reflns_obs 
_refine_ls_shell.pdbx_refine_id 
2.9031 3.6574  2 99.0000 2251 . 0.2215 0.2531 . 115 . 2366 . . 'X-RAY DIFFRACTION' 
3.6574 46.6137 2 98.0000 2357 . 0.2286 0.2517 . 110 . 2467 . . 'X-RAY DIFFRACTION' 
# 
_struct.entry_id                  4HWU 
_struct.title                     
'Crystal structure of the Ig-C2 type 1 domain from mouse Fibroblast growth factor receptor 2 (FGFR2) [NYSGRC-005912]' 
_struct.pdbx_model_details        ? 
_struct.pdbx_CASP_flag            ? 
_struct.pdbx_model_type_details   ? 
# 
_struct_keywords.entry_id        4HWU 
_struct_keywords.text            
;FGFR2, KGFR, CD332, Ig-C2 type 1 domain, Ig superfamily, IMMUNE SYSTEM, Structural genomics, PSI-Biology, New York Structural Genomics Research Consortium, NYSGRC, Atoms-to-Animals: The Immune Function Network, IFN
;
_struct_keywords.pdbx_keywords   'IMMUNE SYSTEM' 
# 
loop_
_struct_asym.id 
_struct_asym.pdbx_blank_PDB_chainid_flag 
_struct_asym.pdbx_modified 
_struct_asym.entity_id 
_struct_asym.details 
A N N 1 ? 
B N N 1 ? 
C N N 2 ? 
D N N 2 ? 
# 
_struct_ref.id                         1 
_struct_ref.db_name                    UNP 
_struct_ref.db_code                    FGFR2_MOUSE 
_struct_ref.pdbx_db_accession          P21803 
_struct_ref.entity_id                  1 
_struct_ref.pdbx_seq_one_letter_code   
;SQPEAYVVAPGESLELQCMLKDAAVISWTKDGVHLGPNNRTVLIGEYLQIKGATPRDSGLYACTAARTVDSETWIFMVNV
TDA
;
_struct_ref.pdbx_align_begin           45 
_struct_ref.pdbx_db_isoform            ? 
# 
loop_
_struct_ref_seq.align_id 
_struct_ref_seq.ref_id 
_struct_ref_seq.pdbx_PDB_id_code 
_struct_ref_seq.pdbx_strand_id 
_struct_ref_seq.seq_align_beg 
_struct_ref_seq.pdbx_seq_align_beg_ins_code 
_struct_ref_seq.seq_align_end 
_struct_ref_seq.pdbx_seq_align_end_ins_code 
_struct_ref_seq.pdbx_db_accession 
_struct_ref_seq.db_align_beg 
_struct_ref_seq.pdbx_db_align_beg_ins_code 
_struct_ref_seq.db_align_end 
_struct_ref_seq.pdbx_db_align_end_ins_code 
_struct_ref_seq.pdbx_auth_seq_align_beg 
_struct_ref_seq.pdbx_auth_seq_align_end 
1 1 4HWU A 6 ? 88 ? P21803 45 ? 127 ? 45 127 
2 1 4HWU B 6 ? 88 ? P21803 45 ? 127 ? 45 127 
# 
loop_
_struct_ref_seq_dif.align_id 
_struct_ref_seq_dif.pdbx_pdb_id_code 
_struct_ref_seq_dif.mon_id 
_struct_ref_seq_dif.pdbx_pdb_strand_id 
_struct_ref_seq_dif.seq_num 
_struct_ref_seq_dif.pdbx_pdb_ins_code 
_struct_ref_seq_dif.pdbx_seq_db_name 
_struct_ref_seq_dif.pdbx_seq_db_accession_code 
_struct_ref_seq_dif.db_mon_id 
_struct_ref_seq_dif.pdbx_seq_db_seq_num 
_struct_ref_seq_dif.details 
_struct_ref_seq_dif.pdbx_auth_seq_num 
_struct_ref_seq_dif.pdbx_ordinal 
1 4HWU GLN A 1  ? UNP P21803 ? ? 'expression tag' 40  1  
1 4HWU ASP A 2  ? UNP P21803 ? ? 'expression tag' 41  2  
1 4HWU TYR A 3  ? UNP P21803 ? ? 'expression tag' 42  3  
1 4HWU GLY A 4  ? UNP P21803 ? ? 'expression tag' 43  4  
1 4HWU GLY A 5  ? UNP P21803 ? ? 'expression tag' 44  5  
1 4HWU ALA A 89 ? UNP P21803 ? ? 'expression tag' 128 6  
1 4HWU GLU A 90 ? UNP P21803 ? ? 'expression tag' 129 7  
1 4HWU ASN A 91 ? UNP P21803 ? ? 'expression tag' 130 8  
1 4HWU LEU A 92 ? UNP P21803 ? ? 'expression tag' 131 9  
1 4HWU TYR A 93 ? UNP P21803 ? ? 'expression tag' 132 10 
1 4HWU PHE A 94 ? UNP P21803 ? ? 'expression tag' 133 11 
1 4HWU GLN A 95 ? UNP P21803 ? ? 'expression tag' 134 12 
2 4HWU GLN B 1  ? UNP P21803 ? ? 'expression tag' 40  13 
2 4HWU ASP B 2  ? UNP P21803 ? ? 'expression tag' 41  14 
2 4HWU TYR B 3  ? UNP P21803 ? ? 'expression tag' 42  15 
2 4HWU GLY B 4  ? UNP P21803 ? ? 'expression tag' 43  16 
2 4HWU GLY B 5  ? UNP P21803 ? ? 'expression tag' 44  17 
2 4HWU ALA B 89 ? UNP P21803 ? ? 'expression tag' 128 18 
2 4HWU GLU B 90 ? UNP P21803 ? ? 'expression tag' 129 19 
2 4HWU ASN B 91 ? UNP P21803 ? ? 'expression tag' 130 20 
2 4HWU LEU B 92 ? UNP P21803 ? ? 'expression tag' 131 21 
2 4HWU TYR B 93 ? UNP P21803 ? ? 'expression tag' 132 22 
2 4HWU PHE B 94 ? UNP P21803 ? ? 'expression tag' 133 23 
2 4HWU GLN B 95 ? UNP P21803 ? ? 'expression tag' 134 24 
# 
_pdbx_struct_assembly.id                   1 
_pdbx_struct_assembly.details              author_and_software_defined_assembly 
_pdbx_struct_assembly.method_details       PISA 
_pdbx_struct_assembly.oligomeric_details   dimeric 
_pdbx_struct_assembly.oligomeric_count     2 
# 
loop_
_pdbx_struct_assembly_prop.biol_id 
_pdbx_struct_assembly_prop.type 
_pdbx_struct_assembly_prop.value 
_pdbx_struct_assembly_prop.details 
1 'ABSA (A^2)' 1080 ? 
1 MORE         -10  ? 
1 'SSA (A^2)'  8830 ? 
# 
_pdbx_struct_assembly_gen.assembly_id       1 
_pdbx_struct_assembly_gen.oper_expression   1 
_pdbx_struct_assembly_gen.asym_id_list      A,B,C,D 
# 
_pdbx_struct_oper_list.id                   1 
_pdbx_struct_oper_list.type                 'identity operation' 
_pdbx_struct_oper_list.name                 1_555 
_pdbx_struct_oper_list.symmetry_operation   x,y,z 
_pdbx_struct_oper_list.matrix[1][1]         1.0000000000 
_pdbx_struct_oper_list.matrix[1][2]         0.0000000000 
_pdbx_struct_oper_list.matrix[1][3]         0.0000000000 
_pdbx_struct_oper_list.vector[1]            0.0000000000 
_pdbx_struct_oper_list.matrix[2][1]         0.0000000000 
_pdbx_struct_oper_list.matrix[2][2]         1.0000000000 
_pdbx_struct_oper_list.matrix[2][3]         0.0000000000 
_pdbx_struct_oper_list.vector[2]            0.0000000000 
_pdbx_struct_oper_list.matrix[3][1]         0.0000000000 
_pdbx_struct_oper_list.matrix[3][2]         0.0000000000 
_pdbx_struct_oper_list.matrix[3][3]         1.0000000000 
_pdbx_struct_oper_list.vector[3]            0.0000000000 
# 
_struct_biol.id        1 
_struct_biol.details   'The biological assembly is a dimer' 
# 
loop_
_struct_conf.conf_type_id 
_struct_conf.id 
_struct_conf.pdbx_PDB_helix_id 
_struct_conf.beg_label_comp_id 
_struct_conf.beg_label_asym_id 
_struct_conf.beg_label_seq_id 
_struct_conf.pdbx_beg_PDB_ins_code 
_struct_conf.end_label_comp_id 
_struct_conf.end_label_asym_id 
_struct_conf.end_label_seq_id 
_struct_conf.pdbx_end_PDB_ins_code 
_struct_conf.beg_auth_comp_id 
_struct_conf.beg_auth_asym_id 
_struct_conf.beg_auth_seq_id 
_struct_conf.end_auth_comp_id 
_struct_conf.end_auth_asym_id 
_struct_conf.end_auth_seq_id 
_struct_conf.pdbx_PDB_helix_class 
_struct_conf.details 
_struct_conf.pdbx_PDB_helix_length 
HELX_P HELX_P1 1 THR A 59 ? SER A 63 ? THR A 98 SER A 102 5 ? 5 
HELX_P HELX_P2 2 THR B 59 ? SER B 63 ? THR B 98 SER B 102 5 ? 5 
# 
_struct_conf_type.id          HELX_P 
_struct_conf_type.criteria    ? 
_struct_conf_type.reference   ? 
# 
loop_
_struct_conn.id 
_struct_conn.conn_type_id 
_struct_conn.pdbx_leaving_atom_flag 
_struct_conn.pdbx_PDB_id 
_struct_conn.ptnr1_label_asym_id 
_struct_conn.ptnr1_label_comp_id 
_struct_conn.ptnr1_label_seq_id 
_struct_conn.ptnr1_label_atom_id 
_struct_conn.pdbx_ptnr1_label_alt_id 
_struct_conn.pdbx_ptnr1_PDB_ins_code 
_struct_conn.pdbx_ptnr1_standard_comp_id 
_struct_conn.ptnr1_symmetry 
_struct_conn.ptnr2_label_asym_id 
_struct_conn.ptnr2_label_comp_id 
_struct_conn.ptnr2_label_seq_id 
_struct_conn.ptnr2_label_atom_id 
_struct_conn.pdbx_ptnr2_label_alt_id 
_struct_conn.pdbx_ptnr2_PDB_ins_code 
_struct_conn.ptnr1_auth_asym_id 
_struct_conn.ptnr1_auth_comp_id 
_struct_conn.ptnr1_auth_seq_id 
_struct_conn.ptnr2_auth_asym_id 
_struct_conn.ptnr2_auth_comp_id 
_struct_conn.ptnr2_auth_seq_id 
_struct_conn.ptnr2_symmetry 
_struct_conn.pdbx_ptnr3_label_atom_id 
_struct_conn.pdbx_ptnr3_label_seq_id 
_struct_conn.pdbx_ptnr3_label_comp_id 
_struct_conn.pdbx_ptnr3_label_asym_id 
_struct_conn.pdbx_ptnr3_label_alt_id 
_struct_conn.pdbx_ptnr3_PDB_ins_code 
_struct_conn.details 
_struct_conn.pdbx_dist_value 
_struct_conn.pdbx_value_order 
_struct_conn.pdbx_role 
disulf1 disulf ? ? A CYS 23 SG ? ? ? 1_555 A CYS 68 SG ? ? A CYS 62 A CYS 107 1_555 ? ? ? ? ? ? ? 2.050 ? ? 
disulf2 disulf ? ? B CYS 23 SG ? ? ? 1_555 B CYS 68 SG ? ? B CYS 62 B CYS 107 1_555 ? ? ? ? ? ? ? 2.025 ? ? 
# 
_struct_conn_type.id          disulf 
_struct_conn_type.criteria    ? 
_struct_conn_type.reference   ? 
# 
loop_
_pdbx_modification_feature.ordinal 
_pdbx_modification_feature.label_comp_id 
_pdbx_modification_feature.label_asym_id 
_pdbx_modification_feature.label_seq_id 
_pdbx_modification_feature.label_alt_id 
_pdbx_modification_feature.modified_residue_label_comp_id 
_pdbx_modification_feature.modified_residue_label_asym_id 
_pdbx_modification_feature.modified_residue_label_seq_id 
_pdbx_modification_feature.modified_residue_label_alt_id 
_pdbx_modification_feature.auth_comp_id 
_pdbx_modification_feature.auth_asym_id 
_pdbx_modification_feature.auth_seq_id 
_pdbx_modification_feature.PDB_ins_code 
_pdbx_modification_feature.symmetry 
_pdbx_modification_feature.modified_residue_auth_comp_id 
_pdbx_modification_feature.modified_residue_auth_asym_id 
_pdbx_modification_feature.modified_residue_auth_seq_id 
_pdbx_modification_feature.modified_residue_PDB_ins_code 
_pdbx_modification_feature.modified_residue_symmetry 
_pdbx_modification_feature.comp_id_linking_atom 
_pdbx_modification_feature.modified_residue_id_linking_atom 
_pdbx_modification_feature.modified_residue_id 
_pdbx_modification_feature.ref_pcm_id 
_pdbx_modification_feature.ref_comp_id 
_pdbx_modification_feature.type 
_pdbx_modification_feature.category 
1 CYS A 23 ? CYS A 68 ? CYS A 62 ? 1_555 CYS A 107 ? 1_555 SG SG . . . None 'Disulfide bridge' 
2 CYS B 23 ? CYS B 68 ? CYS B 62 ? 1_555 CYS B 107 ? 1_555 SG SG . . . None 'Disulfide bridge' 
# 
loop_
_struct_sheet.id 
_struct_sheet.type 
_struct_sheet.number_strands 
_struct_sheet.details 
A ? 5 ? 
B ? 3 ? 
C ? 5 ? 
D ? 3 ? 
# 
loop_
_struct_sheet_order.sheet_id 
_struct_sheet_order.range_id_1 
_struct_sheet_order.range_id_2 
_struct_sheet_order.offset 
_struct_sheet_order.sense 
A 1 2 ? parallel      
A 2 3 ? anti-parallel 
A 3 4 ? anti-parallel 
A 4 5 ? anti-parallel 
B 1 2 ? anti-parallel 
B 2 3 ? anti-parallel 
C 1 2 ? parallel      
C 2 3 ? anti-parallel 
C 3 4 ? anti-parallel 
C 4 5 ? anti-parallel 
D 1 2 ? anti-parallel 
D 2 3 ? anti-parallel 
# 
loop_
_struct_sheet_range.sheet_id 
_struct_sheet_range.id 
_struct_sheet_range.beg_label_comp_id 
_struct_sheet_range.beg_label_asym_id 
_struct_sheet_range.beg_label_seq_id 
_struct_sheet_range.pdbx_beg_PDB_ins_code 
_struct_sheet_range.end_label_comp_id 
_struct_sheet_range.end_label_asym_id 
_struct_sheet_range.end_label_seq_id 
_struct_sheet_range.pdbx_end_PDB_ins_code 
_struct_sheet_range.beg_auth_comp_id 
_struct_sheet_range.beg_auth_asym_id 
_struct_sheet_range.beg_auth_seq_id 
_struct_sheet_range.end_auth_comp_id 
_struct_sheet_range.end_auth_asym_id 
_struct_sheet_range.end_auth_seq_id 
A 1 GLU A 9  ? VAL A 13 ? GLU A 48  VAL A 52  
A 2 SER A 76 ? VAL A 85 ? SER A 115 VAL A 124 
A 3 GLY A 64 ? ALA A 71 ? GLY A 103 ALA A 110 
A 4 VAL A 30 ? LYS A 35 ? VAL A 69  LYS A 74  
A 5 VAL A 38 ? LEU A 40 ? VAL A 77  LEU A 79  
B 1 LEU A 19 ? GLN A 22 ? LEU A 58  GLN A 61  
B 2 TYR A 52 ? ILE A 55 ? TYR A 91  ILE A 94  
B 3 THR A 46 ? ILE A 49 ? THR A 85  ILE A 88  
C 1 GLU B 9  ? VAL B 13 ? GLU B 48  VAL B 52  
C 2 THR B 78 ? VAL B 85 ? THR B 117 VAL B 124 
C 3 GLY B 64 ? THR B 69 ? GLY B 103 THR B 108 
C 4 SER B 32 ? LYS B 35 ? SER B 71  LYS B 74  
C 5 VAL B 38 ? HIS B 39 ? VAL B 77  HIS B 78  
D 1 SER B 18 ? GLN B 22 ? SER B 57  GLN B 61  
D 2 TYR B 52 ? LYS B 56 ? TYR B 91  LYS B 95  
D 3 THR B 46 ? ILE B 49 ? THR B 85  ILE B 88  
# 
loop_
_pdbx_struct_sheet_hbond.sheet_id 
_pdbx_struct_sheet_hbond.range_id_1 
_pdbx_struct_sheet_hbond.range_id_2 
_pdbx_struct_sheet_hbond.range_1_label_atom_id 
_pdbx_struct_sheet_hbond.range_1_label_comp_id 
_pdbx_struct_sheet_hbond.range_1_label_asym_id 
_pdbx_struct_sheet_hbond.range_1_label_seq_id 
_pdbx_struct_sheet_hbond.range_1_PDB_ins_code 
_pdbx_struct_sheet_hbond.range_1_auth_atom_id 
_pdbx_struct_sheet_hbond.range_1_auth_comp_id 
_pdbx_struct_sheet_hbond.range_1_auth_asym_id 
_pdbx_struct_sheet_hbond.range_1_auth_seq_id 
_pdbx_struct_sheet_hbond.range_2_label_atom_id 
_pdbx_struct_sheet_hbond.range_2_label_comp_id 
_pdbx_struct_sheet_hbond.range_2_label_asym_id 
_pdbx_struct_sheet_hbond.range_2_label_seq_id 
_pdbx_struct_sheet_hbond.range_2_PDB_ins_code 
_pdbx_struct_sheet_hbond.range_2_auth_atom_id 
_pdbx_struct_sheet_hbond.range_2_auth_comp_id 
_pdbx_struct_sheet_hbond.range_2_auth_asym_id 
_pdbx_struct_sheet_hbond.range_2_auth_seq_id 
A 1 2 N TYR A 11 ? N TYR A 50  O ASN A 84 ? O ASN A 123 
A 2 3 O PHE A 81 ? O PHE A 120 N TYR A 66 ? N TYR A 105 
A 3 4 O ALA A 67 ? O ALA A 106 N THR A 34 ? N THR A 73  
A 4 5 N LYS A 35 ? N LYS A 74  O VAL A 38 ? O VAL A 77  
B 1 2 N LEU A 19 ? N LEU A 58  O ILE A 55 ? O ILE A 94  
B 2 3 O GLN A 54 ? O GLN A 93  N VAL A 47 ? N VAL A 86  
C 1 2 N GLU B 9  ? N GLU B 48  O MET B 82 ? O MET B 121 
C 2 3 O TRP B 79 ? O TRP B 118 N CYS B 68 ? N CYS B 107 
C 3 4 O ALA B 67 ? O ALA B 106 N THR B 34 ? N THR B 73  
C 4 5 N LYS B 35 ? N LYS B 74  O VAL B 38 ? O VAL B 77  
D 1 2 N LEU B 21 ? N LEU B 60  O LEU B 53 ? O LEU B 92  
D 2 3 O GLN B 54 ? O GLN B 93  N VAL B 47 ? N VAL B 86  
# 
_pdbx_entry_details.entry_id                   4HWU 
_pdbx_entry_details.compound_details           ? 
_pdbx_entry_details.source_details             ? 
_pdbx_entry_details.nonpolymer_details         ? 
_pdbx_entry_details.sequence_details           ? 
_pdbx_entry_details.has_ligand_of_interest     ? 
_pdbx_entry_details.has_protein_modification   Y 
# 
loop_
_pdbx_validate_torsion.id 
_pdbx_validate_torsion.PDB_model_num 
_pdbx_validate_torsion.auth_comp_id 
_pdbx_validate_torsion.auth_asym_id 
_pdbx_validate_torsion.auth_seq_id 
_pdbx_validate_torsion.PDB_ins_code 
_pdbx_validate_torsion.label_alt_id 
_pdbx_validate_torsion.phi 
_pdbx_validate_torsion.psi 
1 1 CYS A 62  ? ? -77.77  -143.51 
2 1 ASN A 82  ? ? -148.18 -159.36 
3 1 SER A 115 ? ? -159.61 88.67   
# 
loop_
_pdbx_SG_project.id 
_pdbx_SG_project.project_name 
_pdbx_SG_project.full_name_of_center 
_pdbx_SG_project.initial_of_center 
1 PSI:Biology 'New York Structural Genomics Research Consortium' NYSGRC 
2 PSI:Biology 'Atoms-to-Animals: The Immune Function Network'    IFN    
# 
loop_
_pdbx_unobs_or_zero_occ_residues.id 
_pdbx_unobs_or_zero_occ_residues.PDB_model_num 
_pdbx_unobs_or_zero_occ_residues.polymer_flag 
_pdbx_unobs_or_zero_occ_residues.occupancy_flag 
_pdbx_unobs_or_zero_occ_residues.auth_asym_id 
_pdbx_unobs_or_zero_occ_residues.auth_comp_id 
_pdbx_unobs_or_zero_occ_residues.auth_seq_id 
_pdbx_unobs_or_zero_occ_residues.PDB_ins_code 
_pdbx_unobs_or_zero_occ_residues.label_asym_id 
_pdbx_unobs_or_zero_occ_residues.label_comp_id 
_pdbx_unobs_or_zero_occ_residues.label_seq_id 
1  1 Y 1 A GLN 40  ? A GLN 1  
2  1 Y 1 A ASP 41  ? A ASP 2  
3  1 Y 1 A TYR 42  ? A TYR 3  
4  1 Y 1 A GLY 43  ? A GLY 4  
5  1 Y 1 A GLY 44  ? A GLY 5  
6  1 Y 1 A SER 45  ? A SER 6  
7  1 Y 1 A GLN 46  ? A GLN 7  
8  1 Y 1 A ALA 128 ? A ALA 89 
9  1 Y 1 A GLU 129 ? A GLU 90 
10 1 Y 1 A ASN 130 ? A ASN 91 
11 1 Y 1 A LEU 131 ? A LEU 92 
12 1 Y 1 A TYR 132 ? A TYR 93 
13 1 Y 1 A PHE 133 ? A PHE 94 
14 1 Y 1 A GLN 134 ? A GLN 95 
15 1 Y 1 B GLN 40  ? B GLN 1  
16 1 Y 1 B ASP 41  ? B ASP 2  
17 1 Y 1 B TYR 42  ? B TYR 3  
18 1 Y 1 B GLY 43  ? B GLY 4  
19 1 Y 1 B GLY 44  ? B GLY 5  
20 1 Y 1 B SER 45  ? B SER 6  
21 1 Y 1 B GLN 46  ? B GLN 7  
22 1 Y 1 B LYS 65  ? B LYS 26 
23 1 Y 1 B ASP 66  ? B ASP 27 
24 1 Y 1 B ALA 67  ? B ALA 28 
25 1 Y 1 B ALA 110 ? B ALA 71 
26 1 Y 1 B ARG 111 ? B ARG 72 
27 1 Y 1 B THR 112 ? B THR 73 
28 1 Y 1 B VAL 113 ? B VAL 74 
29 1 Y 1 B ASP 114 ? B ASP 75 
30 1 Y 1 B ALA 128 ? B ALA 89 
31 1 Y 1 B GLU 129 ? B GLU 90 
32 1 Y 1 B ASN 130 ? B ASN 91 
33 1 Y 1 B LEU 131 ? B LEU 92 
34 1 Y 1 B TYR 132 ? B TYR 93 
35 1 Y 1 B PHE 133 ? B PHE 94 
36 1 Y 1 B GLN 134 ? B GLN 95 
# 
loop_
_chem_comp_atom.comp_id 
_chem_comp_atom.atom_id 
_chem_comp_atom.type_symbol 
_chem_comp_atom.pdbx_aromatic_flag 
_chem_comp_atom.pdbx_stereo_config 
_chem_comp_atom.pdbx_ordinal 
ALA N    N N N 1   
ALA CA   C N S 2   
ALA C    C N N 3   
ALA O    O N N 4   
ALA CB   C N N 5   
ALA OXT  O N N 6   
ALA H    H N N 7   
ALA H2   H N N 8   
ALA HA   H N N 9   
ALA HB1  H N N 10  
ALA HB2  H N N 11  
ALA HB3  H N N 12  
ALA HXT  H N N 13  
ARG N    N N N 14  
ARG CA   C N S 15  
ARG C    C N N 16  
ARG O    O N N 17  
ARG CB   C N N 18  
ARG CG   C N N 19  
ARG CD   C N N 20  
ARG NE   N N N 21  
ARG CZ   C N N 22  
ARG NH1  N N N 23  
ARG NH2  N N N 24  
ARG OXT  O N N 25  
ARG H    H N N 26  
ARG H2   H N N 27  
ARG HA   H N N 28  
ARG HB2  H N N 29  
ARG HB3  H N N 30  
ARG HG2  H N N 31  
ARG HG3  H N N 32  
ARG HD2  H N N 33  
ARG HD3  H N N 34  
ARG HE   H N N 35  
ARG HH11 H N N 36  
ARG HH12 H N N 37  
ARG HH21 H N N 38  
ARG HH22 H N N 39  
ARG HXT  H N N 40  
ASN N    N N N 41  
ASN CA   C N S 42  
ASN C    C N N 43  
ASN O    O N N 44  
ASN CB   C N N 45  
ASN CG   C N N 46  
ASN OD1  O N N 47  
ASN ND2  N N N 48  
ASN OXT  O N N 49  
ASN H    H N N 50  
ASN H2   H N N 51  
ASN HA   H N N 52  
ASN HB2  H N N 53  
ASN HB3  H N N 54  
ASN HD21 H N N 55  
ASN HD22 H N N 56  
ASN HXT  H N N 57  
ASP N    N N N 58  
ASP CA   C N S 59  
ASP C    C N N 60  
ASP O    O N N 61  
ASP CB   C N N 62  
ASP CG   C N N 63  
ASP OD1  O N N 64  
ASP OD2  O N N 65  
ASP OXT  O N N 66  
ASP H    H N N 67  
ASP H2   H N N 68  
ASP HA   H N N 69  
ASP HB2  H N N 70  
ASP HB3  H N N 71  
ASP HD2  H N N 72  
ASP HXT  H N N 73  
CYS N    N N N 74  
CYS CA   C N R 75  
CYS C    C N N 76  
CYS O    O N N 77  
CYS CB   C N N 78  
CYS SG   S N N 79  
CYS OXT  O N N 80  
CYS H    H N N 81  
CYS H2   H N N 82  
CYS HA   H N N 83  
CYS HB2  H N N 84  
CYS HB3  H N N 85  
CYS HG   H N N 86  
CYS HXT  H N N 87  
GLN N    N N N 88  
GLN CA   C N S 89  
GLN C    C N N 90  
GLN O    O N N 91  
GLN CB   C N N 92  
GLN CG   C N N 93  
GLN CD   C N N 94  
GLN OE1  O N N 95  
GLN NE2  N N N 96  
GLN OXT  O N N 97  
GLN H    H N N 98  
GLN H2   H N N 99  
GLN HA   H N N 100 
GLN HB2  H N N 101 
GLN HB3  H N N 102 
GLN HG2  H N N 103 
GLN HG3  H N N 104 
GLN HE21 H N N 105 
GLN HE22 H N N 106 
GLN HXT  H N N 107 
GLU N    N N N 108 
GLU CA   C N S 109 
GLU C    C N N 110 
GLU O    O N N 111 
GLU CB   C N N 112 
GLU CG   C N N 113 
GLU CD   C N N 114 
GLU OE1  O N N 115 
GLU OE2  O N N 116 
GLU OXT  O N N 117 
GLU H    H N N 118 
GLU H2   H N N 119 
GLU HA   H N N 120 
GLU HB2  H N N 121 
GLU HB3  H N N 122 
GLU HG2  H N N 123 
GLU HG3  H N N 124 
GLU HE2  H N N 125 
GLU HXT  H N N 126 
GLY N    N N N 127 
GLY CA   C N N 128 
GLY C    C N N 129 
GLY O    O N N 130 
GLY OXT  O N N 131 
GLY H    H N N 132 
GLY H2   H N N 133 
GLY HA2  H N N 134 
GLY HA3  H N N 135 
GLY HXT  H N N 136 
HIS N    N N N 137 
HIS CA   C N S 138 
HIS C    C N N 139 
HIS O    O N N 140 
HIS CB   C N N 141 
HIS CG   C Y N 142 
HIS ND1  N Y N 143 
HIS CD2  C Y N 144 
HIS CE1  C Y N 145 
HIS NE2  N Y N 146 
HIS OXT  O N N 147 
HIS H    H N N 148 
HIS H2   H N N 149 
HIS HA   H N N 150 
HIS HB2  H N N 151 
HIS HB3  H N N 152 
HIS HD1  H N N 153 
HIS HD2  H N N 154 
HIS HE1  H N N 155 
HIS HE2  H N N 156 
HIS HXT  H N N 157 
HOH O    O N N 158 
HOH H1   H N N 159 
HOH H2   H N N 160 
ILE N    N N N 161 
ILE CA   C N S 162 
ILE C    C N N 163 
ILE O    O N N 164 
ILE CB   C N S 165 
ILE CG1  C N N 166 
ILE CG2  C N N 167 
ILE CD1  C N N 168 
ILE OXT  O N N 169 
ILE H    H N N 170 
ILE H2   H N N 171 
ILE HA   H N N 172 
ILE HB   H N N 173 
ILE HG12 H N N 174 
ILE HG13 H N N 175 
ILE HG21 H N N 176 
ILE HG22 H N N 177 
ILE HG23 H N N 178 
ILE HD11 H N N 179 
ILE HD12 H N N 180 
ILE HD13 H N N 181 
ILE HXT  H N N 182 
LEU N    N N N 183 
LEU CA   C N S 184 
LEU C    C N N 185 
LEU O    O N N 186 
LEU CB   C N N 187 
LEU CG   C N N 188 
LEU CD1  C N N 189 
LEU CD2  C N N 190 
LEU OXT  O N N 191 
LEU H    H N N 192 
LEU H2   H N N 193 
LEU HA   H N N 194 
LEU HB2  H N N 195 
LEU HB3  H N N 196 
LEU HG   H N N 197 
LEU HD11 H N N 198 
LEU HD12 H N N 199 
LEU HD13 H N N 200 
LEU HD21 H N N 201 
LEU HD22 H N N 202 
LEU HD23 H N N 203 
LEU HXT  H N N 204 
LYS N    N N N 205 
LYS CA   C N S 206 
LYS C    C N N 207 
LYS O    O N N 208 
LYS CB   C N N 209 
LYS CG   C N N 210 
LYS CD   C N N 211 
LYS CE   C N N 212 
LYS NZ   N N N 213 
LYS OXT  O N N 214 
LYS H    H N N 215 
LYS H2   H N N 216 
LYS HA   H N N 217 
LYS HB2  H N N 218 
LYS HB3  H N N 219 
LYS HG2  H N N 220 
LYS HG3  H N N 221 
LYS HD2  H N N 222 
LYS HD3  H N N 223 
LYS HE2  H N N 224 
LYS HE3  H N N 225 
LYS HZ1  H N N 226 
LYS HZ2  H N N 227 
LYS HZ3  H N N 228 
LYS HXT  H N N 229 
MET N    N N N 230 
MET CA   C N S 231 
MET C    C N N 232 
MET O    O N N 233 
MET CB   C N N 234 
MET CG   C N N 235 
MET SD   S N N 236 
MET CE   C N N 237 
MET OXT  O N N 238 
MET H    H N N 239 
MET H2   H N N 240 
MET HA   H N N 241 
MET HB2  H N N 242 
MET HB3  H N N 243 
MET HG2  H N N 244 
MET HG3  H N N 245 
MET HE1  H N N 246 
MET HE2  H N N 247 
MET HE3  H N N 248 
MET HXT  H N N 249 
PHE N    N N N 250 
PHE CA   C N S 251 
PHE C    C N N 252 
PHE O    O N N 253 
PHE CB   C N N 254 
PHE CG   C Y N 255 
PHE CD1  C Y N 256 
PHE CD2  C Y N 257 
PHE CE1  C Y N 258 
PHE CE2  C Y N 259 
PHE CZ   C Y N 260 
PHE OXT  O N N 261 
PHE H    H N N 262 
PHE H2   H N N 263 
PHE HA   H N N 264 
PHE HB2  H N N 265 
PHE HB3  H N N 266 
PHE HD1  H N N 267 
PHE HD2  H N N 268 
PHE HE1  H N N 269 
PHE HE2  H N N 270 
PHE HZ   H N N 271 
PHE HXT  H N N 272 
PRO N    N N N 273 
PRO CA   C N S 274 
PRO C    C N N 275 
PRO O    O N N 276 
PRO CB   C N N 277 
PRO CG   C N N 278 
PRO CD   C N N 279 
PRO OXT  O N N 280 
PRO H    H N N 281 
PRO HA   H N N 282 
PRO HB2  H N N 283 
PRO HB3  H N N 284 
PRO HG2  H N N 285 
PRO HG3  H N N 286 
PRO HD2  H N N 287 
PRO HD3  H N N 288 
PRO HXT  H N N 289 
SER N    N N N 290 
SER CA   C N S 291 
SER C    C N N 292 
SER O    O N N 293 
SER CB   C N N 294 
SER OG   O N N 295 
SER OXT  O N N 296 
SER H    H N N 297 
SER H2   H N N 298 
SER HA   H N N 299 
SER HB2  H N N 300 
SER HB3  H N N 301 
SER HG   H N N 302 
SER HXT  H N N 303 
THR N    N N N 304 
THR CA   C N S 305 
THR C    C N N 306 
THR O    O N N 307 
THR CB   C N R 308 
THR OG1  O N N 309 
THR CG2  C N N 310 
THR OXT  O N N 311 
THR H    H N N 312 
THR H2   H N N 313 
THR HA   H N N 314 
THR HB   H N N 315 
THR HG1  H N N 316 
THR HG21 H N N 317 
THR HG22 H N N 318 
THR HG23 H N N 319 
THR HXT  H N N 320 
TRP N    N N N 321 
TRP CA   C N S 322 
TRP C    C N N 323 
TRP O    O N N 324 
TRP CB   C N N 325 
TRP CG   C Y N 326 
TRP CD1  C Y N 327 
TRP CD2  C Y N 328 
TRP NE1  N Y N 329 
TRP CE2  C Y N 330 
TRP CE3  C Y N 331 
TRP CZ2  C Y N 332 
TRP CZ3  C Y N 333 
TRP CH2  C Y N 334 
TRP OXT  O N N 335 
TRP H    H N N 336 
TRP H2   H N N 337 
TRP HA   H N N 338 
TRP HB2  H N N 339 
TRP HB3  H N N 340 
TRP HD1  H N N 341 
TRP HE1  H N N 342 
TRP HE3  H N N 343 
TRP HZ2  H N N 344 
TRP HZ3  H N N 345 
TRP HH2  H N N 346 
TRP HXT  H N N 347 
TYR N    N N N 348 
TYR CA   C N S 349 
TYR C    C N N 350 
TYR O    O N N 351 
TYR CB   C N N 352 
TYR CG   C Y N 353 
TYR CD1  C Y N 354 
TYR CD2  C Y N 355 
TYR CE1  C Y N 356 
TYR CE2  C Y N 357 
TYR CZ   C Y N 358 
TYR OH   O N N 359 
TYR OXT  O N N 360 
TYR H    H N N 361 
TYR H2   H N N 362 
TYR HA   H N N 363 
TYR HB2  H N N 364 
TYR HB3  H N N 365 
TYR HD1  H N N 366 
TYR HD2  H N N 367 
TYR HE1  H N N 368 
TYR HE2  H N N 369 
TYR HH   H N N 370 
TYR HXT  H N N 371 
VAL N    N N N 372 
VAL CA   C N S 373 
VAL C    C N N 374 
VAL O    O N N 375 
VAL CB   C N N 376 
VAL CG1  C N N 377 
VAL CG2  C N N 378 
VAL OXT  O N N 379 
VAL H    H N N 380 
VAL H2   H N N 381 
VAL HA   H N N 382 
VAL HB   H N N 383 
VAL HG11 H N N 384 
VAL HG12 H N N 385 
VAL HG13 H N N 386 
VAL HG21 H N N 387 
VAL HG22 H N N 388 
VAL HG23 H N N 389 
VAL HXT  H N N 390 
# 
loop_
_chem_comp_bond.comp_id 
_chem_comp_bond.atom_id_1 
_chem_comp_bond.atom_id_2 
_chem_comp_bond.value_order 
_chem_comp_bond.pdbx_aromatic_flag 
_chem_comp_bond.pdbx_stereo_config 
_chem_comp_bond.pdbx_ordinal 
ALA N   CA   sing N N 1   
ALA N   H    sing N N 2   
ALA N   H2   sing N N 3   
ALA CA  C    sing N N 4   
ALA CA  CB   sing N N 5   
ALA CA  HA   sing N N 6   
ALA C   O    doub N N 7   
ALA C   OXT  sing N N 8   
ALA CB  HB1  sing N N 9   
ALA CB  HB2  sing N N 10  
ALA CB  HB3  sing N N 11  
ALA OXT HXT  sing N N 12  
ARG N   CA   sing N N 13  
ARG N   H    sing N N 14  
ARG N   H2   sing N N 15  
ARG CA  C    sing N N 16  
ARG CA  CB   sing N N 17  
ARG CA  HA   sing N N 18  
ARG C   O    doub N N 19  
ARG C   OXT  sing N N 20  
ARG CB  CG   sing N N 21  
ARG CB  HB2  sing N N 22  
ARG CB  HB3  sing N N 23  
ARG CG  CD   sing N N 24  
ARG CG  HG2  sing N N 25  
ARG CG  HG3  sing N N 26  
ARG CD  NE   sing N N 27  
ARG CD  HD2  sing N N 28  
ARG CD  HD3  sing N N 29  
ARG NE  CZ   sing N N 30  
ARG NE  HE   sing N N 31  
ARG CZ  NH1  sing N N 32  
ARG CZ  NH2  doub N N 33  
ARG NH1 HH11 sing N N 34  
ARG NH1 HH12 sing N N 35  
ARG NH2 HH21 sing N N 36  
ARG NH2 HH22 sing N N 37  
ARG OXT HXT  sing N N 38  
ASN N   CA   sing N N 39  
ASN N   H    sing N N 40  
ASN N   H2   sing N N 41  
ASN CA  C    sing N N 42  
ASN CA  CB   sing N N 43  
ASN CA  HA   sing N N 44  
ASN C   O    doub N N 45  
ASN C   OXT  sing N N 46  
ASN CB  CG   sing N N 47  
ASN CB  HB2  sing N N 48  
ASN CB  HB3  sing N N 49  
ASN CG  OD1  doub N N 50  
ASN CG  ND2  sing N N 51  
ASN ND2 HD21 sing N N 52  
ASN ND2 HD22 sing N N 53  
ASN OXT HXT  sing N N 54  
ASP N   CA   sing N N 55  
ASP N   H    sing N N 56  
ASP N   H2   sing N N 57  
ASP CA  C    sing N N 58  
ASP CA  CB   sing N N 59  
ASP CA  HA   sing N N 60  
ASP C   O    doub N N 61  
ASP C   OXT  sing N N 62  
ASP CB  CG   sing N N 63  
ASP CB  HB2  sing N N 64  
ASP CB  HB3  sing N N 65  
ASP CG  OD1  doub N N 66  
ASP CG  OD2  sing N N 67  
ASP OD2 HD2  sing N N 68  
ASP OXT HXT  sing N N 69  
CYS N   CA   sing N N 70  
CYS N   H    sing N N 71  
CYS N   H2   sing N N 72  
CYS CA  C    sing N N 73  
CYS CA  CB   sing N N 74  
CYS CA  HA   sing N N 75  
CYS C   O    doub N N 76  
CYS C   OXT  sing N N 77  
CYS CB  SG   sing N N 78  
CYS CB  HB2  sing N N 79  
CYS CB  HB3  sing N N 80  
CYS SG  HG   sing N N 81  
CYS OXT HXT  sing N N 82  
GLN N   CA   sing N N 83  
GLN N   H    sing N N 84  
GLN N   H2   sing N N 85  
GLN CA  C    sing N N 86  
GLN CA  CB   sing N N 87  
GLN CA  HA   sing N N 88  
GLN C   O    doub N N 89  
GLN C   OXT  sing N N 90  
GLN CB  CG   sing N N 91  
GLN CB  HB2  sing N N 92  
GLN CB  HB3  sing N N 93  
GLN CG  CD   sing N N 94  
GLN CG  HG2  sing N N 95  
GLN CG  HG3  sing N N 96  
GLN CD  OE1  doub N N 97  
GLN CD  NE2  sing N N 98  
GLN NE2 HE21 sing N N 99  
GLN NE2 HE22 sing N N 100 
GLN OXT HXT  sing N N 101 
GLU N   CA   sing N N 102 
GLU N   H    sing N N 103 
GLU N   H2   sing N N 104 
GLU CA  C    sing N N 105 
GLU CA  CB   sing N N 106 
GLU CA  HA   sing N N 107 
GLU C   O    doub N N 108 
GLU C   OXT  sing N N 109 
GLU CB  CG   sing N N 110 
GLU CB  HB2  sing N N 111 
GLU CB  HB3  sing N N 112 
GLU CG  CD   sing N N 113 
GLU CG  HG2  sing N N 114 
GLU CG  HG3  sing N N 115 
GLU CD  OE1  doub N N 116 
GLU CD  OE2  sing N N 117 
GLU OE2 HE2  sing N N 118 
GLU OXT HXT  sing N N 119 
GLY N   CA   sing N N 120 
GLY N   H    sing N N 121 
GLY N   H2   sing N N 122 
GLY CA  C    sing N N 123 
GLY CA  HA2  sing N N 124 
GLY CA  HA3  sing N N 125 
GLY C   O    doub N N 126 
GLY C   OXT  sing N N 127 
GLY OXT HXT  sing N N 128 
HIS N   CA   sing N N 129 
HIS N   H    sing N N 130 
HIS N   H2   sing N N 131 
HIS CA  C    sing N N 132 
HIS CA  CB   sing N N 133 
HIS CA  HA   sing N N 134 
HIS C   O    doub N N 135 
HIS C   OXT  sing N N 136 
HIS CB  CG   sing N N 137 
HIS CB  HB2  sing N N 138 
HIS CB  HB3  sing N N 139 
HIS CG  ND1  sing Y N 140 
HIS CG  CD2  doub Y N 141 
HIS ND1 CE1  doub Y N 142 
HIS ND1 HD1  sing N N 143 
HIS CD2 NE2  sing Y N 144 
HIS CD2 HD2  sing N N 145 
HIS CE1 NE2  sing Y N 146 
HIS CE1 HE1  sing N N 147 
HIS NE2 HE2  sing N N 148 
HIS OXT HXT  sing N N 149 
HOH O   H1   sing N N 150 
HOH O   H2   sing N N 151 
ILE N   CA   sing N N 152 
ILE N   H    sing N N 153 
ILE N   H2   sing N N 154 
ILE CA  C    sing N N 155 
ILE CA  CB   sing N N 156 
ILE CA  HA   sing N N 157 
ILE C   O    doub N N 158 
ILE C   OXT  sing N N 159 
ILE CB  CG1  sing N N 160 
ILE CB  CG2  sing N N 161 
ILE CB  HB   sing N N 162 
ILE CG1 CD1  sing N N 163 
ILE CG1 HG12 sing N N 164 
ILE CG1 HG13 sing N N 165 
ILE CG2 HG21 sing N N 166 
ILE CG2 HG22 sing N N 167 
ILE CG2 HG23 sing N N 168 
ILE CD1 HD11 sing N N 169 
ILE CD1 HD12 sing N N 170 
ILE CD1 HD13 sing N N 171 
ILE OXT HXT  sing N N 172 
LEU N   CA   sing N N 173 
LEU N   H    sing N N 174 
LEU N   H2   sing N N 175 
LEU CA  C    sing N N 176 
LEU CA  CB   sing N N 177 
LEU CA  HA   sing N N 178 
LEU C   O    doub N N 179 
LEU C   OXT  sing N N 180 
LEU CB  CG   sing N N 181 
LEU CB  HB2  sing N N 182 
LEU CB  HB3  sing N N 183 
LEU CG  CD1  sing N N 184 
LEU CG  CD2  sing N N 185 
LEU CG  HG   sing N N 186 
LEU CD1 HD11 sing N N 187 
LEU CD1 HD12 sing N N 188 
LEU CD1 HD13 sing N N 189 
LEU CD2 HD21 sing N N 190 
LEU CD2 HD22 sing N N 191 
LEU CD2 HD23 sing N N 192 
LEU OXT HXT  sing N N 193 
LYS N   CA   sing N N 194 
LYS N   H    sing N N 195 
LYS N   H2   sing N N 196 
LYS CA  C    sing N N 197 
LYS CA  CB   sing N N 198 
LYS CA  HA   sing N N 199 
LYS C   O    doub N N 200 
LYS C   OXT  sing N N 201 
LYS CB  CG   sing N N 202 
LYS CB  HB2  sing N N 203 
LYS CB  HB3  sing N N 204 
LYS CG  CD   sing N N 205 
LYS CG  HG2  sing N N 206 
LYS CG  HG3  sing N N 207 
LYS CD  CE   sing N N 208 
LYS CD  HD2  sing N N 209 
LYS CD  HD3  sing N N 210 
LYS CE  NZ   sing N N 211 
LYS CE  HE2  sing N N 212 
LYS CE  HE3  sing N N 213 
LYS NZ  HZ1  sing N N 214 
LYS NZ  HZ2  sing N N 215 
LYS NZ  HZ3  sing N N 216 
LYS OXT HXT  sing N N 217 
MET N   CA   sing N N 218 
MET N   H    sing N N 219 
MET N   H2   sing N N 220 
MET CA  C    sing N N 221 
MET CA  CB   sing N N 222 
MET CA  HA   sing N N 223 
MET C   O    doub N N 224 
MET C   OXT  sing N N 225 
MET CB  CG   sing N N 226 
MET CB  HB2  sing N N 227 
MET CB  HB3  sing N N 228 
MET CG  SD   sing N N 229 
MET CG  HG2  sing N N 230 
MET CG  HG3  sing N N 231 
MET SD  CE   sing N N 232 
MET CE  HE1  sing N N 233 
MET CE  HE2  sing N N 234 
MET CE  HE3  sing N N 235 
MET OXT HXT  sing N N 236 
PHE N   CA   sing N N 237 
PHE N   H    sing N N 238 
PHE N   H2   sing N N 239 
PHE CA  C    sing N N 240 
PHE CA  CB   sing N N 241 
PHE CA  HA   sing N N 242 
PHE C   O    doub N N 243 
PHE C   OXT  sing N N 244 
PHE CB  CG   sing N N 245 
PHE CB  HB2  sing N N 246 
PHE CB  HB3  sing N N 247 
PHE CG  CD1  doub Y N 248 
PHE CG  CD2  sing Y N 249 
PHE CD1 CE1  sing Y N 250 
PHE CD1 HD1  sing N N 251 
PHE CD2 CE2  doub Y N 252 
PHE CD2 HD2  sing N N 253 
PHE CE1 CZ   doub Y N 254 
PHE CE1 HE1  sing N N 255 
PHE CE2 CZ   sing Y N 256 
PHE CE2 HE2  sing N N 257 
PHE CZ  HZ   sing N N 258 
PHE OXT HXT  sing N N 259 
PRO N   CA   sing N N 260 
PRO N   CD   sing N N 261 
PRO N   H    sing N N 262 
PRO CA  C    sing N N 263 
PRO CA  CB   sing N N 264 
PRO CA  HA   sing N N 265 
PRO C   O    doub N N 266 
PRO C   OXT  sing N N 267 
PRO CB  CG   sing N N 268 
PRO CB  HB2  sing N N 269 
PRO CB  HB3  sing N N 270 
PRO CG  CD   sing N N 271 
PRO CG  HG2  sing N N 272 
PRO CG  HG3  sing N N 273 
PRO CD  HD2  sing N N 274 
PRO CD  HD3  sing N N 275 
PRO OXT HXT  sing N N 276 
SER N   CA   sing N N 277 
SER N   H    sing N N 278 
SER N   H2   sing N N 279 
SER CA  C    sing N N 280 
SER CA  CB   sing N N 281 
SER CA  HA   sing N N 282 
SER C   O    doub N N 283 
SER C   OXT  sing N N 284 
SER CB  OG   sing N N 285 
SER CB  HB2  sing N N 286 
SER CB  HB3  sing N N 287 
SER OG  HG   sing N N 288 
SER OXT HXT  sing N N 289 
THR N   CA   sing N N 290 
THR N   H    sing N N 291 
THR N   H2   sing N N 292 
THR CA  C    sing N N 293 
THR CA  CB   sing N N 294 
THR CA  HA   sing N N 295 
THR C   O    doub N N 296 
THR C   OXT  sing N N 297 
THR CB  OG1  sing N N 298 
THR CB  CG2  sing N N 299 
THR CB  HB   sing N N 300 
THR OG1 HG1  sing N N 301 
THR CG2 HG21 sing N N 302 
THR CG2 HG22 sing N N 303 
THR CG2 HG23 sing N N 304 
THR OXT HXT  sing N N 305 
TRP N   CA   sing N N 306 
TRP N   H    sing N N 307 
TRP N   H2   sing N N 308 
TRP CA  C    sing N N 309 
TRP CA  CB   sing N N 310 
TRP CA  HA   sing N N 311 
TRP C   O    doub N N 312 
TRP C   OXT  sing N N 313 
TRP CB  CG   sing N N 314 
TRP CB  HB2  sing N N 315 
TRP CB  HB3  sing N N 316 
TRP CG  CD1  doub Y N 317 
TRP CG  CD2  sing Y N 318 
TRP CD1 NE1  sing Y N 319 
TRP CD1 HD1  sing N N 320 
TRP CD2 CE2  doub Y N 321 
TRP CD2 CE3  sing Y N 322 
TRP NE1 CE2  sing Y N 323 
TRP NE1 HE1  sing N N 324 
TRP CE2 CZ2  sing Y N 325 
TRP CE3 CZ3  doub Y N 326 
TRP CE3 HE3  sing N N 327 
TRP CZ2 CH2  doub Y N 328 
TRP CZ2 HZ2  sing N N 329 
TRP CZ3 CH2  sing Y N 330 
TRP CZ3 HZ3  sing N N 331 
TRP CH2 HH2  sing N N 332 
TRP OXT HXT  sing N N 333 
TYR N   CA   sing N N 334 
TYR N   H    sing N N 335 
TYR N   H2   sing N N 336 
TYR CA  C    sing N N 337 
TYR CA  CB   sing N N 338 
TYR CA  HA   sing N N 339 
TYR C   O    doub N N 340 
TYR C   OXT  sing N N 341 
TYR CB  CG   sing N N 342 
TYR CB  HB2  sing N N 343 
TYR CB  HB3  sing N N 344 
TYR CG  CD1  doub Y N 345 
TYR CG  CD2  sing Y N 346 
TYR CD1 CE1  sing Y N 347 
TYR CD1 HD1  sing N N 348 
TYR CD2 CE2  doub Y N 349 
TYR CD2 HD2  sing N N 350 
TYR CE1 CZ   doub Y N 351 
TYR CE1 HE1  sing N N 352 
TYR CE2 CZ   sing Y N 353 
TYR CE2 HE2  sing N N 354 
TYR CZ  OH   sing N N 355 
TYR OH  HH   sing N N 356 
TYR OXT HXT  sing N N 357 
VAL N   CA   sing N N 358 
VAL N   H    sing N N 359 
VAL N   H2   sing N N 360 
VAL CA  C    sing N N 361 
VAL CA  CB   sing N N 362 
VAL CA  HA   sing N N 363 
VAL C   O    doub N N 364 
VAL C   OXT  sing N N 365 
VAL CB  CG1  sing N N 366 
VAL CB  CG2  sing N N 367 
VAL CB  HB   sing N N 368 
VAL CG1 HG11 sing N N 369 
VAL CG1 HG12 sing N N 370 
VAL CG1 HG13 sing N N 371 
VAL CG2 HG21 sing N N 372 
VAL CG2 HG22 sing N N 373 
VAL CG2 HG23 sing N N 374 
VAL OXT HXT  sing N N 375 
# 
_atom_sites.entry_id                    4HWU 
_atom_sites.fract_transf_matrix[1][1]   -0.00769868 
_atom_sites.fract_transf_matrix[1][2]   0.00158509 
_atom_sites.fract_transf_matrix[1][3]   -0.01996400 
_atom_sites.fract_transf_matrix[2][1]   -0.01899567 
_atom_sites.fract_transf_matrix[2][2]   0.00935636 
_atom_sites.fract_transf_matrix[2][3]   -0.00346162 
_atom_sites.fract_transf_matrix[3][1]   0.00370271 
_atom_sites.fract_transf_matrix[3][2]   0.00720063 
_atom_sites.fract_transf_matrix[3][3]   -0.00085616 
_atom_sites.fract_transf_vector[1]      0.226509 
_atom_sites.fract_transf_vector[2]      -0.344625 
_atom_sites.fract_transf_vector[3]      -0.029881 
# 
loop_
_atom_type.symbol 
C 
N 
O 
S 
# 
loop_
_atom_site.group_PDB 
_atom_site.id 
_atom_site.type_symbol 
_atom_site.label_atom_id 
_atom_site.label_alt_id 
_atom_site.label_comp_id 
_atom_site.label_asym_id 
_atom_site.label_entity_id 
_atom_site.label_seq_id 
_atom_site.pdbx_PDB_ins_code 
_atom_site.Cartn_x 
_atom_site.Cartn_y 
_atom_site.Cartn_z 
_atom_site.occupancy 
_atom_site.B_iso_or_equiv 
_atom_site.pdbx_formal_charge 
_atom_site.auth_seq_id 
_atom_site.auth_comp_id 
_atom_site.auth_asym_id 
_atom_site.auth_atom_id 
_atom_site.pdbx_PDB_model_num 
ATOM   1    N N   . PRO A 1 8  ? 8.765   -2.641  9.127   1.00 19.58  ? 47  PRO A N   1 
ATOM   2    C CA  . PRO A 1 8  ? 7.940   -1.463  9.420   1.00 17.94  ? 47  PRO A CA  1 
ATOM   3    C C   . PRO A 1 8  ? 8.451   -0.698  10.642  1.00 19.12  ? 47  PRO A C   1 
ATOM   4    O O   . PRO A 1 8  ? 8.369   -1.157  11.781  1.00 17.76  ? 47  PRO A O   1 
ATOM   5    C CB  . PRO A 1 8  ? 6.558   -2.069  9.680   1.00 16.37  ? 47  PRO A CB  1 
ATOM   6    C CG  . PRO A 1 8  ? 6.830   -3.530  10.102  1.00 16.21  ? 47  PRO A CG  1 
ATOM   7    C CD  . PRO A 1 8  ? 8.285   -3.844  9.829   1.00 20.60  ? 47  PRO A CD  1 
ATOM   8    N N   . GLU A 1 9  ? 8.979   0.489   10.374  1.00 26.71  ? 48  GLU A N   1 
ATOM   9    C CA  . GLU A 1 9  ? 9.620   1.317   11.382  1.00 19.94  ? 48  GLU A CA  1 
ATOM   10   C C   . GLU A 1 9  ? 8.665   2.395   11.819  1.00 14.20  ? 48  GLU A C   1 
ATOM   11   O O   . GLU A 1 9  ? 7.836   2.825   11.035  1.00 16.44  ? 48  GLU A O   1 
ATOM   12   C CB  . GLU A 1 9  ? 10.911  1.920   10.830  1.00 25.04  ? 48  GLU A CB  1 
ATOM   13   C CG  . GLU A 1 9  ? 12.039  0.886   10.658  1.00 22.96  ? 48  GLU A CG  1 
ATOM   14   C CD  . GLU A 1 9  ? 13.259  1.468   9.967   1.00 33.96  ? 48  GLU A CD  1 
ATOM   15   O OE1 . GLU A 1 9  ? 13.287  2.709   9.753   1.00 29.27  ? 48  GLU A OE1 1 
ATOM   16   O OE2 . GLU A 1 9  ? 14.186  0.685   9.637   1.00 19.64  ? 48  GLU A OE2 1 
ATOM   17   N N   . ALA A 1 10 ? 8.763   2.798   13.079  1.00 12.58  ? 49  ALA A N   1 
ATOM   18   C CA  . ALA A 1 10 ? 7.896   3.830   13.634  1.00 9.97   ? 49  ALA A CA  1 
ATOM   19   C C   . ALA A 1 10 ? 8.445   5.293   13.462  1.00 21.94  ? 49  ALA A C   1 
ATOM   20   O O   . ALA A 1 10 ? 9.648   5.578   13.604  1.00 12.93  ? 49  ALA A O   1 
ATOM   21   C CB  . ALA A 1 10 ? 7.603   3.530   15.088  1.00 3.16   ? 49  ALA A CB  1 
ATOM   22   N N   . TYR A 1 11 ? 7.539   6.210   13.137  1.00 15.92  ? 50  TYR A N   1 
ATOM   23   C CA  . TYR A 1 11 ? 7.881   7.607   12.997  1.00 15.20  ? 50  TYR A CA  1 
ATOM   24   C C   . TYR A 1 11 ? 6.968   8.440   13.881  1.00 17.22  ? 50  TYR A C   1 
ATOM   25   O O   . TYR A 1 11 ? 5.757   8.430   13.723  1.00 20.42  ? 50  TYR A O   1 
ATOM   26   C CB  . TYR A 1 11 ? 7.696   8.077   11.543  1.00 19.11  ? 50  TYR A CB  1 
ATOM   27   C CG  . TYR A 1 11 ? 8.760   7.621   10.571  1.00 29.77  ? 50  TYR A CG  1 
ATOM   28   C CD1 . TYR A 1 11 ? 9.712   8.509   10.086  1.00 13.30  ? 50  TYR A CD1 1 
ATOM   29   C CD2 . TYR A 1 11 ? 8.802   6.305   10.120  1.00 26.82  ? 50  TYR A CD2 1 
ATOM   30   C CE1 . TYR A 1 11 ? 10.689  8.093   9.193   1.00 11.40  ? 50  TYR A CE1 1 
ATOM   31   C CE2 . TYR A 1 11 ? 9.775   5.885   9.222   1.00 19.74  ? 50  TYR A CE2 1 
ATOM   32   C CZ  . TYR A 1 11 ? 10.714  6.784   8.770   1.00 18.88  ? 50  TYR A CZ  1 
ATOM   33   O OH  . TYR A 1 11 ? 11.664  6.357   7.879   1.00 31.03  ? 50  TYR A OH  1 
ATOM   34   N N   . VAL A 1 12 ? 7.547   9.178   14.808  1.00 19.16  ? 51  VAL A N   1 
ATOM   35   C CA  . VAL A 1 12 ? 6.742   10.107  15.574  1.00 20.50  ? 51  VAL A CA  1 
ATOM   36   C C   . VAL A 1 12 ? 6.949   11.493  15.016  1.00 22.59  ? 51  VAL A C   1 
ATOM   37   O O   . VAL A 1 12 ? 8.077   11.918  14.753  1.00 18.70  ? 51  VAL A O   1 
ATOM   38   C CB  . VAL A 1 12 ? 7.071   10.104  17.067  1.00 20.98  ? 51  VAL A CB  1 
ATOM   39   C CG1 . VAL A 1 12 ? 6.260   11.174  17.780  1.00 8.68   ? 51  VAL A CG1 1 
ATOM   40   C CG2 . VAL A 1 12 ? 6.786   8.723   17.656  1.00 25.22  ? 51  VAL A CG2 1 
ATOM   41   N N   . VAL A 1 13 ? 5.832   12.174  14.796  1.00 22.66  ? 52  VAL A N   1 
ATOM   42   C CA  . VAL A 1 13 ? 5.841   13.534  14.323  1.00 17.85  ? 52  VAL A CA  1 
ATOM   43   C C   . VAL A 1 13 ? 5.026   14.314  15.316  1.00 27.65  ? 52  VAL A C   1 
ATOM   44   O O   . VAL A 1 13 ? 3.950   13.870  15.735  1.00 16.82  ? 52  VAL A O   1 
ATOM   45   C CB  . VAL A 1 13 ? 5.188   13.672  12.950  1.00 22.04  ? 52  VAL A CB  1 
ATOM   46   C CG1 . VAL A 1 13 ? 5.320   15.101  12.466  1.00 25.19  ? 52  VAL A CG1 1 
ATOM   47   C CG2 . VAL A 1 13 ? 5.785   12.700  11.954  1.00 22.10  ? 52  VAL A CG2 1 
ATOM   48   N N   . ALA A 1 14 ? 5.523   15.492  15.664  1.00 30.18  ? 53  ALA A N   1 
ATOM   49   C CA  . ALA A 1 14 ? 4.798   16.366  16.551  1.00 24.07  ? 53  ALA A CA  1 
ATOM   50   C C   . ALA A 1 14 ? 3.822   17.110  15.681  1.00 21.59  ? 53  ALA A C   1 
ATOM   51   O O   . ALA A 1 14 ? 4.121   17.392  14.517  1.00 28.77  ? 53  ALA A O   1 
ATOM   52   C CB  . ALA A 1 14 ? 5.725   17.307  17.245  1.00 29.90  ? 53  ALA A CB  1 
ATOM   53   N N   . PRO A 1 15 ? 2.631   17.386  16.217  1.00 18.43  ? 54  PRO A N   1 
ATOM   54   C CA  . PRO A 1 15 ? 1.588   18.104  15.485  1.00 17.00  ? 54  PRO A CA  1 
ATOM   55   C C   . PRO A 1 15 ? 2.105   19.456  14.972  1.00 27.20  ? 54  PRO A C   1 
ATOM   56   O O   . PRO A 1 15 ? 2.813   20.158  15.700  1.00 28.52  ? 54  PRO A O   1 
ATOM   57   C CB  . PRO A 1 15 ? 0.515   18.306  16.548  1.00 16.08  ? 54  PRO A CB  1 
ATOM   58   C CG  . PRO A 1 15 ? 0.703   17.175  17.478  1.00 19.97  ? 54  PRO A CG  1 
ATOM   59   C CD  . PRO A 1 15 ? 2.182   16.981  17.557  1.00 21.39  ? 54  PRO A CD  1 
ATOM   60   N N   . GLY A 1 16 ? 1.747   19.822  13.744  1.00 28.65  ? 55  GLY A N   1 
ATOM   61   C CA  . GLY A 1 16 ? 2.224   21.056  13.143  1.00 19.07  ? 55  GLY A CA  1 
ATOM   62   C C   . GLY A 1 16 ? 3.512   20.876  12.357  1.00 29.82  ? 55  GLY A C   1 
ATOM   63   O O   . GLY A 1 16 ? 3.759   21.566  11.367  1.00 31.13  ? 55  GLY A O   1 
ATOM   64   N N   . GLU A 1 17 ? 4.329   19.913  12.777  1.00 33.16  ? 56  GLU A N   1 
ATOM   65   C CA  . GLU A 1 17 ? 5.595   19.650  12.101  1.00 24.33  ? 56  GLU A CA  1 
ATOM   66   C C   . GLU A 1 17 ? 5.398   18.963  10.750  1.00 30.83  ? 56  GLU A C   1 
ATOM   67   O O   . GLU A 1 17 ? 4.267   18.687  10.339  1.00 28.66  ? 56  GLU A O   1 
ATOM   68   C CB  . GLU A 1 17 ? 6.498   18.803  12.988  1.00 29.45  ? 56  GLU A CB  1 
ATOM   69   C CG  . GLU A 1 17 ? 6.815   19.410  14.336  1.00 28.99  ? 56  GLU A CG  1 
ATOM   70   C CD  . GLU A 1 17 ? 7.545   20.724  14.202  1.00 34.39  ? 56  GLU A CD  1 
ATOM   71   O OE1 . GLU A 1 17 ? 8.258   20.886  13.191  1.00 35.56  ? 56  GLU A OE1 1 
ATOM   72   O OE2 . GLU A 1 17 ? 7.436   21.574  15.114  1.00 36.21  ? 56  GLU A OE2 1 
ATOM   73   N N   . SER A 1 18 ? 6.500   18.706  10.052  1.00 26.03  ? 57  SER A N   1 
ATOM   74   C CA  . SER A 1 18 ? 6.421   18.103  8.723   1.00 20.66  ? 57  SER A CA  1 
ATOM   75   C C   . SER A 1 18 ? 6.707   16.624  8.752   1.00 22.69  ? 57  SER A C   1 
ATOM   76   O O   . SER A 1 18 ? 7.758   16.217  9.233   1.00 21.28  ? 57  SER A O   1 
ATOM   77   C CB  . SER A 1 18 ? 7.378   18.791  7.736   1.00 23.79  ? 57  SER A CB  1 
ATOM   78   O OG  . SER A 1 18 ? 6.777   19.930  7.120   1.00 24.58  ? 57  SER A OG  1 
ATOM   79   N N   . LEU A 1 19 ? 5.755   15.825  8.271   1.00 19.43  ? 58  LEU A N   1 
ATOM   80   C CA  . LEU A 1 19 ? 5.979   14.406  8.022   1.00 16.35  ? 58  LEU A CA  1 
ATOM   81   C C   . LEU A 1 19 ? 6.741   14.206  6.704   1.00 14.35  ? 58  LEU A C   1 
ATOM   82   O O   . LEU A 1 19 ? 6.294   14.649  5.640   1.00 15.25  ? 58  LEU A O   1 
ATOM   83   C CB  . LEU A 1 19 ? 4.649   13.667  7.943   1.00 17.71  ? 58  LEU A CB  1 
ATOM   84   C CG  . LEU A 1 19 ? 4.715   12.195  7.510   1.00 13.06  ? 58  LEU A CG  1 
ATOM   85   C CD1 . LEU A 1 19 ? 5.622   11.368  8.409   1.00 7.79   ? 58  LEU A CD1 1 
ATOM   86   C CD2 . LEU A 1 19 ? 3.310   11.634  7.503   1.00 15.36  ? 58  LEU A CD2 1 
ATOM   87   N N   . GLU A 1 20 ? 7.910   13.580  6.776   1.00 12.85  ? 59  GLU A N   1 
ATOM   88   C CA  . GLU A 1 20 ? 8.665   13.311  5.570   1.00 12.98  ? 59  GLU A CA  1 
ATOM   89   C C   . GLU A 1 20 ? 9.065   11.850  5.450   1.00 9.99   ? 59  GLU A C   1 
ATOM   90   O O   . GLU A 1 20 ? 9.767   11.311  6.318   1.00 12.16  ? 59  GLU A O   1 
ATOM   91   C CB  . GLU A 1 20 ? 9.912   14.191  5.493   1.00 25.60  ? 59  GLU A CB  1 
ATOM   92   C CG  . GLU A 1 20 ? 9.666   15.669  5.205   1.00 28.52  ? 59  GLU A CG  1 
ATOM   93   C CD  . GLU A 1 20 ? 10.974  16.417  5.109   1.00 26.15  ? 59  GLU A CD  1 
ATOM   94   O OE1 . GLU A 1 20 ? 11.958  15.891  5.659   1.00 40.54  ? 59  GLU A OE1 1 
ATOM   95   O OE2 . GLU A 1 20 ? 11.032  17.507  4.509   1.00 24.87  ? 59  GLU A OE2 1 
ATOM   96   N N   . LEU A 1 21 ? 8.604   11.212  4.375   1.00 5.93   ? 60  LEU A N   1 
ATOM   97   C CA  . LEU A 1 21 ? 8.947   9.823   4.107   1.00 6.69   ? 60  LEU A CA  1 
ATOM   98   C C   . LEU A 1 21 ? 9.691   9.707   2.801   1.00 8.32   ? 60  LEU A C   1 
ATOM   99   O O   . LEU A 1 21 ? 9.438   10.476  1.865   1.00 6.98   ? 60  LEU A O   1 
ATOM   100  C CB  . LEU A 1 21 ? 7.697   8.963   4.049   1.00 4.82   ? 60  LEU A CB  1 
ATOM   101  C CG  . LEU A 1 21 ? 6.891   9.043   5.330   1.00 5.83   ? 60  LEU A CG  1 
ATOM   102  C CD1 . LEU A 1 21 ? 5.597   8.344   5.076   1.00 8.70   ? 60  LEU A CD1 1 
ATOM   103  C CD2 . LEU A 1 21 ? 7.627   8.485   6.540   1.00 4.12   ? 60  LEU A CD2 1 
ATOM   104  N N   . GLN A 1 22 ? 10.582  8.718   2.726   1.00 8.04   ? 61  GLN A N   1 
ATOM   105  C CA  . GLN A 1 22 ? 11.403  8.513   1.531   1.00 9.25   ? 61  GLN A CA  1 
ATOM   106  C C   . GLN A 1 22 ? 11.344  7.076   1.081   1.00 11.95  ? 61  GLN A C   1 
ATOM   107  O O   . GLN A 1 22 ? 11.682  6.168   1.836   1.00 12.82  ? 61  GLN A O   1 
ATOM   108  C CB  . GLN A 1 22 ? 12.854  8.913   1.803   1.00 12.57  ? 61  GLN A CB  1 
ATOM   109  C CG  . GLN A 1 22 ? 13.797  8.706   0.629   1.00 18.13  ? 61  GLN A CG  1 
ATOM   110  C CD  . GLN A 1 22 ? 15.273  8.923   0.999   1.00 21.95  ? 61  GLN A CD  1 
ATOM   111  O OE1 . GLN A 1 22 ? 15.599  9.321   2.130   1.00 17.09  ? 61  GLN A OE1 1 
ATOM   112  N NE2 . GLN A 1 22 ? 16.170  8.644   0.047   1.00 16.44  ? 61  GLN A NE2 1 
ATOM   113  N N   . CYS A 1 23 ? 10.851  6.873   -0.139  1.00 13.59  ? 62  CYS A N   1 
ATOM   114  C CA  . CYS A 1 23 ? 10.773  5.547   -0.712  1.00 10.07  ? 62  CYS A CA  1 
ATOM   115  C C   . CYS A 1 23 ? 12.180  5.166   -1.193  1.00 17.70  ? 62  CYS A C   1 
ATOM   116  O O   . CYS A 1 23 ? 13.177  5.583   -0.605  1.00 32.50  ? 62  CYS A O   1 
ATOM   117  C CB  . CYS A 1 23 ? 9.745   5.497   -1.838  1.00 13.82  ? 62  CYS A CB  1 
ATOM   118  S SG  . CYS A 1 23 ? 9.037   3.827   -2.109  1.00 21.13  ? 62  CYS A SG  1 
ATOM   119  N N   . MET A 1 24 ? 12.282  4.458   -2.307  1.00 23.32  ? 63  MET A N   1 
ATOM   120  C CA  . MET A 1 24 ? 13.562  3.873   -2.683  1.00 22.10  ? 63  MET A CA  1 
ATOM   121  C C   . MET A 1 24 ? 14.013  4.309   -4.053  1.00 35.43  ? 63  MET A C   1 
ATOM   122  O O   . MET A 1 24 ? 13.217  4.785   -4.874  1.00 37.49  ? 63  MET A O   1 
ATOM   123  C CB  . MET A 1 24 ? 13.480  2.345   -2.640  1.00 27.94  ? 63  MET A CB  1 
ATOM   124  C CG  . MET A 1 24 ? 12.638  1.761   -3.773  1.00 35.50  ? 63  MET A CG  1 
ATOM   125  S SD  . MET A 1 24 ? 11.795  0.198   -3.403  1.00 46.30  ? 63  MET A SD  1 
ATOM   126  C CE  . MET A 1 24 ? 10.903  0.638   -1.923  1.00 12.65  ? 63  MET A CE  1 
ATOM   127  N N   . LEU A 1 25 ? 15.300  4.137   -4.312  1.00 34.48  ? 64  LEU A N   1 
ATOM   128  C CA  . LEU A 1 25 ? 15.839  4.522   -5.603  1.00 38.29  ? 64  LEU A CA  1 
ATOM   129  C C   . LEU A 1 25 ? 15.942  3.348   -6.570  1.00 42.16  ? 64  LEU A C   1 
ATOM   130  O O   . LEU A 1 25 ? 16.848  2.503   -6.469  1.00 34.48  ? 64  LEU A O   1 
ATOM   131  C CB  . LEU A 1 25 ? 17.176  5.227   -5.442  1.00 38.39  ? 64  LEU A CB  1 
ATOM   132  C CG  . LEU A 1 25 ? 17.025  6.700   -5.109  1.00 34.69  ? 64  LEU A CG  1 
ATOM   133  C CD1 . LEU A 1 25 ? 18.373  7.263   -4.694  1.00 31.81  ? 64  LEU A CD1 1 
ATOM   134  C CD2 . LEU A 1 25 ? 16.456  7.418   -6.325  1.00 20.56  ? 64  LEU A CD2 1 
ATOM   135  N N   . LYS A 1 26 ? 14.988  3.295   -7.492  1.00 36.32  ? 65  LYS A N   1 
ATOM   136  C CA  . LYS A 1 26 ? 15.007  2.289   -8.538  1.00 48.41  ? 65  LYS A CA  1 
ATOM   137  C C   . LYS A 1 26 ? 14.847  3.002   -9.860  1.00 40.49  ? 65  LYS A C   1 
ATOM   138  O O   . LYS A 1 26 ? 13.889  3.751   -10.071 1.00 36.16  ? 65  LYS A O   1 
ATOM   139  C CB  . LYS A 1 26 ? 13.894  1.242   -8.353  1.00 37.38  ? 65  LYS A CB  1 
ATOM   140  C CG  . LYS A 1 26 ? 14.047  0.372   -7.123  1.00 31.78  ? 65  LYS A CG  1 
ATOM   141  C CD  . LYS A 1 26 ? 12.806  -0.463  -6.874  1.00 43.75  ? 65  LYS A CD  1 
ATOM   142  C CE  . LYS A 1 26 ? 12.627  -1.542  -7.927  1.00 45.23  ? 65  LYS A CE  1 
ATOM   143  N NZ  . LYS A 1 26 ? 11.394  -2.352  -7.681  1.00 35.58  ? 65  LYS A NZ  1 
ATOM   144  N N   . ASP A 1 27 ? 15.806  2.781   -10.746 1.00 47.54  ? 66  ASP A N   1 
ATOM   145  C CA  . ASP A 1 27 ? 15.700  3.317   -12.084 1.00 54.21  ? 66  ASP A CA  1 
ATOM   146  C C   . ASP A 1 27 ? 14.424  2.793   -12.755 1.00 48.17  ? 66  ASP A C   1 
ATOM   147  O O   . ASP A 1 27 ? 14.086  1.605   -12.643 1.00 42.93  ? 66  ASP A O   1 
ATOM   148  C CB  . ASP A 1 27 ? 16.953  2.972   -12.893 1.00 54.76  ? 66  ASP A CB  1 
ATOM   149  C CG  . ASP A 1 27 ? 16.918  3.544   -14.293 1.00 61.49  ? 66  ASP A CG  1 
ATOM   150  O OD1 . ASP A 1 27 ? 17.152  4.764   -14.452 1.00 47.31  ? 66  ASP A OD1 1 
ATOM   151  O OD2 . ASP A 1 27 ? 16.659  2.766   -15.237 1.00 60.95  ? 66  ASP A OD2 1 
ATOM   152  N N   . ALA A 1 28 ? 13.714  3.711   -13.411 1.00 41.33  ? 67  ALA A N   1 
ATOM   153  C CA  . ALA A 1 28 ? 12.492  3.429   -14.165 1.00 36.49  ? 67  ALA A CA  1 
ATOM   154  C C   . ALA A 1 28 ? 11.303  3.013   -13.295 1.00 44.88  ? 67  ALA A C   1 
ATOM   155  O O   . ALA A 1 28 ? 10.267  2.576   -13.815 1.00 27.28  ? 67  ALA A O   1 
ATOM   156  C CB  . ALA A 1 28 ? 12.753  2.398   -15.266 1.00 45.77  ? 67  ALA A CB  1 
ATOM   157  N N   . ALA A 1 29 ? 11.443  3.157   -11.977 1.00 38.81  ? 68  ALA A N   1 
ATOM   158  C CA  . ALA A 1 29 ? 10.320  2.879   -11.083 1.00 27.79  ? 68  ALA A CA  1 
ATOM   159  C C   . ALA A 1 29 ? 9.604   4.152   -10.654 1.00 34.56  ? 68  ALA A C   1 
ATOM   160  O O   . ALA A 1 29 ? 10.206  5.051   -10.054 1.00 44.29  ? 68  ALA A O   1 
ATOM   161  C CB  . ALA A 1 29 ? 10.781  2.104   -9.862  1.00 23.49  ? 68  ALA A CB  1 
ATOM   162  N N   . VAL A 1 30 ? 8.319   4.230   -10.981 1.00 25.55  ? 69  VAL A N   1 
ATOM   163  C CA  . VAL A 1 30 ? 7.490   5.324   -10.508 1.00 41.95  ? 69  VAL A CA  1 
ATOM   164  C C   . VAL A 1 30 ? 6.802   4.943   -9.177  1.00 28.30  ? 69  VAL A C   1 
ATOM   165  O O   . VAL A 1 30 ? 6.182   3.875   -9.041  1.00 18.91  ? 69  VAL A O   1 
ATOM   166  C CB  . VAL A 1 30 ? 6.485   5.800   -11.577 1.00 53.11  ? 69  VAL A CB  1 
ATOM   167  C CG1 . VAL A 1 30 ? 5.333   4.812   -11.741 1.00 14.28  ? 69  VAL A CG1 1 
ATOM   168  C CG2 . VAL A 1 30 ? 5.983   7.213   -11.231 1.00 61.39  ? 69  VAL A CG2 1 
ATOM   169  N N   . ILE A 1 31 ? 6.902   5.858   -8.219  1.00 19.21  ? 70  ILE A N   1 
ATOM   170  C CA  . ILE A 1 31 ? 6.522   5.627   -6.838  1.00 11.68  ? 70  ILE A CA  1 
ATOM   171  C C   . ILE A 1 31 ? 5.062   6.014   -6.621  1.00 10.91  ? 70  ILE A C   1 
ATOM   172  O O   . ILE A 1 31 ? 4.639   7.091   -7.028  1.00 8.26   ? 70  ILE A O   1 
ATOM   173  C CB  . ILE A 1 31 ? 7.449   6.456   -5.877  1.00 7.04   ? 70  ILE A CB  1 
ATOM   174  C CG1 . ILE A 1 31 ? 8.851   5.846   -5.793  1.00 8.47   ? 70  ILE A CG1 1 
ATOM   175  C CG2 . ILE A 1 31 ? 6.856   6.555   -4.491  1.00 5.62   ? 70  ILE A CG2 1 
ATOM   176  C CD1 . ILE A 1 31 ? 9.934   6.660   -6.453  1.00 17.56  ? 70  ILE A CD1 1 
ATOM   177  N N   . SER A 1 32 ? 4.275   5.118   -6.033  1.00 11.15  ? 71  SER A N   1 
ATOM   178  C CA  . SER A 1 32 ? 2.915   5.482   -5.654  1.00 5.78   ? 71  SER A CA  1 
ATOM   179  C C   . SER A 1 32 ? 2.715   5.259   -4.143  1.00 9.73   ? 71  SER A C   1 
ATOM   180  O O   . SER A 1 32 ? 3.200   4.275   -3.581  1.00 8.08   ? 71  SER A O   1 
ATOM   181  C CB  . SER A 1 32 ? 1.876   4.693   -6.456  1.00 3.32   ? 71  SER A CB  1 
ATOM   182  O OG  . SER A 1 32 ? 1.658   3.420   -5.902  1.00 9.36   ? 71  SER A OG  1 
ATOM   183  N N   . TRP A 1 33 ? 2.009   6.188   -3.500  1.00 9.28   ? 72  TRP A N   1 
ATOM   184  C CA  . TRP A 1 33 ? 1.836   6.186   -2.058  1.00 5.09   ? 72  TRP A CA  1 
ATOM   185  C C   . TRP A 1 33 ? 0.408   5.876   -1.599  1.00 3.47   ? 72  TRP A C   1 
ATOM   186  O O   . TRP A 1 33 ? -0.577  6.336   -2.172  1.00 3.06   ? 72  TRP A O   1 
ATOM   187  C CB  . TRP A 1 33 ? 2.219   7.554   -1.498  1.00 5.09   ? 72  TRP A CB  1 
ATOM   188  C CG  . TRP A 1 33 ? 3.644   7.896   -1.625  1.00 10.17  ? 72  TRP A CG  1 
ATOM   189  C CD1 . TRP A 1 33 ? 4.261   8.468   -2.700  1.00 10.15  ? 72  TRP A CD1 1 
ATOM   190  C CD2 . TRP A 1 33 ? 4.657   7.715   -0.628  1.00 11.32  ? 72  TRP A CD2 1 
ATOM   191  N NE1 . TRP A 1 33 ? 5.598   8.664   -2.430  1.00 9.53   ? 72  TRP A NE1 1 
ATOM   192  C CE2 . TRP A 1 33 ? 5.869   8.199   -1.168  1.00 6.66   ? 72  TRP A CE2 1 
ATOM   193  C CE3 . TRP A 1 33 ? 4.659   7.181   0.664   1.00 5.12   ? 72  TRP A CE3 1 
ATOM   194  C CZ2 . TRP A 1 33 ? 7.065   8.162   -0.466  1.00 5.19   ? 72  TRP A CZ2 1 
ATOM   195  C CZ3 . TRP A 1 33 ? 5.849   7.153   1.357   1.00 10.37  ? 72  TRP A CZ3 1 
ATOM   196  C CH2 . TRP A 1 33 ? 7.036   7.640   0.791   1.00 7.61   ? 72  TRP A CH2 1 
ATOM   197  N N   . THR A 1 34 ? 0.306   5.110   -0.531  1.00 3.67   ? 73  THR A N   1 
ATOM   198  C CA  . THR A 1 34 ? -0.967  4.890   0.114   1.00 6.16   ? 73  THR A CA  1 
ATOM   199  C C   . THR A 1 34 ? -0.828  5.182   1.610   1.00 9.39   ? 73  THR A C   1 
ATOM   200  O O   . THR A 1 34 ? 0.268   5.020   2.180   1.00 5.74   ? 73  THR A O   1 
ATOM   201  C CB  . THR A 1 34 ? -1.481  3.438   -0.087  1.00 4.70   ? 73  THR A CB  1 
ATOM   202  O OG1 . THR A 1 34 ? -0.553  2.508   0.501   1.00 3.78   ? 73  THR A OG1 1 
ATOM   203  C CG2 . THR A 1 34 ? -1.656  3.124   -1.581  1.00 3.31   ? 73  THR A CG2 1 
ATOM   204  N N   . LYS A 1 35 ? -1.942  5.590   2.227   1.00 4.87   ? 74  LYS A N   1 
ATOM   205  C CA  . LYS A 1 35 ? -2.073  5.671   3.671   1.00 3.59   ? 74  LYS A CA  1 
ATOM   206  C C   . LYS A 1 35 ? -3.241  4.773   4.080   1.00 7.71   ? 74  LYS A C   1 
ATOM   207  O O   . LYS A 1 35 ? -4.357  4.942   3.571   1.00 5.57   ? 74  LYS A O   1 
ATOM   208  C CB  . LYS A 1 35 ? -2.316  7.121   4.094   1.00 5.48   ? 74  LYS A CB  1 
ATOM   209  C CG  . LYS A 1 35 ? -2.822  7.339   5.535   1.00 4.46   ? 74  LYS A CG  1 
ATOM   210  C CD  . LYS A 1 35 ? -2.902  8.836   5.825   1.00 3.34   ? 74  LYS A CD  1 
ATOM   211  C CE  . LYS A 1 35 ? -4.078  9.179   6.691   1.00 7.41   ? 74  LYS A CE  1 
ATOM   212  N NZ  . LYS A 1 35 ? -4.134  8.280   7.846   1.00 21.11  ? 74  LYS A NZ  1 
ATOM   213  N N   . ASP A 1 36 ? -2.976  3.790   4.951   1.00 8.90   ? 75  ASP A N   1 
ATOM   214  C CA  . ASP A 1 36 ? -3.990  2.818   5.349   1.00 4.63   ? 75  ASP A CA  1 
ATOM   215  C C   . ASP A 1 36 ? -4.697  2.170   4.147   1.00 5.26   ? 75  ASP A C   1 
ATOM   216  O O   . ASP A 1 36 ? -5.911  1.953   4.173   1.00 10.01  ? 75  ASP A O   1 
ATOM   217  C CB  . ASP A 1 36 ? -5.010  3.470   6.285   1.00 3.41   ? 75  ASP A CB  1 
ATOM   218  C CG  . ASP A 1 36 ? -4.388  3.990   7.565   1.00 10.31  ? 75  ASP A CG  1 
ATOM   219  O OD1 . ASP A 1 36 ? -3.594  3.248   8.178   1.00 12.73  ? 75  ASP A OD1 1 
ATOM   220  O OD2 . ASP A 1 36 ? -4.667  5.138   7.959   1.00 13.27  ? 75  ASP A OD2 1 
ATOM   221  N N   . GLY A 1 37 ? -3.941  1.881   3.093   1.00 5.15   ? 76  GLY A N   1 
ATOM   222  C CA  . GLY A 1 37 ? -4.489  1.259   1.901   1.00 4.04   ? 76  GLY A CA  1 
ATOM   223  C C   . GLY A 1 37 ? -5.106  2.227   0.900   1.00 4.90   ? 76  GLY A C   1 
ATOM   224  O O   . GLY A 1 37 ? -5.250  1.909   -0.288  1.00 5.13   ? 76  GLY A O   1 
ATOM   225  N N   . VAL A 1 38 ? -5.467  3.416   1.374   1.00 7.03   ? 77  VAL A N   1 
ATOM   226  C CA  . VAL A 1 38 ? -6.070  4.441   0.515   1.00 5.84   ? 77  VAL A CA  1 
ATOM   227  C C   . VAL A 1 38 ? -5.023  5.316   -0.206  1.00 8.50   ? 77  VAL A C   1 
ATOM   228  O O   . VAL A 1 38 ? -3.988  5.685   0.360   1.00 5.42   ? 77  VAL A O   1 
ATOM   229  C CB  . VAL A 1 38 ? -6.965  5.372   1.298   1.00 2.87   ? 77  VAL A CB  1 
ATOM   230  C CG1 . VAL A 1 38 ? -7.912  6.033   0.346   1.00 2.33   ? 77  VAL A CG1 1 
ATOM   231  C CG2 . VAL A 1 38 ? -7.744  4.603   2.310   1.00 3.75   ? 77  VAL A CG2 1 
ATOM   232  N N   . HIS A 1 39 ? -5.324  5.690   -1.441  1.00 12.54  ? 78  HIS A N   1 
ATOM   233  C CA  . HIS A 1 39 ? -4.384  6.419   -2.281  1.00 5.56   ? 78  HIS A CA  1 
ATOM   234  C C   . HIS A 1 39 ? -4.110  7.831   -1.857  1.00 6.09   ? 78  HIS A C   1 
ATOM   235  O O   . HIS A 1 39 ? -5.032  8.547   -1.480  1.00 6.99   ? 78  HIS A O   1 
ATOM   236  C CB  . HIS A 1 39 ? -4.908  6.433   -3.703  1.00 5.41   ? 78  HIS A CB  1 
ATOM   237  C CG  . HIS A 1 39 ? -4.263  7.449   -4.582  1.00 7.34   ? 78  HIS A CG  1 
ATOM   238  N ND1 . HIS A 1 39 ? -3.035  7.244   -5.170  1.00 13.68  ? 78  HIS A ND1 1 
ATOM   239  C CD2 . HIS A 1 39 ? -4.691  8.655   -5.008  1.00 9.26   ? 78  HIS A CD2 1 
ATOM   240  C CE1 . HIS A 1 39 ? -2.727  8.294   -5.908  1.00 16.97  ? 78  HIS A CE1 1 
ATOM   241  N NE2 . HIS A 1 39 ? -3.713  9.167   -5.825  1.00 10.18  ? 78  HIS A NE2 1 
ATOM   242  N N   . LEU A 1 40 ? -2.820  8.192   -1.857  1.00 9.73   ? 79  LEU A N   1 
ATOM   243  C CA  . LEU A 1 40 ? -2.365  9.562   -1.588  1.00 4.21   ? 79  LEU A CA  1 
ATOM   244  C C   . LEU A 1 40 ? -1.858  10.171  -2.875  1.00 6.67   ? 79  LEU A C   1 
ATOM   245  O O   . LEU A 1 40 ? -0.996  9.596   -3.559  1.00 3.90   ? 79  LEU A O   1 
ATOM   246  C CB  . LEU A 1 40 ? -1.215  9.589   -0.598  1.00 4.63   ? 79  LEU A CB  1 
ATOM   247  C CG  . LEU A 1 40 ? -1.371  9.155   0.851   1.00 9.65   ? 79  LEU A CG  1 
ATOM   248  C CD1 . LEU A 1 40 ? 0.007   9.109   1.488   1.00 9.69   ? 79  LEU A CD1 1 
ATOM   249  C CD2 . LEU A 1 40 ? -2.260  10.161  1.577   1.00 5.36   ? 79  LEU A CD2 1 
ATOM   250  N N   . GLY A 1 41 ? -2.353  11.368  -3.168  1.00 18.83  ? 80  GLY A N   1 
ATOM   251  C CA  . GLY A 1 41 ? -1.884  12.174  -4.282  1.00 10.07  ? 80  GLY A CA  1 
ATOM   252  C C   . GLY A 1 41 ? -1.495  13.546  -3.757  1.00 16.41  ? 80  GLY A C   1 
ATOM   253  O O   . GLY A 1 41 ? -1.522  13.780  -2.540  1.00 14.36  ? 80  GLY A O   1 
ATOM   254  N N   . PRO A 1 42 ? -1.108  14.455  -4.665  1.00 19.29  ? 81  PRO A N   1 
ATOM   255  C CA  . PRO A 1 42 ? -0.733  15.849  -4.379  1.00 14.62  ? 81  PRO A CA  1 
ATOM   256  C C   . PRO A 1 42 ? -1.896  16.734  -3.942  1.00 14.33  ? 81  PRO A C   1 
ATOM   257  O O   . PRO A 1 42 ? -2.949  16.702  -4.565  1.00 15.60  ? 81  PRO A O   1 
ATOM   258  C CB  . PRO A 1 42 ? -0.250  16.357  -5.741  1.00 13.90  ? 81  PRO A CB  1 
ATOM   259  C CG  . PRO A 1 42 ? 0.103   15.137  -6.512  1.00 13.47  ? 81  PRO A CG  1 
ATOM   260  C CD  . PRO A 1 42 ? -0.832  14.079  -6.058  1.00 13.52  ? 81  PRO A CD  1 
ATOM   261  N N   . ASN A 1 43 ? -1.681  17.557  -2.925  1.00 14.52  ? 82  ASN A N   1 
ATOM   262  C CA  . ASN A 1 43 ? -2.632  18.609  -2.590  1.00 24.90  ? 82  ASN A CA  1 
ATOM   263  C C   . ASN A 1 43 ? -1.942  19.856  -1.995  1.00 33.69  ? 82  ASN A C   1 
ATOM   264  O O   . ASN A 1 43 ? -0.739  20.068  -2.200  1.00 27.75  ? 82  ASN A O   1 
ATOM   265  C CB  . ASN A 1 43 ? -3.799  18.094  -1.717  1.00 20.73  ? 82  ASN A CB  1 
ATOM   266  C CG  . ASN A 1 43 ? -3.368  17.624  -0.334  1.00 18.31  ? 82  ASN A CG  1 
ATOM   267  O OD1 . ASN A 1 43 ? -2.329  18.027  0.195   1.00 16.11  ? 82  ASN A OD1 1 
ATOM   268  N ND2 . ASN A 1 43 ? -4.222  16.825  0.293   1.00 11.08  ? 82  ASN A ND2 1 
ATOM   269  N N   . ASN A 1 44 ? -2.695  20.687  -1.277  1.00 28.61  ? 83  ASN A N   1 
ATOM   270  C CA  . ASN A 1 44 ? -2.145  21.961  -0.825  1.00 35.60  ? 83  ASN A CA  1 
ATOM   271  C C   . ASN A 1 44 ? -1.116  21.765  0.273   1.00 39.03  ? 83  ASN A C   1 
ATOM   272  O O   . ASN A 1 44 ? -0.236  22.605  0.473   1.00 44.27  ? 83  ASN A O   1 
ATOM   273  C CB  . ASN A 1 44 ? -3.255  22.917  -0.350  1.00 48.13  ? 83  ASN A CB  1 
ATOM   274  C CG  . ASN A 1 44 ? -4.001  23.595  -1.503  1.00 66.61  ? 83  ASN A CG  1 
ATOM   275  O OD1 . ASN A 1 44 ? -3.740  23.327  -2.681  1.00 66.51  ? 83  ASN A OD1 1 
ATOM   276  N ND2 . ASN A 1 44 ? -4.940  24.483  -1.160  1.00 55.46  ? 83  ASN A ND2 1 
ATOM   277  N N   . ARG A 1 45 ? -1.211  20.623  0.950   1.00 35.67  ? 84  ARG A N   1 
ATOM   278  C CA  . ARG A 1 45 ? -0.290  20.269  2.030   1.00 28.26  ? 84  ARG A CA  1 
ATOM   279  C C   . ARG A 1 45 ? 0.519   19.019  1.696   1.00 27.85  ? 84  ARG A C   1 
ATOM   280  O O   . ARG A 1 45 ? 1.288   18.526  2.521   1.00 29.88  ? 84  ARG A O   1 
ATOM   281  C CB  . ARG A 1 45 ? -1.064  20.084  3.338   1.00 19.32  ? 84  ARG A CB  1 
ATOM   282  C CG  . ARG A 1 45 ? -2.475  19.538  3.117   1.00 24.42  ? 84  ARG A CG  1 
ATOM   283  C CD  . ARG A 1 45 ? -3.232  19.306  4.412   1.00 20.53  ? 84  ARG A CD  1 
ATOM   284  N NE  . ARG A 1 45 ? -2.523  18.427  5.333   1.00 13.12  ? 84  ARG A NE  1 
ATOM   285  C CZ  . ARG A 1 45 ? -3.067  17.921  6.430   1.00 19.47  ? 84  ARG A CZ  1 
ATOM   286  N NH1 . ARG A 1 45 ? -4.333  18.176  6.718   1.00 54.62  ? 84  ARG A NH1 1 
ATOM   287  N NH2 . ARG A 1 45 ? -2.363  17.140  7.228   1.00 27.39  ? 84  ARG A NH2 1 
ATOM   288  N N   . THR A 1 46 ? 0.310   18.478  0.502   1.00 19.60  ? 85  THR A N   1 
ATOM   289  C CA  . THR A 1 46 ? 1.008   17.266  0.133   1.00 15.44  ? 85  THR A CA  1 
ATOM   290  C C   . THR A 1 46 ? 1.826   17.479  -1.116  1.00 7.39   ? 85  THR A C   1 
ATOM   291  O O   . THR A 1 46 ? 1.321   17.964  -2.122  1.00 10.25  ? 85  THR A O   1 
ATOM   292  C CB  . THR A 1 46 ? 0.019   16.083  -0.093  1.00 22.02  ? 85  THR A CB  1 
ATOM   293  O OG1 . THR A 1 46 ? -0.990  16.084  0.932   1.00 10.87  ? 85  THR A OG1 1 
ATOM   294  C CG2 . THR A 1 46 ? 0.763   14.747  -0.116  1.00 7.20   ? 85  THR A CG2 1 
ATOM   295  N N   . VAL A 1 47 ? 3.087   17.095  -1.052  1.00 6.55   ? 86  VAL A N   1 
ATOM   296  C CA  . VAL A 1 47 ? 3.951   17.161  -2.212  1.00 4.56   ? 86  VAL A CA  1 
ATOM   297  C C   . VAL A 1 47 ? 4.624   15.806  -2.384  1.00 6.89   ? 86  VAL A C   1 
ATOM   298  O O   . VAL A 1 47 ? 5.079   15.196  -1.413  1.00 10.52  ? 86  VAL A O   1 
ATOM   299  C CB  . VAL A 1 47 ? 4.997   18.317  -2.079  1.00 5.81   ? 86  VAL A CB  1 
ATOM   300  C CG1 . VAL A 1 47 ? 6.031   18.269  -3.173  1.00 6.46   ? 86  VAL A CG1 1 
ATOM   301  C CG2 . VAL A 1 47 ? 4.299   19.656  -2.088  1.00 3.42   ? 86  VAL A CG2 1 
ATOM   302  N N   . LEU A 1 48 ? 4.648   15.323  -3.621  1.00 6.95   ? 87  LEU A N   1 
ATOM   303  C CA  . LEU A 1 48 ? 5.279   14.055  -3.967  1.00 7.65   ? 87  LEU A CA  1 
ATOM   304  C C   . LEU A 1 48 ? 6.305   14.348  -5.004  1.00 8.28   ? 87  LEU A C   1 
ATOM   305  O O   . LEU A 1 48 ? 5.970   14.884  -6.054  1.00 26.32  ? 87  LEU A O   1 
ATOM   306  C CB  . LEU A 1 48 ? 4.306   13.094  -4.631  1.00 11.29  ? 87  LEU A CB  1 
ATOM   307  C CG  . LEU A 1 48 ? 3.440   12.156  -3.806  1.00 8.41   ? 87  LEU A CG  1 
ATOM   308  C CD1 . LEU A 1 48 ? 2.306   12.933  -3.234  1.00 13.54  ? 87  LEU A CD1 1 
ATOM   309  C CD2 . LEU A 1 48 ? 2.954   11.001  -4.664  1.00 15.15  ? 87  LEU A CD2 1 
ATOM   310  N N   . ILE A 1 49 ? 7.553   14.019  -4.733  1.00 9.59   ? 88  ILE A N   1 
ATOM   311  C CA  . ILE A 1 49 ? 8.573   14.320  -5.715  1.00 14.32  ? 88  ILE A CA  1 
ATOM   312  C C   . ILE A 1 49 ? 9.751   13.377  -5.650  1.00 16.24  ? 88  ILE A C   1 
ATOM   313  O O   . ILE A 1 49 ? 10.317  13.146  -4.588  1.00 24.06  ? 88  ILE A O   1 
ATOM   314  C CB  . ILE A 1 49 ? 9.035   15.790  -5.643  1.00 18.58  ? 88  ILE A CB  1 
ATOM   315  C CG1 . ILE A 1 49 ? 10.124  16.017  -6.690  1.00 17.23  ? 88  ILE A CG1 1 
ATOM   316  C CG2 . ILE A 1 49 ? 9.545   16.134  -4.264  1.00 11.63  ? 88  ILE A CG2 1 
ATOM   317  C CD1 . ILE A 1 49 ? 10.456  17.432  -6.916  1.00 21.58  ? 88  ILE A CD1 1 
ATOM   318  N N   . GLY A 1 50 ? 10.120  12.828  -6.798  1.00 18.37  ? 89  GLY A N   1 
ATOM   319  C CA  . GLY A 1 50 ? 11.151  11.814  -6.836  1.00 15.10  ? 89  GLY A CA  1 
ATOM   320  C C   . GLY A 1 50 ? 10.654  10.658  -6.009  1.00 20.35  ? 89  GLY A C   1 
ATOM   321  O O   . GLY A 1 50 ? 9.621   10.073  -6.331  1.00 17.88  ? 89  GLY A O   1 
ATOM   322  N N   . GLU A 1 51 ? 11.351  10.371  -4.916  1.00 19.23  ? 90  GLU A N   1 
ATOM   323  C CA  . GLU A 1 51 ? 10.988  9.247   -4.065  1.00 13.66  ? 90  GLU A CA  1 
ATOM   324  C C   . GLU A 1 51 ? 10.512  9.772   -2.722  1.00 10.46  ? 90  GLU A C   1 
ATOM   325  O O   . GLU A 1 51 ? 10.541  9.076   -1.716  1.00 12.88  ? 90  GLU A O   1 
ATOM   326  C CB  . GLU A 1 51 ? 12.158  8.262   -3.905  1.00 14.97  ? 90  GLU A CB  1 
ATOM   327  C CG  . GLU A 1 51 ? 13.315  8.736   -3.055  1.00 24.18  ? 90  GLU A CG  1 
ATOM   328  C CD  . GLU A 1 51 ? 14.379  9.501   -3.828  1.00 32.52  ? 90  GLU A CD  1 
ATOM   329  O OE1 . GLU A 1 51 ? 14.094  10.019  -4.935  1.00 29.39  ? 90  GLU A OE1 1 
ATOM   330  O OE2 . GLU A 1 51 ? 15.509  9.590   -3.303  1.00 22.99  ? 90  GLU A OE2 1 
ATOM   331  N N   . TYR A 1 52 ? 10.105  11.030  -2.710  1.00 9.97   ? 91  TYR A N   1 
ATOM   332  C CA  . TYR A 1 52 ? 9.789   11.712  -1.470  1.00 9.13   ? 91  TYR A CA  1 
ATOM   333  C C   . TYR A 1 52 ? 8.337   12.014  -1.317  1.00 6.74   ? 91  TYR A C   1 
ATOM   334  O O   . TYR A 1 52 ? 7.634   12.290  -2.282  1.00 8.26   ? 91  TYR A O   1 
ATOM   335  C CB  . TYR A 1 52 ? 10.561  13.029  -1.371  1.00 17.32  ? 91  TYR A CB  1 
ATOM   336  C CG  . TYR A 1 52 ? 12.024  12.825  -1.113  1.00 23.17  ? 91  TYR A CG  1 
ATOM   337  C CD1 . TYR A 1 52 ? 12.489  12.636  0.182   1.00 11.76  ? 91  TYR A CD1 1 
ATOM   338  C CD2 . TYR A 1 52 ? 12.940  12.785  -2.165  1.00 10.82  ? 91  TYR A CD2 1 
ATOM   339  C CE1 . TYR A 1 52 ? 13.824  12.434  0.425   1.00 14.41  ? 91  TYR A CE1 1 
ATOM   340  C CE2 . TYR A 1 52 ? 14.271  12.580  -1.928  1.00 11.15  ? 91  TYR A CE2 1 
ATOM   341  C CZ  . TYR A 1 52 ? 14.707  12.405  -0.634  1.00 17.44  ? 91  TYR A CZ  1 
ATOM   342  O OH  . TYR A 1 52 ? 16.037  12.204  -0.382  1.00 40.48  ? 91  TYR A OH  1 
ATOM   343  N N   . LEU A 1 53 ? 7.915   11.999  -0.065  1.00 6.23   ? 92  LEU A N   1 
ATOM   344  C CA  . LEU A 1 53 ? 6.569   12.355  0.314   1.00 9.03   ? 92  LEU A CA  1 
ATOM   345  C C   . LEU A 1 53 ? 6.678   13.346  1.448   1.00 9.35   ? 92  LEU A C   1 
ATOM   346  O O   . LEU A 1 53 ? 7.266   13.038  2.486   1.00 14.90  ? 92  LEU A O   1 
ATOM   347  C CB  . LEU A 1 53 ? 5.834   11.099  0.785   1.00 10.86  ? 92  LEU A CB  1 
ATOM   348  C CG  . LEU A 1 53 ? 4.428   11.103  1.384   1.00 7.18   ? 92  LEU A CG  1 
ATOM   349  C CD1 . LEU A 1 53 ? 4.473   11.340  2.870   1.00 6.82   ? 92  LEU A CD1 1 
ATOM   350  C CD2 . LEU A 1 53 ? 3.560   12.130  0.689   1.00 14.12  ? 92  LEU A CD2 1 
ATOM   351  N N   . GLN A 1 54 ? 6.120   14.537  1.249   1.00 13.12  ? 93  GLN A N   1 
ATOM   352  C CA  . GLN A 1 54 ? 6.086   15.537  2.305   1.00 14.55  ? 93  GLN A CA  1 
ATOM   353  C C   . GLN A 1 54 ? 4.656   15.984  2.612   1.00 15.80  ? 93  GLN A C   1 
ATOM   354  O O   . GLN A 1 54 ? 3.856   16.279  1.700   1.00 12.00  ? 93  GLN A O   1 
ATOM   355  C CB  . GLN A 1 54 ? 6.952   16.754  1.966   1.00 10.42  ? 93  GLN A CB  1 
ATOM   356  C CG  . GLN A 1 54 ? 6.815   17.878  3.015   1.00 23.40  ? 93  GLN A CG  1 
ATOM   357  C CD  . GLN A 1 54 ? 7.696   19.080  2.759   1.00 18.70  ? 93  GLN A CD  1 
ATOM   358  O OE1 . GLN A 1 54 ? 8.910   19.018  2.923   1.00 16.60  ? 93  GLN A OE1 1 
ATOM   359  N NE2 . GLN A 1 54 ? 7.082   20.188  2.362   1.00 23.99  ? 93  GLN A NE2 1 
ATOM   360  N N   . ILE A 1 55 ? 4.346   16.016  3.905   1.00 9.64   ? 94  ILE A N   1 
ATOM   361  C CA  . ILE A 1 55 ? 3.093   16.578  4.381   1.00 18.35  ? 94  ILE A CA  1 
ATOM   362  C C   . ILE A 1 55 ? 3.414   17.574  5.491   1.00 17.01  ? 94  ILE A C   1 
ATOM   363  O O   . ILE A 1 55 ? 3.951   17.199  6.533   1.00 18.92  ? 94  ILE A O   1 
ATOM   364  C CB  . ILE A 1 55 ? 2.143   15.463  4.926   1.00 20.71  ? 94  ILE A CB  1 
ATOM   365  C CG1 . ILE A 1 55 ? 1.800   14.483  3.795   1.00 23.12  ? 94  ILE A CG1 1 
ATOM   366  C CG2 . ILE A 1 55 ? 0.839   16.048  5.456   1.00 9.78   ? 94  ILE A CG2 1 
ATOM   367  C CD1 . ILE A 1 55 ? 0.996   13.255  4.210   1.00 28.05  ? 94  ILE A CD1 1 
ATOM   368  N N   . LYS A 1 56 ? 3.092   18.845  5.265   1.00 13.14  ? 95  LYS A N   1 
ATOM   369  C CA  . LYS A 1 56 ? 3.345   19.868  6.274   1.00 20.90  ? 95  LYS A CA  1 
ATOM   370  C C   . LYS A 1 56 ? 2.055   20.172  7.019   1.00 20.66  ? 95  LYS A C   1 
ATOM   371  O O   . LYS A 1 56 ? 0.976   20.033  6.464   1.00 34.22  ? 95  LYS A O   1 
ATOM   372  C CB  . LYS A 1 56 ? 3.958   21.135  5.669   1.00 26.85  ? 95  LYS A CB  1 
ATOM   373  C CG  . LYS A 1 56 ? 3.125   21.807  4.617   1.00 23.78  ? 95  LYS A CG  1 
ATOM   374  C CD  . LYS A 1 56 ? 4.007   22.407  3.546   1.00 15.70  ? 95  LYS A CD  1 
ATOM   375  C CE  . LYS A 1 56 ? 4.844   23.526  4.078   1.00 13.62  ? 95  LYS A CE  1 
ATOM   376  N NZ  . LYS A 1 56 ? 5.472   24.258  2.937   1.00 29.08  ? 95  LYS A NZ  1 
ATOM   377  N N   . GLY A 1 57 ? 2.160   20.514  8.297   1.00 20.95  ? 96  GLY A N   1 
ATOM   378  C CA  . GLY A 1 57 ? 0.977   20.760  9.088   1.00 26.56  ? 96  GLY A CA  1 
ATOM   379  C C   . GLY A 1 57 ? 0.407   19.465  9.632   1.00 30.88  ? 96  GLY A C   1 
ATOM   380  O O   . GLY A 1 57 ? -0.793  19.206  9.529   1.00 39.17  ? 96  GLY A O   1 
ATOM   381  N N   . ALA A 1 58 ? 1.271   18.656  10.230  1.00 25.52  ? 97  ALA A N   1 
ATOM   382  C CA  . ALA A 1 58 ? 0.850   17.374  10.770  1.00 28.29  ? 97  ALA A CA  1 
ATOM   383  C C   . ALA A 1 58 ? -0.278  17.539  11.789  1.00 26.62  ? 97  ALA A C   1 
ATOM   384  O O   . ALA A 1 58 ? -0.184  18.351  12.701  1.00 27.63  ? 97  ALA A O   1 
ATOM   385  C CB  . ALA A 1 58 ? 2.046   16.630  11.379  1.00 24.80  ? 97  ALA A CB  1 
ATOM   386  N N   . THR A 1 59 ? -1.354  16.786  11.594  1.00 35.12  ? 98  THR A N   1 
ATOM   387  C CA  . THR A 1 59 ? -2.453  16.690  12.549  1.00 24.94  ? 98  THR A CA  1 
ATOM   388  C C   . THR A 1 59 ? -2.608  15.217  12.904  1.00 29.85  ? 98  THR A C   1 
ATOM   389  O O   . THR A 1 59 ? -2.192  14.359  12.129  1.00 30.15  ? 98  THR A O   1 
ATOM   390  C CB  . THR A 1 59 ? -3.753  17.213  11.922  1.00 37.35  ? 98  THR A CB  1 
ATOM   391  O OG1 . THR A 1 59 ? -4.156  16.334  10.864  1.00 39.91  ? 98  THR A OG1 1 
ATOM   392  C CG2 . THR A 1 59 ? -3.519  18.593  11.318  1.00 38.26  ? 98  THR A CG2 1 
ATOM   393  N N   . PRO A 1 60 ? -3.178  14.911  14.085  1.00 39.78  ? 99  PRO A N   1 
ATOM   394  C CA  . PRO A 1 60 ? -3.243  13.515  14.553  1.00 36.66  ? 99  PRO A CA  1 
ATOM   395  C C   . PRO A 1 60 ? -3.946  12.542  13.622  1.00 33.47  ? 99  PRO A C   1 
ATOM   396  O O   . PRO A 1 60 ? -3.740  11.350  13.764  1.00 31.06  ? 99  PRO A O   1 
ATOM   397  C CB  . PRO A 1 60 ? -4.027  13.602  15.859  1.00 27.99  ? 99  PRO A CB  1 
ATOM   398  C CG  . PRO A 1 60 ? -3.883  14.998  16.320  1.00 30.73  ? 99  PRO A CG  1 
ATOM   399  C CD  . PRO A 1 60 ? -3.611  15.866  15.118  1.00 38.04  ? 99  PRO A CD  1 
ATOM   400  N N   . ARG A 1 61 ? -4.769  13.023  12.700  1.00 40.39  ? 100 ARG A N   1 
ATOM   401  C CA  . ARG A 1 61 ? -5.443  12.105  11.793  1.00 36.84  ? 100 ARG A CA  1 
ATOM   402  C C   . ARG A 1 61 ? -4.559  11.892  10.566  1.00 31.27  ? 100 ARG A C   1 
ATOM   403  O O   . ARG A 1 61 ? -4.934  11.196  9.618   1.00 31.26  ? 100 ARG A O   1 
ATOM   404  C CB  . ARG A 1 61 ? -6.842  12.598  11.417  1.00 48.90  ? 100 ARG A CB  1 
ATOM   405  C CG  . ARG A 1 61 ? -6.870  13.857  10.586  1.00 56.53  ? 100 ARG A CG  1 
ATOM   406  C CD  . ARG A 1 61 ? -8.305  14.190  10.170  1.00 103.07 ? 100 ARG A CD  1 
ATOM   407  N NE  . ARG A 1 61 ? -8.360  15.264  9.174   1.00 152.17 ? 100 ARG A NE  1 
ATOM   408  C CZ  . ARG A 1 61 ? -8.422  16.564  9.474   1.00 185.04 ? 100 ARG A CZ  1 
ATOM   409  N NH1 . ARG A 1 61 ? -8.442  16.950  10.748  1.00 205.60 ? 100 ARG A NH1 1 
ATOM   410  N NH2 . ARG A 1 61 ? -8.465  17.486  8.512   1.00 161.93 ? 100 ARG A NH2 1 
ATOM   411  N N   . ASP A 1 62 ? -3.380  12.502  10.587  1.00 23.52  ? 101 ASP A N   1 
ATOM   412  C CA  . ASP A 1 62 ? -2.390  12.200  9.579   1.00 17.25  ? 101 ASP A CA  1 
ATOM   413  C C   . ASP A 1 62 ? -1.647  10.955  10.009  1.00 20.73  ? 101 ASP A C   1 
ATOM   414  O O   . ASP A 1 62 ? -0.872  10.372  9.242   1.00 18.96  ? 101 ASP A O   1 
ATOM   415  C CB  . ASP A 1 62 ? -1.427  13.344  9.376   1.00 17.44  ? 101 ASP A CB  1 
ATOM   416  C CG  . ASP A 1 62 ? -1.967  14.378  8.432   1.00 36.42  ? 101 ASP A CG  1 
ATOM   417  O OD1 . ASP A 1 62 ? -2.545  13.974  7.392   1.00 32.73  ? 101 ASP A OD1 1 
ATOM   418  O OD2 . ASP A 1 62 ? -1.790  15.586  8.719   1.00 33.78  ? 101 ASP A OD2 1 
ATOM   419  N N   . SER A 1 63 ? -1.902  10.532  11.241  1.00 18.54  ? 102 SER A N   1 
ATOM   420  C CA  . SER A 1 63 ? -1.321  9.289   11.720  1.00 18.37  ? 102 SER A CA  1 
ATOM   421  C C   . SER A 1 63 ? -1.908  8.154   10.896  1.00 9.63   ? 102 SER A C   1 
ATOM   422  O O   . SER A 1 63 ? -3.009  8.281   10.377  1.00 13.33  ? 102 SER A O   1 
ATOM   423  C CB  . SER A 1 63 ? -1.622  9.077   13.207  1.00 14.95  ? 102 SER A CB  1 
ATOM   424  O OG  . SER A 1 63 ? -0.959  10.030  14.015  1.00 28.43  ? 102 SER A OG  1 
ATOM   425  N N   . GLY A 1 64 ? -1.166  7.059   10.763  1.00 5.43   ? 103 GLY A N   1 
ATOM   426  C CA  . GLY A 1 64 ? -1.625  5.933   9.978   1.00 7.85   ? 103 GLY A CA  1 
ATOM   427  C C   . GLY A 1 64 ? -0.502  5.101   9.402   1.00 7.06   ? 103 GLY A C   1 
ATOM   428  O O   . GLY A 1 64 ? 0.677   5.401   9.626   1.00 6.52   ? 103 GLY A O   1 
ATOM   429  N N   . LEU A 1 65 ? -0.864  4.063   8.648   1.00 6.06   ? 104 LEU A N   1 
ATOM   430  C CA  . LEU A 1 65 ? 0.140   3.212   8.040   1.00 6.85   ? 104 LEU A CA  1 
ATOM   431  C C   . LEU A 1 65 ? 0.392   3.646   6.616   1.00 7.18   ? 104 LEU A C   1 
ATOM   432  O O   . LEU A 1 65 ? -0.416  3.403   5.720   1.00 8.75   ? 104 LEU A O   1 
ATOM   433  C CB  . LEU A 1 65 ? -0.258  1.739   8.081   1.00 5.25   ? 104 LEU A CB  1 
ATOM   434  C CG  . LEU A 1 65 ? 0.770   0.882   7.314   1.00 7.34   ? 104 LEU A CG  1 
ATOM   435  C CD1 . LEU A 1 65 ? 1.714   0.106   8.229   1.00 3.50   ? 104 LEU A CD1 1 
ATOM   436  C CD2 . LEU A 1 65 ? 0.112   -0.031  6.294   1.00 6.08   ? 104 LEU A CD2 1 
ATOM   437  N N   . TYR A 1 66 ? 1.526   4.297   6.406   1.00 5.76   ? 105 TYR A N   1 
ATOM   438  C CA  . TYR A 1 66 ? 1.853   4.749   5.072   1.00 8.24   ? 105 TYR A CA  1 
ATOM   439  C C   . TYR A 1 66 ? 2.687   3.694   4.393   1.00 5.61   ? 105 TYR A C   1 
ATOM   440  O O   . TYR A 1 66 ? 3.392   2.942   5.044   1.00 7.57   ? 105 TYR A O   1 
ATOM   441  C CB  . TYR A 1 66 ? 2.633   6.079   5.103   1.00 4.74   ? 105 TYR A CB  1 
ATOM   442  C CG  . TYR A 1 66 ? 1.846   7.297   5.539   1.00 2.91   ? 105 TYR A CG  1 
ATOM   443  C CD1 . TYR A 1 66 ? 1.475   8.265   4.617   1.00 3.76   ? 105 TYR A CD1 1 
ATOM   444  C CD2 . TYR A 1 66 ? 1.448   7.470   6.864   1.00 5.35   ? 105 TYR A CD2 1 
ATOM   445  C CE1 . TYR A 1 66 ? 0.747   9.407   5.011   1.00 7.61   ? 105 TYR A CE1 1 
ATOM   446  C CE2 . TYR A 1 66 ? 0.723   8.610   7.273   1.00 5.00   ? 105 TYR A CE2 1 
ATOM   447  C CZ  . TYR A 1 66 ? 0.376   9.573   6.343   1.00 6.10   ? 105 TYR A CZ  1 
ATOM   448  O OH  . TYR A 1 66 ? -0.340  10.698  6.725   1.00 4.39   ? 105 TYR A OH  1 
ATOM   449  N N   . ALA A 1 67 ? 2.620   3.657   3.074   1.00 4.05   ? 106 ALA A N   1 
ATOM   450  C CA  . ALA A 1 67 ? 3.465   2.761   2.315   1.00 9.44   ? 106 ALA A CA  1 
ATOM   451  C C   . ALA A 1 67 ? 3.691   3.355   0.947   1.00 11.61  ? 106 ALA A C   1 
ATOM   452  O O   . ALA A 1 67 ? 2.818   4.028   0.390   1.00 8.17   ? 106 ALA A O   1 
ATOM   453  C CB  . ALA A 1 67 ? 2.848   1.360   2.196   1.00 5.22   ? 106 ALA A CB  1 
ATOM   454  N N   . CYS A 1 68 ? 4.891   3.122   0.439   1.00 8.06   ? 107 CYS A N   1 
ATOM   455  C CA  . CYS A 1 68 ? 5.239   3.507   -0.901  1.00 8.95   ? 107 CYS A CA  1 
ATOM   456  C C   . CYS A 1 68 ? 5.605   2.226   -1.647  1.00 10.66  ? 107 CYS A C   1 
ATOM   457  O O   . CYS A 1 68 ? 6.335   1.355   -1.138  1.00 6.45   ? 107 CYS A O   1 
ATOM   458  C CB  . CYS A 1 68 ? 6.362   4.562   -0.914  1.00 7.55   ? 107 CYS A CB  1 
ATOM   459  S SG  . CYS A 1 68 ? 8.007   4.003   -0.347  1.00 11.58  ? 107 CYS A SG  1 
ATOM   460  N N   . THR A 1 69 ? 5.103   2.128   -2.870  1.00 10.55  ? 108 THR A N   1 
ATOM   461  C CA  . THR A 1 69 ? 5.384   0.987   -3.698  1.00 6.85   ? 108 THR A CA  1 
ATOM   462  C C   . THR A 1 69 ? 6.041   1.602   -4.902  1.00 12.35  ? 108 THR A C   1 
ATOM   463  O O   . THR A 1 69 ? 5.507   2.530   -5.525  1.00 8.50   ? 108 THR A O   1 
ATOM   464  C CB  . THR A 1 69 ? 4.072   0.205   -4.095  1.00 7.35   ? 108 THR A CB  1 
ATOM   465  O OG1 . THR A 1 69 ? 3.790   -0.830  -3.138  1.00 4.77   ? 108 THR A OG1 1 
ATOM   466  C CG2 . THR A 1 69 ? 4.174   -0.428  -5.490  1.00 8.34   ? 108 THR A CG2 1 
ATOM   467  N N   . ALA A 1 70 ? 7.247   1.121   -5.173  1.00 17.50  ? 109 ALA A N   1 
ATOM   468  C CA  . ALA A 1 70 ? 7.974   1.471   -6.370  1.00 10.81  ? 109 ALA A CA  1 
ATOM   469  C C   . ALA A 1 70 ? 7.682   0.377   -7.371  1.00 18.00  ? 109 ALA A C   1 
ATOM   470  O O   . ALA A 1 70 ? 8.164   -0.765  -7.232  1.00 26.76  ? 109 ALA A O   1 
ATOM   471  C CB  . ALA A 1 70 ? 9.441   1.560   -6.088  1.00 11.41  ? 109 ALA A CB  1 
ATOM   472  N N   . ALA A 1 71 ? 6.862   0.709   -8.361  1.00 21.20  ? 110 ALA A N   1 
ATOM   473  C CA  . ALA A 1 71 ? 6.549   -0.260  -9.398  1.00 30.67  ? 110 ALA A CA  1 
ATOM   474  C C   . ALA A 1 71 ? 7.174   0.105   -10.739 1.00 28.40  ? 110 ALA A C   1 
ATOM   475  O O   . ALA A 1 71 ? 7.125   1.254   -11.188 1.00 25.78  ? 110 ALA A O   1 
ATOM   476  C CB  . ALA A 1 71 ? 5.052   -0.438  -9.536  1.00 40.45  ? 110 ALA A CB  1 
ATOM   477  N N   . ARG A 1 72 ? 7.786   -0.888  -11.361 1.00 25.80  ? 111 ARG A N   1 
ATOM   478  C CA  . ARG A 1 72 ? 8.193   -0.781  -12.747 1.00 48.72  ? 111 ARG A CA  1 
ATOM   479  C C   . ARG A 1 72 ? 7.574   -1.972  -13.460 1.00 62.67  ? 111 ARG A C   1 
ATOM   480  O O   . ARG A 1 72 ? 6.899   -2.790  -12.827 1.00 61.64  ? 111 ARG A O   1 
ATOM   481  C CB  . ARG A 1 72 ? 9.719   -0.776  -12.879 1.00 40.84  ? 111 ARG A CB  1 
ATOM   482  C CG  . ARG A 1 72 ? 10.456  -1.102  -11.590 1.00 35.63  ? 111 ARG A CG  1 
ATOM   483  C CD  . ARG A 1 72 ? 11.950  -0.892  -11.727 1.00 24.54  ? 111 ARG A CD  1 
ATOM   484  N NE  . ARG A 1 72 ? 12.680  -2.154  -11.704 1.00 47.74  ? 111 ARG A NE  1 
ATOM   485  C CZ  . ARG A 1 72 ? 13.996  -2.259  -11.866 1.00 60.24  ? 111 ARG A CZ  1 
ATOM   486  N NH1 . ARG A 1 72 ? 14.728  -1.163  -12.071 1.00 42.61  ? 111 ARG A NH1 1 
ATOM   487  N NH2 . ARG A 1 72 ? 14.578  -3.458  -11.826 1.00 24.77  ? 111 ARG A NH2 1 
ATOM   488  N N   . THR A 1 73 ? 7.788   -2.061  -14.769 1.00 65.82  ? 112 THR A N   1 
ATOM   489  C CA  . THR A 1 73 ? 7.261   -3.173  -15.558 1.00 77.32  ? 112 THR A CA  1 
ATOM   490  C C   . THR A 1 73 ? 7.698   -4.540  -15.002 1.00 66.80  ? 112 THR A C   1 
ATOM   491  O O   . THR A 1 73 ? 6.878   -5.440  -14.838 1.00 71.83  ? 112 THR A O   1 
ATOM   492  C CB  . THR A 1 73 ? 7.665   -3.056  -17.050 1.00 84.36  ? 112 THR A CB  1 
ATOM   493  O OG1 . THR A 1 73 ? 9.012   -3.515  -17.225 1.00 87.85  ? 112 THR A OG1 1 
ATOM   494  C CG2 . THR A 1 73 ? 7.550   -1.608  -17.539 1.00 61.65  ? 112 THR A CG2 1 
ATOM   495  N N   . VAL A 1 74 ? 8.983   -4.685  -14.690 1.00 49.87  ? 113 VAL A N   1 
ATOM   496  C CA  . VAL A 1 74 ? 9.517   -5.965  -14.217 1.00 61.93  ? 113 VAL A CA  1 
ATOM   497  C C   . VAL A 1 74 ? 9.026   -6.350  -12.821 1.00 68.69  ? 113 VAL A C   1 
ATOM   498  O O   . VAL A 1 74 ? 8.573   -7.481  -12.608 1.00 48.34  ? 113 VAL A O   1 
ATOM   499  C CB  . VAL A 1 74 ? 11.073  -5.971  -14.226 1.00 54.91  ? 113 VAL A CB  1 
ATOM   500  C CG1 . VAL A 1 74 ? 11.606  -4.587  -13.901 1.00 58.50  ? 113 VAL A CG1 1 
ATOM   501  C CG2 . VAL A 1 74 ? 11.636  -7.021  -13.243 1.00 33.03  ? 113 VAL A CG2 1 
ATOM   502  N N   . ASP A 1 75 ? 9.123   -5.414  -11.878 1.00 69.23  ? 114 ASP A N   1 
ATOM   503  C CA  . ASP A 1 75 ? 8.899   -5.728  -10.472 1.00 48.24  ? 114 ASP A CA  1 
ATOM   504  C C   . ASP A 1 75 ? 8.132   -4.621  -9.762  1.00 43.07  ? 114 ASP A C   1 
ATOM   505  O O   . ASP A 1 75 ? 7.759   -3.627  -10.384 1.00 38.89  ? 114 ASP A O   1 
ATOM   506  C CB  . ASP A 1 75 ? 10.233  -6.008  -9.767  1.00 37.33  ? 114 ASP A CB  1 
ATOM   507  C CG  . ASP A 1 75 ? 11.176  -4.819  -9.805  1.00 55.00  ? 114 ASP A CG  1 
ATOM   508  O OD1 . ASP A 1 75 ? 10.775  -3.722  -9.360  1.00 52.20  ? 114 ASP A OD1 1 
ATOM   509  O OD2 . ASP A 1 75 ? 12.322  -4.971  -10.280 1.00 49.99  ? 114 ASP A OD2 1 
ATOM   510  N N   . SER A 1 76 ? 7.920   -4.799  -8.457  1.00 50.11  ? 115 SER A N   1 
ATOM   511  C CA  . SER A 1 76 ? 7.115   -3.878  -7.671  1.00 33.66  ? 115 SER A CA  1 
ATOM   512  C C   . SER A 1 76 ? 7.474   -4.050  -6.192  1.00 29.16  ? 115 SER A C   1 
ATOM   513  O O   . SER A 1 76 ? 6.880   -4.868  -5.502  1.00 37.39  ? 115 SER A O   1 
ATOM   514  C CB  . SER A 1 76 ? 5.621   -4.161  -7.917  1.00 23.00  ? 115 SER A CB  1 
ATOM   515  O OG  . SER A 1 76 ? 4.780   -3.106  -7.481  1.00 24.57  ? 115 SER A OG  1 
ATOM   516  N N   . GLU A 1 77 ? 8.476   -3.308  -5.727  1.00 23.73  ? 116 GLU A N   1 
ATOM   517  C CA  . GLU A 1 77 ? 8.979   -3.416  -4.341  1.00 24.77  ? 116 GLU A CA  1 
ATOM   518  C C   . GLU A 1 77 ? 8.281   -2.413  -3.422  1.00 17.71  ? 116 GLU A C   1 
ATOM   519  O O   . GLU A 1 77 ? 7.837   -1.369  -3.884  1.00 12.52  ? 116 GLU A O   1 
ATOM   520  C CB  . GLU A 1 77 ? 10.491  -3.221  -4.297  1.00 25.95  ? 116 GLU A CB  1 
ATOM   521  C CG  . GLU A 1 77 ? 11.116  -3.471  -2.946  1.00 30.69  ? 116 GLU A CG  1 
ATOM   522  C CD  . GLU A 1 77 ? 12.612  -3.297  -3.000  1.00 43.31  ? 116 GLU A CD  1 
ATOM   523  O OE1 . GLU A 1 77 ? 13.106  -2.986  -4.100  1.00 32.88  ? 116 GLU A OE1 1 
ATOM   524  O OE2 . GLU A 1 77 ? 13.285  -3.426  -1.954  1.00 36.41  ? 116 GLU A OE2 1 
ATOM   525  N N   . THR A 1 78 ? 8.154   -2.723  -2.134  1.00 14.65  ? 117 THR A N   1 
ATOM   526  C CA  . THR A 1 78 ? 7.285   -1.920  -1.265  1.00 11.13  ? 117 THR A CA  1 
ATOM   527  C C   . THR A 1 78 ? 7.824   -1.703  0.154   1.00 9.49   ? 117 THR A C   1 
ATOM   528  O O   . THR A 1 78 ? 8.310   -2.632  0.786   1.00 15.06  ? 117 THR A O   1 
ATOM   529  C CB  . THR A 1 78 ? 5.873   -2.578  -1.175  1.00 5.98   ? 117 THR A CB  1 
ATOM   530  O OG1 . THR A 1 78 ? 5.368   -2.798  -2.496  1.00 9.74   ? 117 THR A OG1 1 
ATOM   531  C CG2 . THR A 1 78 ? 4.896   -1.730  -0.403  1.00 3.73   ? 117 THR A CG2 1 
ATOM   532  N N   . TRP A 1 79 ? 7.708   -0.471  0.649   1.00 12.01  ? 118 TRP A N   1 
ATOM   533  C CA  . TRP A 1 79 ? 8.151   -0.111  2.002   1.00 9.37   ? 118 TRP A CA  1 
ATOM   534  C C   . TRP A 1 79 ? 7.014   0.478   2.788   1.00 5.66   ? 118 TRP A C   1 
ATOM   535  O O   . TRP A 1 79 ? 6.182   1.199   2.232   1.00 7.10   ? 118 TRP A O   1 
ATOM   536  C CB  . TRP A 1 79 ? 9.281   0.935   1.984   1.00 10.63  ? 118 TRP A CB  1 
ATOM   537  C CG  . TRP A 1 79 ? 10.596  0.453   1.481   1.00 13.52  ? 118 TRP A CG  1 
ATOM   538  C CD1 . TRP A 1 79 ? 10.917  -0.814  1.112   1.00 20.09  ? 118 TRP A CD1 1 
ATOM   539  C CD2 . TRP A 1 79 ? 11.769  1.242   1.284   1.00 25.97  ? 118 TRP A CD2 1 
ATOM   540  N NE1 . TRP A 1 79 ? 12.222  -0.869  0.700   1.00 26.68  ? 118 TRP A NE1 1 
ATOM   541  C CE2 . TRP A 1 79 ? 12.771  0.380   0.797   1.00 35.38  ? 118 TRP A CE2 1 
ATOM   542  C CE3 . TRP A 1 79 ? 12.072  2.599   1.471   1.00 19.50  ? 118 TRP A CE3 1 
ATOM   543  C CZ2 . TRP A 1 79 ? 14.057  0.828   0.492   1.00 36.22  ? 118 TRP A CZ2 1 
ATOM   544  C CZ3 . TRP A 1 79 ? 13.342  3.040   1.171   1.00 23.40  ? 118 TRP A CZ3 1 
ATOM   545  C CH2 . TRP A 1 79 ? 14.323  2.158   0.687   1.00 36.75  ? 118 TRP A CH2 1 
ATOM   546  N N   . ILE A 1 80 ? 6.963   0.153   4.075   1.00 4.86   ? 119 ILE A N   1 
ATOM   547  C CA  . ILE A 1 80 ? 5.890   0.633   4.932   1.00 8.60   ? 119 ILE A CA  1 
ATOM   548  C C   . ILE A 1 80 ? 6.463   1.416   6.118   1.00 5.57   ? 119 ILE A C   1 
ATOM   549  O O   . ILE A 1 80 ? 7.547   1.142   6.597   1.00 7.99   ? 119 ILE A O   1 
ATOM   550  C CB  . ILE A 1 80 ? 4.959   -0.517  5.377   1.00 8.65   ? 119 ILE A CB  1 
ATOM   551  C CG1 . ILE A 1 80 ? 5.735   -1.589  6.109   1.00 8.28   ? 119 ILE A CG1 1 
ATOM   552  C CG2 . ILE A 1 80 ? 4.346   -1.173  4.183   1.00 5.40   ? 119 ILE A CG2 1 
ATOM   553  C CD1 . ILE A 1 80 ? 4.869   -2.780  6.475   1.00 20.01  ? 119 ILE A CD1 1 
ATOM   554  N N   . PHE A 1 81 ? 5.727   2.409   6.563   1.00 2.92   ? 120 PHE A N   1 
ATOM   555  C CA  . PHE A 1 81 ? 6.158   3.295   7.612   1.00 4.09   ? 120 PHE A CA  1 
ATOM   556  C C   . PHE A 1 81 ? 4.948   3.447   8.502   1.00 4.64   ? 120 PHE A C   1 
ATOM   557  O O   . PHE A 1 81 ? 3.858   3.713   8.004   1.00 5.57   ? 120 PHE A O   1 
ATOM   558  C CB  . PHE A 1 81 ? 6.543   4.672   7.007   1.00 9.19   ? 120 PHE A CB  1 
ATOM   559  C CG  . PHE A 1 81 ? 7.381   4.574   5.744   1.00 6.79   ? 120 PHE A CG  1 
ATOM   560  C CD1 . PHE A 1 81 ? 6.787   4.532   4.499   1.00 9.37   ? 120 PHE A CD1 1 
ATOM   561  C CD2 . PHE A 1 81 ? 8.745   4.497   5.803   1.00 6.93   ? 120 PHE A CD2 1 
ATOM   562  C CE1 . PHE A 1 81 ? 7.549   4.424   3.355   1.00 7.66   ? 120 PHE A CE1 1 
ATOM   563  C CE2 . PHE A 1 81 ? 9.481   4.393   4.667   1.00 5.82   ? 120 PHE A CE2 1 
ATOM   564  C CZ  . PHE A 1 81 ? 8.881   4.360   3.449   1.00 4.88   ? 120 PHE A CZ  1 
ATOM   565  N N   . MET A 1 82 ? 5.100   3.276   9.807   1.00 5.62   ? 121 MET A N   1 
ATOM   566  C CA  . MET A 1 82 ? 3.994   3.558   10.721  1.00 6.83   ? 121 MET A CA  1 
ATOM   567  C C   . MET A 1 82 ? 4.152   4.926   11.333  1.00 11.48  ? 121 MET A C   1 
ATOM   568  O O   . MET A 1 82 ? 5.094   5.184   12.083  1.00 14.74  ? 121 MET A O   1 
ATOM   569  C CB  . MET A 1 82 ? 3.917   2.503   11.820  1.00 15.09  ? 121 MET A CB  1 
ATOM   570  C CG  . MET A 1 82 ? 2.839   2.776   12.878  1.00 20.06  ? 121 MET A CG  1 
ATOM   571  S SD  . MET A 1 82 ? 1.126   2.756   12.265  1.00 62.57  ? 121 MET A SD  1 
ATOM   572  C CE  . MET A 1 82 ? 1.094   1.220   11.357  1.00 18.15  ? 121 MET A CE  1 
ATOM   573  N N   . VAL A 1 83 ? 3.229   5.813   11.002  1.00 9.35   ? 122 VAL A N   1 
ATOM   574  C CA  . VAL A 1 83 ? 3.365   7.198   11.412  1.00 8.45   ? 122 VAL A CA  1 
ATOM   575  C C   . VAL A 1 83 ? 2.434   7.503   12.560  1.00 7.35   ? 122 VAL A C   1 
ATOM   576  O O   . VAL A 1 83 ? 1.241   7.339   12.456  1.00 10.75  ? 122 VAL A O   1 
ATOM   577  C CB  . VAL A 1 83 ? 3.084   8.144   10.221  1.00 6.29   ? 122 VAL A CB  1 
ATOM   578  C CG1 . VAL A 1 83 ? 2.982   9.586   10.679  1.00 8.18   ? 122 VAL A CG1 1 
ATOM   579  C CG2 . VAL A 1 83 ? 4.149   7.989   9.153   1.00 4.95   ? 122 VAL A CG2 1 
ATOM   580  N N   . ASN A 1 84 ? 2.982   7.990   13.652  1.00 14.02  ? 123 ASN A N   1 
ATOM   581  C CA  . ASN A 1 84 ? 2.167   8.385   14.788  1.00 23.14  ? 123 ASN A CA  1 
ATOM   582  C C   . ASN A 1 84 ? 2.413   9.880   15.039  1.00 24.20  ? 123 ASN A C   1 
ATOM   583  O O   . ASN A 1 84 ? 3.499   10.257  15.455  1.00 21.12  ? 123 ASN A O   1 
ATOM   584  C CB  . ASN A 1 84 ? 2.502   7.508   16.015  1.00 20.98  ? 123 ASN A CB  1 
ATOM   585  C CG  . ASN A 1 84 ? 1.321   7.326   16.973  1.00 37.97  ? 123 ASN A CG  1 
ATOM   586  O OD1 . ASN A 1 84 ? 0.406   6.525   16.728  1.00 43.07  ? 123 ASN A OD1 1 
ATOM   587  N ND2 . ASN A 1 84 ? 1.355   8.051   18.088  1.00 42.75  ? 123 ASN A ND2 1 
ATOM   588  N N   . VAL A 1 85 ? 1.429   10.726  14.712  1.00 33.89  ? 124 VAL A N   1 
ATOM   589  C CA  . VAL A 1 85 ? 1.510   12.168  14.969  1.00 30.24  ? 124 VAL A CA  1 
ATOM   590  C C   . VAL A 1 85 ? 0.962   12.489  16.344  1.00 38.14  ? 124 VAL A C   1 
ATOM   591  O O   . VAL A 1 85 ? -0.250  12.509  16.529  1.00 34.40  ? 124 VAL A O   1 
ATOM   592  C CB  . VAL A 1 85 ? 0.691   12.968  13.942  1.00 25.43  ? 124 VAL A CB  1 
ATOM   593  C CG1 . VAL A 1 85 ? 0.945   14.455  14.075  1.00 23.16  ? 124 VAL A CG1 1 
ATOM   594  C CG2 . VAL A 1 85 ? 0.969   12.469  12.538  1.00 27.54  ? 124 VAL A CG2 1 
ATOM   595  N N   . THR A 1 86 ? 1.837   12.836  17.283  1.00 36.28  ? 125 THR A N   1 
ATOM   596  C CA  . THR A 1 86 ? 1.412   12.998  18.668  1.00 39.46  ? 125 THR A CA  1 
ATOM   597  C C   . THR A 1 86 ? 2.205   14.033  19.471  1.00 51.45  ? 125 THR A C   1 
ATOM   598  O O   . THR A 1 86 ? 3.345   14.364  19.141  1.00 34.94  ? 125 THR A O   1 
ATOM   599  C CB  . THR A 1 86 ? 1.511   11.643  19.402  1.00 46.00  ? 125 THR A CB  1 
ATOM   600  O OG1 . THR A 1 86 ? 1.064   11.778  20.758  1.00 49.33  ? 125 THR A OG1 1 
ATOM   601  C CG2 . THR A 1 86 ? 2.943   11.161  19.407  1.00 37.50  ? 125 THR A CG2 1 
ATOM   602  N N   . ASP A 1 87 ? 1.564   14.556  20.514  1.00 60.16  ? 126 ASP A N   1 
ATOM   603  C CA  . ASP A 1 87 ? 2.218   15.408  21.504  1.00 47.16  ? 126 ASP A CA  1 
ATOM   604  C C   . ASP A 1 87 ? 2.842   14.564  22.622  1.00 53.49  ? 126 ASP A C   1 
ATOM   605  O O   . ASP A 1 87 ? 3.508   15.090  23.517  1.00 56.11  ? 126 ASP A O   1 
ATOM   606  C CB  . ASP A 1 87 ? 1.211   16.397  22.096  1.00 42.04  ? 126 ASP A CB  1 
ATOM   607  C CG  . ASP A 1 87 ? 1.308   17.793  21.465  1.00 66.21  ? 126 ASP A CG  1 
ATOM   608  O OD1 . ASP A 1 87 ? 2.428   18.235  21.100  1.00 49.07  ? 126 ASP A OD1 1 
ATOM   609  O OD2 . ASP A 1 87 ? 0.248   18.448  21.330  1.00 62.45  ? 126 ASP A OD2 1 
ATOM   610  N N   . ALA A 1 88 ? 2.614   13.254  22.568  1.00 69.60  ? 127 ALA A N   1 
ATOM   611  C CA  . ALA A 1 88 ? 3.159   12.322  23.558  1.00 72.34  ? 127 ALA A CA  1 
ATOM   612  C C   . ALA A 1 88 ? 4.522   11.773  23.145  1.00 55.86  ? 127 ALA A C   1 
ATOM   613  O O   . ALA A 1 88 ? 5.117   10.967  23.863  1.00 39.77  ? 127 ALA A O   1 
ATOM   614  C CB  . ALA A 1 88 ? 2.180   11.171  23.793  1.00 67.39  ? 127 ALA A CB  1 
ATOM   615  N N   . PRO B 1 8  ? -0.647  -4.780  9.420   1.00 19.13  ? 47  PRO B N   1 
ATOM   616  C CA  . PRO B 1 8  ? -0.241  -5.119  8.049   1.00 22.76  ? 47  PRO B CA  1 
ATOM   617  C C   . PRO B 1 8  ? 0.206   -6.577  7.976   1.00 20.58  ? 47  PRO B C   1 
ATOM   618  O O   . PRO B 1 8  ? 1.210   -6.918  8.590   1.00 20.09  ? 47  PRO B O   1 
ATOM   619  C CB  . PRO B 1 8  ? 0.929   -4.159  7.780   1.00 13.47  ? 47  PRO B CB  1 
ATOM   620  C CG  . PRO B 1 8  ? 1.470   -3.823  9.158   1.00 16.87  ? 47  PRO B CG  1 
ATOM   621  C CD  . PRO B 1 8  ? 0.498   -4.321  10.217  1.00 20.16  ? 47  PRO B CD  1 
ATOM   622  N N   . GLU B 1 9  ? -0.517  -7.413  7.237   1.00 19.75  ? 48  GLU B N   1 
ATOM   623  C CA  . GLU B 1 9  ? -0.231  -8.845  7.200   1.00 17.77  ? 48  GLU B CA  1 
ATOM   624  C C   . GLU B 1 9  ? 0.644   -9.201  5.996   1.00 22.72  ? 48  GLU B C   1 
ATOM   625  O O   . GLU B 1 9  ? 0.531   -8.583  4.924   1.00 24.29  ? 48  GLU B O   1 
ATOM   626  C CB  . GLU B 1 9  ? -1.554  -9.626  7.143   1.00 23.41  ? 48  GLU B CB  1 
ATOM   627  C CG  . GLU B 1 9  ? -1.480  -11.159 7.006   1.00 22.16  ? 48  GLU B CG  1 
ATOM   628  C CD  . GLU B 1 9  ? -2.865  -11.825 7.155   1.00 34.91  ? 48  GLU B CD  1 
ATOM   629  O OE1 . GLU B 1 9  ? -3.716  -11.274 7.883   1.00 30.20  ? 48  GLU B OE1 1 
ATOM   630  O OE2 . GLU B 1 9  ? -3.120  -12.889 6.537   1.00 27.11  ? 48  GLU B OE2 1 
ATOM   631  N N   . ALA B 1 10 ? 1.544   -10.173 6.190   1.00 22.71  ? 49  ALA B N   1 
ATOM   632  C CA  . ALA B 1 10 ? 2.460   -10.632 5.134   1.00 9.81   ? 49  ALA B CA  1 
ATOM   633  C C   . ALA B 1 10 ? 1.903   -11.807 4.352   1.00 18.46  ? 49  ALA B C   1 
ATOM   634  O O   . ALA B 1 10 ? 1.389   -12.758 4.924   1.00 25.85  ? 49  ALA B O   1 
ATOM   635  C CB  . ALA B 1 10 ? 3.788   -10.999 5.720   1.00 5.42   ? 49  ALA B CB  1 
ATOM   636  N N   . TYR B 1 11 ? 1.982   -11.749 3.039   1.00 17.05  ? 50  TYR B N   1 
ATOM   637  C CA  . TYR B 1 11 ? 1.551   -12.886 2.246   1.00 15.77  ? 50  TYR B CA  1 
ATOM   638  C C   . TYR B 1 11 ? 2.639   -13.105 1.208   1.00 25.67  ? 50  TYR B C   1 
ATOM   639  O O   . TYR B 1 11 ? 2.919   -12.216 0.380   1.00 28.74  ? 50  TYR B O   1 
ATOM   640  C CB  . TYR B 1 11 ? 0.190   -12.593 1.610   1.00 21.53  ? 50  TYR B CB  1 
ATOM   641  C CG  . TYR B 1 11 ? -0.358  -13.676 0.709   1.00 32.24  ? 50  TYR B CG  1 
ATOM   642  C CD1 . TYR B 1 11 ? -0.982  -14.813 1.228   1.00 13.49  ? 50  TYR B CD1 1 
ATOM   643  C CD2 . TYR B 1 11 ? -0.279  -13.539 -0.671  1.00 30.14  ? 50  TYR B CD2 1 
ATOM   644  C CE1 . TYR B 1 11 ? -1.479  -15.795 0.378   1.00 15.52  ? 50  TYR B CE1 1 
ATOM   645  C CE2 . TYR B 1 11 ? -0.777  -14.500 -1.520  1.00 23.89  ? 50  TYR B CE2 1 
ATOM   646  C CZ  . TYR B 1 11 ? -1.371  -15.620 -1.005  1.00 24.13  ? 50  TYR B CZ  1 
ATOM   647  O OH  . TYR B 1 11 ? -1.847  -16.542 -1.912  1.00 30.70  ? 50  TYR B OH  1 
ATOM   648  N N   . VAL B 1 12 ? 3.304   -14.253 1.279   1.00 23.50  ? 51  VAL B N   1 
ATOM   649  C CA  . VAL B 1 12 ? 4.291   -14.571 0.266   1.00 23.71  ? 51  VAL B CA  1 
ATOM   650  C C   . VAL B 1 12 ? 3.777   -15.686 -0.626  1.00 26.13  ? 51  VAL B C   1 
ATOM   651  O O   . VAL B 1 12 ? 3.250   -16.694 -0.143  1.00 33.59  ? 51  VAL B O   1 
ATOM   652  C CB  . VAL B 1 12 ? 5.652   -14.895 0.903   1.00 20.98  ? 51  VAL B CB  1 
ATOM   653  C CG1 . VAL B 1 12 ? 6.637   -15.380 -0.144  1.00 14.14  ? 51  VAL B CG1 1 
ATOM   654  C CG2 . VAL B 1 12 ? 6.179   -13.651 1.612   1.00 21.58  ? 51  VAL B CG2 1 
ATOM   655  N N   . VAL B 1 13 ? 3.874   -15.473 -1.930  1.00 20.25  ? 52  VAL B N   1 
ATOM   656  C CA  . VAL B 1 13 ? 3.454   -16.478 -2.887  1.00 18.93  ? 52  VAL B CA  1 
ATOM   657  C C   . VAL B 1 13 ? 4.575   -16.712 -3.897  1.00 30.35  ? 52  VAL B C   1 
ATOM   658  O O   . VAL B 1 13 ? 5.385   -15.821 -4.180  1.00 20.99  ? 52  VAL B O   1 
ATOM   659  C CB  . VAL B 1 13 ? 2.142   -16.081 -3.604  1.00 23.50  ? 52  VAL B CB  1 
ATOM   660  C CG1 . VAL B 1 13 ? 2.403   -15.137 -4.773  1.00 23.33  ? 52  VAL B CG1 1 
ATOM   661  C CG2 . VAL B 1 13 ? 1.403   -17.335 -4.078  1.00 31.23  ? 52  VAL B CG2 1 
ATOM   662  N N   . ALA B 1 14 ? 4.670   -17.952 -4.361  1.00 40.79  ? 53  ALA B N   1 
ATOM   663  C CA  . ALA B 1 14 ? 5.631   -18.318 -5.386  1.00 31.73  ? 53  ALA B CA  1 
ATOM   664  C C   . ALA B 1 14 ? 5.051   -17.965 -6.760  1.00 25.79  ? 53  ALA B C   1 
ATOM   665  O O   . ALA B 1 14 ? 3.835   -18.053 -6.978  1.00 34.47  ? 53  ALA B O   1 
ATOM   666  C CB  . ALA B 1 14 ? 5.937   -19.817 -5.297  1.00 35.95  ? 53  ALA B CB  1 
ATOM   667  N N   . PRO B 1 15 ? 5.907   -17.527 -7.685  1.00 22.33  ? 54  PRO B N   1 
ATOM   668  C CA  . PRO B 1 15 ? 5.420   -17.200 -9.025  1.00 21.93  ? 54  PRO B CA  1 
ATOM   669  C C   . PRO B 1 15 ? 4.683   -18.361 -9.656  1.00 26.43  ? 54  PRO B C   1 
ATOM   670  O O   . PRO B 1 15 ? 4.977   -19.526 -9.348  1.00 28.34  ? 54  PRO B O   1 
ATOM   671  C CB  . PRO B 1 15 ? 6.709   -16.881 -9.793  1.00 19.48  ? 54  PRO B CB  1 
ATOM   672  C CG  . PRO B 1 15 ? 7.618   -16.342 -8.746  1.00 21.73  ? 54  PRO B CG  1 
ATOM   673  C CD  . PRO B 1 15 ? 7.330   -17.181 -7.524  1.00 25.99  ? 54  PRO B CD  1 
ATOM   674  N N   . GLY B 1 16 ? 3.654   -18.039 -10.431 1.00 25.26  ? 55  GLY B N   1 
ATOM   675  C CA  . GLY B 1 16 ? 2.888   -19.057 -11.111 1.00 22.38  ? 55  GLY B CA  1 
ATOM   676  C C   . GLY B 1 16 ? 1.746   -19.565 -10.269 1.00 29.27  ? 55  GLY B C   1 
ATOM   677  O O   . GLY B 1 16 ? 0.723   -19.965 -10.803 1.00 35.17  ? 55  GLY B O   1 
ATOM   678  N N   . GLU B 1 17 ? 1.918   -19.549 -8.952  1.00 30.36  ? 56  GLU B N   1 
ATOM   679  C CA  . GLU B 1 17 ? 0.875   -20.029 -8.059  1.00 22.00  ? 56  GLU B CA  1 
ATOM   680  C C   . GLU B 1 17 ? -0.273  -19.022 -7.938  1.00 36.88  ? 56  GLU B C   1 
ATOM   681  O O   . GLU B 1 17 ? -0.215  -17.907 -8.484  1.00 35.80  ? 56  GLU B O   1 
ATOM   682  C CB  . GLU B 1 17 ? 1.453   -20.349 -6.680  1.00 29.51  ? 56  GLU B CB  1 
ATOM   683  C CG  . GLU B 1 17 ? 2.610   -21.336 -6.729  1.00 32.56  ? 56  GLU B CG  1 
ATOM   684  C CD  . GLU B 1 17 ? 2.213   -22.655 -7.381  1.00 40.31  ? 56  GLU B CD  1 
ATOM   685  O OE1 . GLU B 1 17 ? 1.031   -23.047 -7.275  1.00 41.78  ? 56  GLU B OE1 1 
ATOM   686  O OE2 . GLU B 1 17 ? 3.080   -23.290 -8.024  1.00 38.74  ? 56  GLU B OE2 1 
ATOM   687  N N   . SER B 1 18 ? -1.302  -19.395 -7.182  1.00 33.06  ? 57  SER B N   1 
ATOM   688  C CA  . SER B 1 18 ? -2.465  -18.535 -7.064  1.00 24.48  ? 57  SER B CA  1 
ATOM   689  C C   . SER B 1 18 ? -2.413  -17.696 -5.798  1.00 27.67  ? 57  SER B C   1 
ATOM   690  O O   . SER B 1 18 ? -2.373  -18.216 -4.682  1.00 24.06  ? 57  SER B O   1 
ATOM   691  C CB  . SER B 1 18 ? -3.764  -19.342 -7.134  1.00 21.49  ? 57  SER B CB  1 
ATOM   692  O OG  . SER B 1 18 ? -4.105  -19.588 -8.488  1.00 20.90  ? 57  SER B OG  1 
ATOM   693  N N   . LEU B 1 19 ? -2.438  -16.383 -6.018  1.00 24.67  ? 58  LEU B N   1 
ATOM   694  C CA  . LEU B 1 19 ? -2.521  -15.379 -4.979  1.00 17.68  ? 58  LEU B CA  1 
ATOM   695  C C   . LEU B 1 19 ? -3.954  -15.317 -4.442  1.00 15.25  ? 58  LEU B C   1 
ATOM   696  O O   . LEU B 1 19 ? -4.861  -14.922 -5.155  1.00 14.72  ? 58  LEU B O   1 
ATOM   697  C CB  . LEU B 1 19 ? -2.125  -14.047 -5.611  1.00 13.47  ? 58  LEU B CB  1 
ATOM   698  C CG  . LEU B 1 19 ? -1.664  -12.859 -4.790  1.00 14.13  ? 58  LEU B CG  1 
ATOM   699  C CD1 . LEU B 1 19 ? -1.120  -11.806 -5.728  1.00 11.15  ? 58  LEU B CD1 1 
ATOM   700  C CD2 . LEU B 1 19 ? -2.806  -12.292 -3.968  1.00 15.20  ? 58  LEU B CD2 1 
ATOM   701  N N   . GLU B 1 20 ? -4.150  -15.672 -3.171  1.00 20.35  ? 59  GLU B N   1 
ATOM   702  C CA  . GLU B 1 20 ? -5.484  -15.636 -2.540  1.00 15.15  ? 59  GLU B CA  1 
ATOM   703  C C   . GLU B 1 20 ? -5.525  -14.860 -1.232  1.00 8.81   ? 59  GLU B C   1 
ATOM   704  O O   . GLU B 1 20 ? -4.893  -15.234 -0.255  1.00 13.53  ? 59  GLU B O   1 
ATOM   705  C CB  . GLU B 1 20 ? -6.033  -17.060 -2.296  1.00 23.78  ? 59  GLU B CB  1 
ATOM   706  C CG  . GLU B 1 20 ? -6.482  -17.802 -3.566  1.00 27.83  ? 59  GLU B CG  1 
ATOM   707  C CD  . GLU B 1 20 ? -7.086  -19.173 -3.282  1.00 31.42  ? 59  GLU B CD  1 
ATOM   708  O OE1 . GLU B 1 20 ? -6.783  -19.745 -2.215  1.00 44.88  ? 59  GLU B OE1 1 
ATOM   709  O OE2 . GLU B 1 20 ? -7.888  -19.665 -4.116  1.00 29.68  ? 59  GLU B OE2 1 
ATOM   710  N N   . LEU B 1 21 ? -6.342  -13.827 -1.192  1.00 5.17   ? 60  LEU B N   1 
ATOM   711  C CA  . LEU B 1 21 ? -6.476  -13.031 0.004   1.00 6.80   ? 60  LEU B CA  1 
ATOM   712  C C   . LEU B 1 21 ? -7.860  -13.220 0.576   1.00 11.23  ? 60  LEU B C   1 
ATOM   713  O O   . LEU B 1 21 ? -8.839  -13.449 -0.162  1.00 11.07  ? 60  LEU B O   1 
ATOM   714  C CB  . LEU B 1 21 ? -6.256  -11.560 -0.319  1.00 5.29   ? 60  LEU B CB  1 
ATOM   715  C CG  . LEU B 1 21 ? -4.875  -11.272 -0.899  1.00 8.52   ? 60  LEU B CG  1 
ATOM   716  C CD1 . LEU B 1 21 ? -4.839  -9.872  -1.474  1.00 9.39   ? 60  LEU B CD1 1 
ATOM   717  C CD2 . LEU B 1 21 ? -3.815  -11.428 0.187   1.00 6.05   ? 60  LEU B CD2 1 
ATOM   718  N N   . GLN B 1 22 ? -7.944  -13.148 1.898   1.00 7.68   ? 61  GLN B N   1 
ATOM   719  C CA  . GLN B 1 22 ? -9.219  -13.303 2.553   1.00 9.18   ? 61  GLN B CA  1 
ATOM   720  C C   . GLN B 1 22 ? -9.412  -12.189 3.560   1.00 13.92  ? 61  GLN B C   1 
ATOM   721  O O   . GLN B 1 22 ? -8.671  -12.116 4.546   1.00 15.64  ? 61  GLN B O   1 
ATOM   722  C CB  . GLN B 1 22 ? -9.275  -14.645 3.246   1.00 15.86  ? 61  GLN B CB  1 
ATOM   723  C CG  . GLN B 1 22 ? -10.578 -14.935 3.937   1.00 19.24  ? 61  GLN B CG  1 
ATOM   724  C CD  . GLN B 1 22 ? -10.458 -16.130 4.830   1.00 17.18  ? 61  GLN B CD  1 
ATOM   725  O OE1 . GLN B 1 22 ? -9.396  -16.752 4.904   1.00 13.71  ? 61  GLN B OE1 1 
ATOM   726  N NE2 . GLN B 1 22 ? -11.545 -16.475 5.505   1.00 16.27  ? 61  GLN B NE2 1 
ATOM   727  N N   . CYS B 1 23 ? -10.442 -11.368 3.334   1.00 14.56  ? 62  CYS B N   1 
ATOM   728  C CA  . CYS B 1 23 ? -10.740 -10.206 4.170   1.00 12.64  ? 62  CYS B CA  1 
ATOM   729  C C   . CYS B 1 23 ? -11.311 -10.579 5.527   1.00 16.77  ? 62  CYS B C   1 
ATOM   730  O O   . CYS B 1 23 ? -11.717 -11.712 5.724   1.00 36.96  ? 62  CYS B O   1 
ATOM   731  C CB  . CYS B 1 23 ? -11.709 -9.269  3.441   1.00 13.52  ? 62  CYS B CB  1 
ATOM   732  S SG  . CYS B 1 23 ? -11.710 -7.554  4.064   1.00 13.83  ? 62  CYS B SG  1 
ATOM   733  N N   . MET B 1 24 ? -11.298 -9.648  6.480   1.00 23.21  ? 63  MET B N   1 
ATOM   734  C CA  . MET B 1 24 ? -11.682 -9.984  7.854   1.00 27.87  ? 63  MET B CA  1 
ATOM   735  C C   . MET B 1 24 ? -12.713 -9.045  8.562   1.00 37.36  ? 63  MET B C   1 
ATOM   736  O O   . MET B 1 24 ? -12.941 -7.895  8.150   1.00 31.39  ? 63  MET B O   1 
ATOM   737  C CB  . MET B 1 24 ? -10.396 -10.126 8.678   1.00 34.55  ? 63  MET B CB  1 
ATOM   738  C CG  . MET B 1 24 ? -9.372  -11.148 8.088   1.00 35.11  ? 63  MET B CG  1 
ATOM   739  S SD  . MET B 1 24 ? -9.985  -12.875 7.945   1.00 51.57  ? 63  MET B SD  1 
ATOM   740  C CE  . MET B 1 24 ? -8.497  -13.756 7.441   1.00 15.24  ? 63  MET B CE  1 
ATOM   741  N N   . LEU B 1 25 ? -13.313 -9.578  9.634   1.00 40.54  ? 64  LEU B N   1 
ATOM   742  C CA  . LEU B 1 25 ? -14.331 -8.918  10.480  1.00 36.33  ? 64  LEU B CA  1 
ATOM   743  C C   . LEU B 1 25 ? -15.488 -8.268  9.728   1.00 41.24  ? 64  LEU B C   1 
ATOM   744  O O   . LEU B 1 25 ? -16.647 -8.438  10.114  1.00 40.21  ? 64  LEU B O   1 
ATOM   745  C CB  . LEU B 1 25 ? -13.691 -7.907  11.440  1.00 33.76  ? 64  LEU B CB  1 
ATOM   746  C CG  . LEU B 1 25 ? -13.070 -8.442  12.750  1.00 43.40  ? 64  LEU B CG  1 
ATOM   747  C CD1 . LEU B 1 25 ? -12.230 -7.378  13.450  1.00 32.90  ? 64  LEU B CD1 1 
ATOM   748  C CD2 . LEU B 1 25 ? -14.101 -9.038  13.739  1.00 25.04  ? 64  LEU B CD2 1 
ATOM   749  N N   . ALA B 1 29 ? -21.063 -8.051  4.840   1.00 33.97  ? 68  ALA B N   1 
ATOM   750  C CA  . ALA B 1 29 ? -20.699 -6.786  4.205   1.00 27.24  ? 68  ALA B CA  1 
ATOM   751  C C   . ALA B 1 29 ? -19.997 -7.015  2.859   1.00 32.71  ? 68  ALA B C   1 
ATOM   752  O O   . ALA B 1 29 ? -19.235 -7.978  2.686   1.00 34.11  ? 68  ALA B O   1 
ATOM   753  C CB  . ALA B 1 29 ? -19.858 -5.929  5.144   1.00 23.56  ? 68  ALA B CB  1 
ATOM   754  N N   . VAL B 1 30 ? -20.269 -6.132  1.905   1.00 27.67  ? 69  VAL B N   1 
ATOM   755  C CA  . VAL B 1 30 ? -19.654 -6.228  0.580   1.00 46.67  ? 69  VAL B CA  1 
ATOM   756  C C   . VAL B 1 30 ? -18.235 -5.656  0.569   1.00 26.36  ? 69  VAL B C   1 
ATOM   757  O O   . VAL B 1 30 ? -18.011 -4.514  0.976   1.00 29.50  ? 69  VAL B O   1 
ATOM   758  C CB  . VAL B 1 30 ? -20.494 -5.481  -0.510  1.00 44.16  ? 69  VAL B CB  1 
ATOM   759  C CG1 . VAL B 1 30 ? -19.839 -5.598  -1.892  1.00 7.15   ? 69  VAL B CG1 1 
ATOM   760  C CG2 . VAL B 1 30 ? -21.926 -5.983  -0.528  1.00 55.53  ? 69  VAL B CG2 1 
ATOM   761  N N   . ILE B 1 31 ? -17.293 -6.457  0.087   1.00 11.67  ? 70  ILE B N   1 
ATOM   762  C CA  . ILE B 1 31 ? -15.880 -6.127  0.108   1.00 7.57   ? 70  ILE B CA  1 
ATOM   763  C C   . ILE B 1 31 ? -15.375 -5.559  -1.222  1.00 10.71  ? 70  ILE B C   1 
ATOM   764  O O   . ILE B 1 31 ? -15.647 -6.089  -2.303  1.00 6.91   ? 70  ILE B O   1 
ATOM   765  C CB  . ILE B 1 31 ? -15.037 -7.338  0.517   1.00 7.19   ? 70  ILE B CB  1 
ATOM   766  C CG1 . ILE B 1 31 ? -15.023 -7.454  2.036   1.00 7.50   ? 70  ILE B CG1 1 
ATOM   767  C CG2 . ILE B 1 31 ? -13.603 -7.157  0.100   1.00 6.92   ? 70  ILE B CG2 1 
ATOM   768  C CD1 . ILE B 1 31 ? -15.799 -8.624  2.557   1.00 22.86  ? 70  ILE B CD1 1 
ATOM   769  N N   . SER B 1 32 ? -14.650 -4.446  -1.126  1.00 17.64  ? 71  SER B N   1 
ATOM   770  C CA  . SER B 1 32 ? -13.999 -3.847  -2.273  1.00 5.11   ? 71  SER B CA  1 
ATOM   771  C C   . SER B 1 32 ? -12.483 -3.847  -2.061  1.00 9.08   ? 71  SER B C   1 
ATOM   772  O O   . SER B 1 32 ? -11.985 -3.534  -0.969  1.00 6.31   ? 71  SER B O   1 
ATOM   773  C CB  . SER B 1 32 ? -14.517 -2.450  -2.458  1.00 2.53   ? 71  SER B CB  1 
ATOM   774  O OG  . SER B 1 32 ? -13.876 -1.628  -1.529  1.00 8.17   ? 71  SER B OG  1 
ATOM   775  N N   . TRP B 1 33 ? -11.759 -4.188  -3.122  1.00 7.05   ? 72  TRP B N   1 
ATOM   776  C CA  . TRP B 1 33 ? -10.328 -4.371  -3.031  1.00 4.28   ? 72  TRP B CA  1 
ATOM   777  C C   . TRP B 1 33 ? -9.554  -3.273  -3.755  1.00 3.89   ? 72  TRP B C   1 
ATOM   778  O O   . TRP B 1 33 ? -9.905  -2.860  -4.871  1.00 3.00   ? 72  TRP B O   1 
ATOM   779  C CB  . TRP B 1 33 ? -9.960  -5.721  -3.637  1.00 4.80   ? 72  TRP B CB  1 
ATOM   780  C CG  . TRP B 1 33 ? -10.475 -6.873  -2.862  1.00 12.91  ? 72  TRP B CG  1 
ATOM   781  C CD1 . TRP B 1 33 ? -11.727 -7.438  -2.938  1.00 11.33  ? 72  TRP B CD1 1 
ATOM   782  C CD2 . TRP B 1 33 ? -9.751  -7.634  -1.885  1.00 11.02  ? 72  TRP B CD2 1 
ATOM   783  N NE1 . TRP B 1 33 ? -11.819 -8.493  -2.054  1.00 9.14   ? 72  TRP B NE1 1 
ATOM   784  C CE2 . TRP B 1 33 ? -10.627 -8.630  -1.396  1.00 6.52   ? 72  TRP B CE2 1 
ATOM   785  C CE3 . TRP B 1 33 ? -8.462  -7.555  -1.366  1.00 5.28   ? 72  TRP B CE3 1 
ATOM   786  C CZ2 . TRP B 1 33 ? -10.244 -9.540  -0.423  1.00 7.11   ? 72  TRP B CZ2 1 
ATOM   787  C CZ3 . TRP B 1 33 ? -8.083  -8.455  -0.403  1.00 11.27  ? 72  TRP B CZ3 1 
ATOM   788  C CH2 . TRP B 1 33 ? -8.968  -9.443  0.059   1.00 10.29  ? 72  TRP B CH2 1 
ATOM   789  N N   . THR B 1 34 ? -8.467  -2.831  -3.127  1.00 4.54   ? 73  THR B N   1 
ATOM   790  C CA  . THR B 1 34 ? -7.532  -1.938  -3.799  1.00 6.40   ? 73  THR B CA  1 
ATOM   791  C C   . THR B 1 34 ? -6.161  -2.564  -3.789  1.00 7.99   ? 73  THR B C   1 
ATOM   792  O O   . THR B 1 34 ? -5.834  -3.342  -2.885  1.00 5.15   ? 73  THR B O   1 
ATOM   793  C CB  . THR B 1 34 ? -7.406  -0.539  -3.139  1.00 3.88   ? 73  THR B CB  1 
ATOM   794  O OG1 . THR B 1 34 ? -6.998  -0.702  -1.776  1.00 3.73   ? 73  THR B OG1 1 
ATOM   795  C CG2 . THR B 1 34 ? -8.702  0.221   -3.182  1.00 3.42   ? 73  THR B CG2 1 
ATOM   796  N N   . LYS B 1 35 ? -5.387  -2.247  -4.826  1.00 5.03   ? 74  LYS B N   1 
ATOM   797  C CA  . LYS B 1 35 ? -3.956  -2.496  -4.828  1.00 4.32   ? 74  LYS B CA  1 
ATOM   798  C C   . LYS B 1 35 ? -3.226  -1.200  -5.114  1.00 7.65   ? 74  LYS B C   1 
ATOM   799  O O   . LYS B 1 35 ? -3.519  -0.516  -6.119  1.00 5.46   ? 74  LYS B O   1 
ATOM   800  C CB  . LYS B 1 35 ? -3.573  -3.543  -5.859  1.00 6.92   ? 74  LYS B CB  1 
ATOM   801  C CG  . LYS B 1 35 ? -2.071  -3.817  -5.900  1.00 4.60   ? 74  LYS B CG  1 
ATOM   802  C CD  . LYS B 1 35 ? -1.742  -4.723  -7.070  1.00 3.31   ? 74  LYS B CD  1 
ATOM   803  C CE  . LYS B 1 35 ? -0.284  -4.579  -7.474  1.00 10.49  ? 74  LYS B CE  1 
ATOM   804  N NZ  . LYS B 1 35 ? -0.029  -5.309  -8.767  1.00 23.70  ? 74  LYS B NZ  1 
ATOM   805  N N   . ASP B 1 36 ? -2.327  -0.837  -4.199  1.00 10.89  ? 75  ASP B N   1 
ATOM   806  C CA  . ASP B 1 36 ? -1.568  0.409   -4.293  1.00 5.79   ? 75  ASP B CA  1 
ATOM   807  C C   . ASP B 1 36 ? -2.502  1.568   -4.529  1.00 4.27   ? 75  ASP B C   1 
ATOM   808  O O   . ASP B 1 36 ? -2.252  2.402   -5.373  1.00 9.49   ? 75  ASP B O   1 
ATOM   809  C CB  . ASP B 1 36 ? -0.517  0.330   -5.397  1.00 3.41   ? 75  ASP B CB  1 
ATOM   810  C CG  . ASP B 1 36 ? 0.413   -0.864  -5.222  1.00 13.45  ? 75  ASP B CG  1 
ATOM   811  O OD1 . ASP B 1 36 ? 0.827   -1.153  -4.061  1.00 9.42   ? 75  ASP B OD1 1 
ATOM   812  O OD2 . ASP B 1 36 ? 0.742   -1.501  -6.258  1.00 19.57  ? 75  ASP B OD2 1 
ATOM   813  N N   . GLY B 1 37 ? -3.625  1.570   -3.834  1.00 5.45   ? 76  GLY B N   1 
ATOM   814  C CA  . GLY B 1 37 ? -4.577  2.653   -3.974  1.00 4.95   ? 76  GLY B CA  1 
ATOM   815  C C   . GLY B 1 37 ? -5.589  2.508   -5.093  1.00 4.65   ? 76  GLY B C   1 
ATOM   816  O O   . GLY B 1 37 ? -6.612  3.173   -5.045  1.00 3.74   ? 76  GLY B O   1 
ATOM   817  N N   . VAL B 1 38 ? -5.319  1.667   -6.098  1.00 7.47   ? 77  VAL B N   1 
ATOM   818  C CA  . VAL B 1 38 ? -6.266  1.489   -7.210  1.00 5.51   ? 77  VAL B CA  1 
ATOM   819  C C   . VAL B 1 38 ? -7.340  0.459   -6.935  1.00 9.15   ? 77  VAL B C   1 
ATOM   820  O O   . VAL B 1 38 ? -7.048  -0.625  -6.436  1.00 5.73   ? 77  VAL B O   1 
ATOM   821  C CB  . VAL B 1 38 ? -5.564  1.047   -8.494  1.00 2.86   ? 77  VAL B CB  1 
ATOM   822  C CG1 . VAL B 1 38 ? -6.515  1.141   -9.662  1.00 3.23   ? 77  VAL B CG1 1 
ATOM   823  C CG2 . VAL B 1 38 ? -4.337  1.879   -8.740  1.00 4.07   ? 77  VAL B CG2 1 
ATOM   824  N N   . HIS B 1 39 ? -8.577  0.796   -7.289  1.00 15.72  ? 78  HIS B N   1 
ATOM   825  C CA  . HIS B 1 39 ? -9.724  -0.087  -7.078  1.00 5.95   ? 78  HIS B CA  1 
ATOM   826  C C   . HIS B 1 39 ? -9.756  -1.216  -8.089  1.00 5.35   ? 78  HIS B C   1 
ATOM   827  O O   . HIS B 1 39 ? -9.688  -0.986  -9.287  1.00 5.16   ? 78  HIS B O   1 
ATOM   828  C CB  . HIS B 1 39 ? -11.021 0.722   -7.107  1.00 6.81   ? 78  HIS B CB  1 
ATOM   829  C CG  . HIS B 1 39 ? -11.179 1.605   -5.911  1.00 9.42   ? 78  HIS B CG  1 
ATOM   830  N ND1 . HIS B 1 39 ? -11.733 1.155   -4.733  1.00 13.89  ? 78  HIS B ND1 1 
ATOM   831  C CD2 . HIS B 1 39 ? -10.788 2.882   -5.685  1.00 12.54  ? 78  HIS B CD2 1 
ATOM   832  C CE1 . HIS B 1 39 ? -11.707 2.133   -3.839  1.00 22.68  ? 78  HIS B CE1 1 
ATOM   833  N NE2 . HIS B 1 39 ? -11.138 3.190   -4.389  1.00 11.74  ? 78  HIS B NE2 1 
ATOM   834  N N   . LEU B 1 40 ? -9.950  -2.431  -7.590  1.00 9.57   ? 79  LEU B N   1 
ATOM   835  C CA  . LEU B 1 40 ? -9.889  -3.628  -8.416  1.00 5.08   ? 79  LEU B CA  1 
ATOM   836  C C   . LEU B 1 40 ? -11.254 -4.203  -8.741  1.00 5.01   ? 79  LEU B C   1 
ATOM   837  O O   . LEU B 1 40 ? -12.157 -4.199  -7.915  1.00 2.89   ? 79  LEU B O   1 
ATOM   838  C CB  . LEU B 1 40 ? -9.086  -4.723  -7.714  1.00 4.01   ? 79  LEU B CB  1 
ATOM   839  C CG  . LEU B 1 40 ? -7.625  -4.441  -7.418  1.00 7.99   ? 79  LEU B CG  1 
ATOM   840  C CD1 . LEU B 1 40 ? -7.013  -5.594  -6.633  1.00 10.23  ? 79  LEU B CD1 1 
ATOM   841  C CD2 . LEU B 1 40 ? -6.840  -4.150  -8.694  1.00 5.14   ? 79  LEU B CD2 1 
ATOM   842  N N   . GLY B 1 41 ? -11.396 -4.658  -9.977  1.00 11.32  ? 80  GLY B N   1 
ATOM   843  C CA  . GLY B 1 41 ? -12.572 -5.388  -10.375 1.00 8.69   ? 80  GLY B CA  1 
ATOM   844  C C   . GLY B 1 41 ? -12.142 -6.749  -10.903 1.00 17.92  ? 80  GLY B C   1 
ATOM   845  O O   . GLY B 1 41 ? -10.953 -7.060  -10.938 1.00 14.97  ? 80  GLY B O   1 
ATOM   846  N N   . PRO B 1 42 ? -13.114 -7.576  -11.323 1.00 22.78  ? 81  PRO B N   1 
ATOM   847  C CA  . PRO B 1 42 ? -12.840 -8.889  -11.900 1.00 13.26  ? 81  PRO B CA  1 
ATOM   848  C C   . PRO B 1 42 ? -12.159 -8.775  -13.262 1.00 15.93  ? 81  PRO B C   1 
ATOM   849  O O   . PRO B 1 42 ? -12.419 -7.837  -14.024 1.00 15.61  ? 81  PRO B O   1 
ATOM   850  C CB  . PRO B 1 42 ? -14.234 -9.469  -12.094 1.00 11.53  ? 81  PRO B CB  1 
ATOM   851  C CG  . PRO B 1 42 ? -15.101 -8.272  -12.288 1.00 8.42   ? 81  PRO B CG  1 
ATOM   852  C CD  . PRO B 1 42 ? -14.563 -7.283  -11.318 1.00 11.71  ? 81  PRO B CD  1 
ATOM   853  N N   . ASN B 1 43 ? -11.266 -9.707  -13.552 1.00 16.74  ? 82  ASN B N   1 
ATOM   854  C CA  . ASN B 1 43 ? -10.786 -9.859  -14.915 1.00 24.12  ? 82  ASN B CA  1 
ATOM   855  C C   . ASN B 1 43 ? -10.477 -11.327 -15.242 1.00 33.85  ? 82  ASN B C   1 
ATOM   856  O O   . ASN B 1 43 ? -10.896 -12.216 -14.499 1.00 30.91  ? 82  ASN B O   1 
ATOM   857  C CB  . ASN B 1 43 ? -9.623  -8.902  -15.196 1.00 23.72  ? 82  ASN B CB  1 
ATOM   858  C CG  . ASN B 1 43 ? -8.411  -9.184  -14.345 1.00 19.88  ? 82  ASN B CG  1 
ATOM   859  O OD1 . ASN B 1 43 ? -8.185  -10.318 -13.909 1.00 16.51  ? 82  ASN B OD1 1 
ATOM   860  N ND2 . ASN B 1 43 ? -7.635  -8.138  -14.069 1.00 12.31  ? 82  ASN B ND2 1 
ATOM   861  N N   . ASN B 1 44 ? -9.729  -11.593 -16.308 1.00 31.58  ? 83  ASN B N   1 
ATOM   862  C CA  . ASN B 1 44 ? -9.569  -12.979 -16.743 1.00 31.05  ? 83  ASN B CA  1 
ATOM   863  C C   . ASN B 1 44 ? -8.666  -13.802 -15.806 1.00 33.67  ? 83  ASN B C   1 
ATOM   864  O O   . ASN B 1 44 ? -8.694  -15.018 -15.843 1.00 44.63  ? 83  ASN B O   1 
ATOM   865  C CB  . ASN B 1 44 ? -9.129  -13.029 -18.218 1.00 43.23  ? 83  ASN B CB  1 
ATOM   866  C CG  . ASN B 1 44 ? -7.623  -13.176 -18.408 1.00 67.93  ? 83  ASN B CG  1 
ATOM   867  O OD1 . ASN B 1 44 ? -6.825  -12.857 -17.528 1.00 75.10  ? 83  ASN B OD1 1 
ATOM   868  N ND2 . ASN B 1 44 ? -7.229  -13.647 -19.593 1.00 67.31  ? 83  ASN B ND2 1 
ATOM   869  N N   . ARG B 1 45 ? -7.858  -13.130 -14.982 1.00 35.37  ? 84  ARG B N   1 
ATOM   870  C CA  . ARG B 1 45 ? -7.033  -13.806 -13.965 1.00 27.71  ? 84  ARG B CA  1 
ATOM   871  C C   . ARG B 1 45 ? -7.408  -13.422 -12.523 1.00 26.12  ? 84  ARG B C   1 
ATOM   872  O O   . ARG B 1 45 ? -6.818  -13.925 -11.567 1.00 26.73  ? 84  ARG B O   1 
ATOM   873  C CB  . ARG B 1 45 ? -5.539  -13.536 -14.190 1.00 19.51  ? 84  ARG B CB  1 
ATOM   874  C CG  . ARG B 1 45 ? -5.227  -12.174 -14.795 1.00 24.95  ? 84  ARG B CG  1 
ATOM   875  C CD  . ARG B 1 45 ? -3.722  -11.920 -14.891 1.00 23.89  ? 84  ARG B CD  1 
ATOM   876  N NE  . ARG B 1 45 ? -3.083  -12.033 -13.587 1.00 14.29  ? 84  ARG B NE  1 
ATOM   877  C CZ  . ARG B 1 45 ? -1.833  -11.693 -13.319 1.00 18.73  ? 84  ARG B CZ  1 
ATOM   878  N NH1 . ARG B 1 45 ? -1.047  -11.188 -14.258 1.00 50.78  ? 84  ARG B NH1 1 
ATOM   879  N NH2 . ARG B 1 45 ? -1.373  -11.860 -12.098 1.00 25.77  ? 84  ARG B NH2 1 
ATOM   880  N N   . THR B 1 46 ? -8.396  -12.547 -12.369 1.00 20.36  ? 85  THR B N   1 
ATOM   881  C CA  . THR B 1 46 ? -8.812  -12.084 -11.052 1.00 13.33  ? 85  THR B CA  1 
ATOM   882  C C   . THR B 1 46 ? -10.263 -12.444 -10.837 1.00 7.76   ? 85  THR B C   1 
ATOM   883  O O   . THR B 1 46 ? -11.086 -12.234 -11.719 1.00 11.48  ? 85  THR B O   1 
ATOM   884  C CB  . THR B 1 46 ? -8.606  -10.533 -10.877 1.00 20.51  ? 85  THR B CB  1 
ATOM   885  O OG1 . THR B 1 46 ? -7.304  -10.146 -11.362 1.00 9.83   ? 85  THR B OG1 1 
ATOM   886  C CG2 . THR B 1 46 ? -8.761  -10.104 -9.415  1.00 5.83   ? 85  THR B CG2 1 
ATOM   887  N N   . VAL B 1 47 ? -10.567 -13.028 -9.684  1.00 7.12   ? 86  VAL B N   1 
ATOM   888  C CA  . VAL B 1 47 ? -11.933 -13.326 -9.287  1.00 5.02   ? 86  VAL B CA  1 
ATOM   889  C C   . VAL B 1 47 ? -12.134 -12.743 -7.904  1.00 6.24   ? 86  VAL B C   1 
ATOM   890  O O   . VAL B 1 47 ? -11.249 -12.821 -7.063  1.00 9.82   ? 86  VAL B O   1 
ATOM   891  C CB  . VAL B 1 47 ? -12.240 -14.855 -9.311  1.00 8.14   ? 86  VAL B CB  1 
ATOM   892  C CG1 . VAL B 1 47 ? -13.594 -15.172 -8.637  1.00 7.52   ? 86  VAL B CG1 1 
ATOM   893  C CG2 . VAL B 1 47 ? -12.208 -15.395 -10.749 1.00 3.93   ? 86  VAL B CG2 1 
ATOM   894  N N   . LEU B 1 48 ? -13.261 -12.089 -7.686  1.00 5.42   ? 87  LEU B N   1 
ATOM   895  C CA  . LEU B 1 48 ? -13.542 -11.488 -6.398  1.00 7.02   ? 87  LEU B CA  1 
ATOM   896  C C   . LEU B 1 48 ? -14.857 -12.063 -5.927  1.00 9.56   ? 87  LEU B C   1 
ATOM   897  O O   . LEU B 1 48 ? -15.885 -11.872 -6.579  1.00 19.59  ? 87  LEU B O   1 
ATOM   898  C CB  . LEU B 1 48 ? -13.711 -9.984  -6.575  1.00 12.80  ? 87  LEU B CB  1 
ATOM   899  C CG  . LEU B 1 48 ? -12.571 -8.978  -6.543  1.00 6.85   ? 87  LEU B CG  1 
ATOM   900  C CD1 . LEU B 1 48 ? -11.754 -9.048  -7.798  1.00 9.95   ? 87  LEU B CD1 1 
ATOM   901  C CD2 . LEU B 1 48 ? -13.283 -7.674  -6.520  1.00 13.53  ? 87  LEU B CD2 1 
ATOM   902  N N   . ILE B 1 49 ? -14.848 -12.755 -4.793  1.00 13.34  ? 88  ILE B N   1 
ATOM   903  C CA  . ILE B 1 49 ? -16.078 -13.422 -4.355  1.00 15.58  ? 88  ILE B CA  1 
ATOM   904  C C   . ILE B 1 49 ? -16.136 -13.572 -2.852  1.00 15.98  ? 88  ILE B C   1 
ATOM   905  O O   . ILE B 1 49 ? -15.186 -14.034 -2.216  1.00 17.65  ? 88  ILE B O   1 
ATOM   906  C CB  . ILE B 1 49 ? -16.293 -14.789 -5.066  1.00 18.28  ? 88  ILE B CB  1 
ATOM   907  C CG1 . ILE B 1 49 ? -17.643 -15.395 -4.699  1.00 16.01  ? 88  ILE B CG1 1 
ATOM   908  C CG2 . ILE B 1 49 ? -15.151 -15.742 -4.779  1.00 12.46  ? 88  ILE B CG2 1 
ATOM   909  C CD1 . ILE B 1 49 ? -18.037 -16.539 -5.601  1.00 21.07  ? 88  ILE B CD1 1 
ATOM   910  N N   . GLY B 1 50 ? -17.257 -13.139 -2.295  1.00 15.71  ? 89  GLY B N   1 
ATOM   911  C CA  . GLY B 1 50 ? -17.418 -13.067 -0.867  1.00 12.18  ? 89  GLY B CA  1 
ATOM   912  C C   . GLY B 1 50 ? -16.392 -12.119 -0.279  1.00 23.72  ? 89  GLY B C   1 
ATOM   913  O O   . GLY B 1 50 ? -16.386 -10.892 -0.547  1.00 24.08  ? 89  GLY B O   1 
ATOM   914  N N   . GLU B 1 51 ? -15.500 -12.720 0.502   1.00 20.61  ? 90  GLU B N   1 
ATOM   915  C CA  . GLU B 1 51 ? -14.473 -12.022 1.257   1.00 12.70  ? 90  GLU B CA  1 
ATOM   916  C C   . GLU B 1 51 ? -13.121 -12.367 0.674   1.00 10.18  ? 90  GLU B C   1 
ATOM   917  O O   . GLU B 1 51 ? -12.073 -12.125 1.270   1.00 13.25  ? 90  GLU B O   1 
ATOM   918  C CB  . GLU B 1 51 ? -14.547 -12.442 2.736   1.00 18.05  ? 90  GLU B CB  1 
ATOM   919  C CG  . GLU B 1 51 ? -14.063 -13.916 3.039   1.00 28.62  ? 90  GLU B CG  1 
ATOM   920  C CD  . GLU B 1 51 ? -15.142 -15.040 2.952   1.00 36.07  ? 90  GLU B CD  1 
ATOM   921  O OE1 . GLU B 1 51 ? -16.216 -14.881 2.310   1.00 29.29  ? 90  GLU B OE1 1 
ATOM   922  O OE2 . GLU B 1 51 ? -14.891 -16.123 3.537   1.00 30.46  ? 90  GLU B OE2 1 
ATOM   923  N N   . TYR B 1 52 ? -13.158 -12.941 -0.511  1.00 8.99   ? 91  TYR B N   1 
ATOM   924  C CA  . TYR B 1 52 ? -11.958 -13.452 -1.134  1.00 10.46  ? 91  TYR B CA  1 
ATOM   925  C C   . TYR B 1 52 ? -11.553 -12.691 -2.371  1.00 8.48   ? 91  TYR B C   1 
ATOM   926  O O   . TYR B 1 52 ? -12.401 -12.239 -3.161  1.00 9.11   ? 91  TYR B O   1 
ATOM   927  C CB  . TYR B 1 52 ? -12.144 -14.929 -1.508  1.00 18.96  ? 91  TYR B CB  1 
ATOM   928  C CG  . TYR B 1 52 ? -12.099 -15.886 -0.336  1.00 25.85  ? 91  TYR B CG  1 
ATOM   929  C CD1 . TYR B 1 52 ? -10.883 -16.351 0.154   1.00 13.70  ? 91  TYR B CD1 1 
ATOM   930  C CD2 . TYR B 1 52 ? -13.263 -16.310 0.289   1.00 11.32  ? 91  TYR B CD2 1 
ATOM   931  C CE1 . TYR B 1 52 ? -10.833 -17.218 1.213   1.00 14.76  ? 91  TYR B CE1 1 
ATOM   932  C CE2 . TYR B 1 52 ? -13.216 -17.172 1.343   1.00 11.77  ? 91  TYR B CE2 1 
ATOM   933  C CZ  . TYR B 1 52 ? -12.005 -17.630 1.801   1.00 19.30  ? 91  TYR B CZ  1 
ATOM   934  O OH  . TYR B 1 52 ? -11.962 -18.508 2.865   1.00 40.62  ? 91  TYR B OH  1 
ATOM   935  N N   . LEU B 1 53 ? -10.245 -12.642 -2.572  1.00 6.97   ? 92  LEU B N   1 
ATOM   936  C CA  . LEU B 1 53 ? -9.659  -12.036 -3.748  1.00 9.06   ? 92  LEU B CA  1 
ATOM   937  C C   . LEU B 1 53 ? -8.723  -13.071 -4.279  1.00 8.99   ? 92  LEU B C   1 
ATOM   938  O O   . LEU B 1 53 ? -7.858  -13.538 -3.552  1.00 14.18  ? 92  LEU B O   1 
ATOM   939  C CB  . LEU B 1 53 ? -8.886  -10.766 -3.358  1.00 8.84   ? 92  LEU B CB  1 
ATOM   940  C CG  . LEU B 1 53 ? -8.192  -9.910  -4.423  1.00 9.11   ? 92  LEU B CG  1 
ATOM   941  C CD1 . LEU B 1 53 ? -6.741  -10.332 -4.640  1.00 13.36  ? 92  LEU B CD1 1 
ATOM   942  C CD2 . LEU B 1 53 ? -8.953  -9.925  -5.734  1.00 8.22   ? 92  LEU B CD2 1 
ATOM   943  N N   . GLN B 1 54 ? -8.912  -13.486 -5.523  1.00 10.14  ? 93  GLN B N   1 
ATOM   944  C CA  . GLN B 1 54 ? -7.968  -14.428 -6.116  1.00 13.67  ? 93  GLN B CA  1 
ATOM   945  C C   . GLN B 1 54 ? -7.388  -13.892 -7.427  1.00 13.95  ? 93  GLN B C   1 
ATOM   946  O O   . GLN B 1 54 ? -8.097  -13.393 -8.291  1.00 12.19  ? 93  GLN B O   1 
ATOM   947  C CB  . GLN B 1 54 ? -8.613  -15.809 -6.301  1.00 10.32  ? 93  GLN B CB  1 
ATOM   948  C CG  . GLN B 1 54 ? -8.618  -16.332 -7.735  1.00 19.61  ? 93  GLN B CG  1 
ATOM   949  C CD  . GLN B 1 54 ? -8.335  -17.820 -7.810  1.00 19.74  ? 93  GLN B CD  1 
ATOM   950  O OE1 . GLN B 1 54 ? -7.941  -18.446 -6.820  1.00 18.95  ? 93  GLN B OE1 1 
ATOM   951  N NE2 . GLN B 1 54 ? -8.526  -18.395 -8.988  1.00 26.53  ? 93  GLN B NE2 1 
ATOM   952  N N   . ILE B 1 55 ? -6.074  -13.983 -7.547  1.00 8.83   ? 94  ILE B N   1 
ATOM   953  C CA  . ILE B 1 55 ? -5.365  -13.616 -8.752  1.00 16.89  ? 94  ILE B CA  1 
ATOM   954  C C   . ILE B 1 55 ? -4.463  -14.794 -9.086  1.00 15.98  ? 94  ILE B C   1 
ATOM   955  O O   . ILE B 1 55 ? -3.574  -15.129 -8.315  1.00 15.73  ? 94  ILE B O   1 
ATOM   956  C CB  . ILE B 1 55 ? -4.498  -12.352 -8.512  1.00 18.64  ? 94  ILE B CB  1 
ATOM   957  C CG1 . ILE B 1 55 ? -5.355  -11.229 -7.928  1.00 17.41  ? 94  ILE B CG1 1 
ATOM   958  C CG2 . ILE B 1 55 ? -3.779  -11.922 -9.782  1.00 10.42  ? 94  ILE B CG2 1 
ATOM   959  C CD1 . ILE B 1 55 ? -4.562  -10.020 -7.506  1.00 31.32  ? 94  ILE B CD1 1 
ATOM   960  N N   . LYS B 1 56 ? -4.691  -15.434 -10.223 1.00 15.11  ? 95  LYS B N   1 
ATOM   961  C CA  . LYS B 1 56 ? -3.883  -16.584 -10.579 1.00 17.76  ? 95  LYS B CA  1 
ATOM   962  C C   . LYS B 1 56 ? -2.817  -16.207 -11.592 1.00 20.77  ? 95  LYS B C   1 
ATOM   963  O O   . LYS B 1 56 ? -3.025  -15.332 -12.428 1.00 33.53  ? 95  LYS B O   1 
ATOM   964  C CB  . LYS B 1 56 ? -4.754  -17.736 -11.089 1.00 24.17  ? 95  LYS B CB  1 
ATOM   965  C CG  . LYS B 1 56 ? -5.378  -17.531 -12.447 1.00 22.11  ? 95  LYS B CG  1 
ATOM   966  C CD  . LYS B 1 56 ? -6.175  -18.769 -12.876 1.00 15.55  ? 95  LYS B CD  1 
ATOM   967  C CE  . LYS B 1 56 ? -7.309  -19.087 -11.914 1.00 14.69  ? 95  LYS B CE  1 
ATOM   968  N NZ  . LYS B 1 56 ? -8.398  -19.935 -12.531 1.00 28.62  ? 95  LYS B NZ  1 
ATOM   969  N N   . GLY B 1 57 ? -1.664  -16.861 -11.494 1.00 21.45  ? 96  GLY B N   1 
ATOM   970  C CA  . GLY B 1 57 ? -0.541  -16.561 -12.359 1.00 25.86  ? 96  GLY B CA  1 
ATOM   971  C C   . GLY B 1 57 ? 0.276   -15.415 -11.813 1.00 27.71  ? 96  GLY B C   1 
ATOM   972  O O   . GLY B 1 57 ? 0.592   -14.475 -12.535 1.00 40.77  ? 96  GLY B O   1 
ATOM   973  N N   . ALA B 1 58 ? 0.623   -15.507 -10.536 1.00 23.92  ? 97  ALA B N   1 
ATOM   974  C CA  . ALA B 1 58 ? 1.376   -14.455 -9.871  1.00 25.28  ? 97  ALA B CA  1 
ATOM   975  C C   . ALA B 1 58 ? 2.689   -14.154 -10.585 1.00 26.34  ? 97  ALA B C   1 
ATOM   976  O O   . ALA B 1 58 ? 3.454   -15.044 -10.940 1.00 26.34  ? 97  ALA B O   1 
ATOM   977  C CB  . ALA B 1 58 ? 1.617   -14.802 -8.424  1.00 21.58  ? 97  ALA B CB  1 
ATOM   978  N N   . THR B 1 59 ? 2.901   -12.880 -10.851 1.00 36.25  ? 98  THR B N   1 
ATOM   979  C CA  . THR B 1 59 ? 4.158   -12.404 -11.377 1.00 28.41  ? 98  THR B CA  1 
ATOM   980  C C   . THR B 1 59 ? 4.660   -11.350 -10.405 1.00 31.09  ? 98  THR B C   1 
ATOM   981  O O   . THR B 1 59 ? 3.865   -10.723 -9.706  1.00 25.98  ? 98  THR B O   1 
ATOM   982  C CB  . THR B 1 59 ? 3.943   -11.767 -12.736 1.00 40.04  ? 98  THR B CB  1 
ATOM   983  O OG1 . THR B 1 59 ? 3.250   -10.526 -12.562 1.00 44.54  ? 98  THR B OG1 1 
ATOM   984  C CG2 . THR B 1 59 ? 3.093   -12.685 -13.596 1.00 32.12  ? 98  THR B CG2 1 
ATOM   985  N N   . PRO B 1 60 ? 5.978   -11.124 -10.366 1.00 41.61  ? 99  PRO B N   1 
ATOM   986  C CA  . PRO B 1 60 ? 6.502   -10.190 -9.360  1.00 46.20  ? 99  PRO B CA  1 
ATOM   987  C C   . PRO B 1 60 ? 5.848   -8.807  -9.358  1.00 41.58  ? 99  PRO B C   1 
ATOM   988  O O   . PRO B 1 60 ? 6.000   -8.076  -8.378  1.00 35.70  ? 99  PRO B O   1 
ATOM   989  C CB  . PRO B 1 60 ? 7.992   -10.082 -9.711  1.00 27.26  ? 99  PRO B CB  1 
ATOM   990  C CG  . PRO B 1 60 ? 8.310   -11.340 -10.409 1.00 29.19  ? 99  PRO B CG  1 
ATOM   991  C CD  . PRO B 1 60 ? 7.050   -11.873 -11.044 1.00 36.76  ? 99  PRO B CD  1 
ATOM   992  N N   . ARG B 1 61 ? 5.137   -8.450  -10.419 1.00 36.39  ? 100 ARG B N   1 
ATOM   993  C CA  . ARG B 1 61 ? 4.494   -7.152  -10.440 1.00 31.90  ? 100 ARG B CA  1 
ATOM   994  C C   . ARG B 1 61 ? 3.106   -7.223  -9.837  1.00 29.28  ? 100 ARG B C   1 
ATOM   995  O O   . ARG B 1 61 ? 2.418   -6.215  -9.729  1.00 29.32  ? 100 ARG B O   1 
ATOM   996  C CB  . ARG B 1 61 ? 4.427   -6.614  -11.856 1.00 47.50  ? 100 ARG B CB  1 
ATOM   997  C CG  . ARG B 1 61 ? 3.890   -7.617  -12.849 1.00 62.29  ? 100 ARG B CG  1 
ATOM   998  C CD  . ARG B 1 61 ? 3.955   -7.051  -14.246 1.00 102.09 ? 100 ARG B CD  1 
ATOM   999  N NE  . ARG B 1 61 ? 3.787   -5.597  -14.222 1.00 147.98 ? 100 ARG B NE  1 
ATOM   1000 C CZ  . ARG B 1 61 ? 3.262   -4.879  -15.215 1.00 182.82 ? 100 ARG B CZ  1 
ATOM   1001 N NH1 . ARG B 1 61 ? 2.838   -5.481  -16.327 1.00 205.02 ? 100 ARG B NH1 1 
ATOM   1002 N NH2 . ARG B 1 61 ? 3.153   -3.555  -15.089 1.00 159.83 ? 100 ARG B NH2 1 
ATOM   1003 N N   . ASP B 1 62 ? 2.709   -8.408  -9.396  1.00 30.55  ? 101 ASP B N   1 
ATOM   1004 C CA  . ASP B 1 62 ? 1.431   -8.543  -8.710  1.00 20.70  ? 101 ASP B CA  1 
ATOM   1005 C C   . ASP B 1 62 ? 1.615   -8.191  -7.244  1.00 20.29  ? 101 ASP B C   1 
ATOM   1006 O O   . ASP B 1 62 ? 0.639   -8.003  -6.517  1.00 20.95  ? 101 ASP B O   1 
ATOM   1007 C CB  . ASP B 1 62 ? 0.892   -9.964  -8.864  1.00 14.40  ? 101 ASP B CB  1 
ATOM   1008 C CG  . ASP B 1 62 ? 0.222   -10.182 -10.202 1.00 29.78  ? 101 ASP B CG  1 
ATOM   1009 O OD1 . ASP B 1 62 ? -0.570  -9.318  -10.632 1.00 27.33  ? 101 ASP B OD1 1 
ATOM   1010 O OD2 . ASP B 1 62 ? 0.521   -11.206 -10.851 1.00 33.03  ? 101 ASP B OD2 1 
ATOM   1011 N N   . SER B 1 63 ? 2.871   -8.101  -6.813  1.00 15.71  ? 102 SER B N   1 
ATOM   1012 C CA  . SER B 1 63 ? 3.189   -7.686  -5.455  1.00 13.05  ? 102 SER B CA  1 
ATOM   1013 C C   . SER B 1 63 ? 2.880   -6.216  -5.292  1.00 10.86  ? 102 SER B C   1 
ATOM   1014 O O   . SER B 1 63 ? 2.872   -5.452  -6.266  1.00 15.71  ? 102 SER B O   1 
ATOM   1015 C CB  . SER B 1 63 ? 4.653   -7.961  -5.124  1.00 18.35  ? 102 SER B CB  1 
ATOM   1016 O OG  . SER B 1 63 ? 5.330   -8.524  -6.231  1.00 33.13  ? 102 SER B OG  1 
ATOM   1017 N N   . GLY B 1 64 ? 2.644   -5.803  -4.059  1.00 6.89   ? 103 GLY B N   1 
ATOM   1018 C CA  . GLY B 1 64 ? 2.245   -4.432  -3.818  1.00 8.01   ? 103 GLY B CA  1 
ATOM   1019 C C   . GLY B 1 64 ? 1.460   -4.389  -2.536  1.00 4.83   ? 103 GLY B C   1 
ATOM   1020 O O   . GLY B 1 64 ? 1.381   -5.364  -1.827  1.00 7.12   ? 103 GLY B O   1 
ATOM   1021 N N   . LEU B 1 65 ? 0.923   -3.243  -2.190  1.00 5.44   ? 104 LEU B N   1 
ATOM   1022 C CA  . LEU B 1 65 ? 0.131   -3.180  -0.982  1.00 8.41   ? 104 LEU B CA  1 
ATOM   1023 C C   . LEU B 1 65 ? -1.378  -3.278  -1.288  1.00 7.43   ? 104 LEU B C   1 
ATOM   1024 O O   . LEU B 1 65 ? -1.993  -2.328  -1.777  1.00 10.90  ? 104 LEU B O   1 
ATOM   1025 C CB  . LEU B 1 65 ? 0.459   -1.901  -0.203  1.00 4.90   ? 104 LEU B CB  1 
ATOM   1026 C CG  . LEU B 1 65 ? -0.298  -1.824  1.114   1.00 6.81   ? 104 LEU B CG  1 
ATOM   1027 C CD1 . LEU B 1 65 ? 0.636   -1.827  2.300   1.00 2.41   ? 104 LEU B CD1 1 
ATOM   1028 C CD2 . LEU B 1 65 ? -1.172  -0.593  1.083   1.00 7.51   ? 104 LEU B CD2 1 
ATOM   1029 N N   . TYR B 1 66 ? -1.967  -4.422  -0.991  1.00 3.93   ? 105 TYR B N   1 
ATOM   1030 C CA  . TYR B 1 66 ? -3.385  -4.613  -1.221  1.00 6.67   ? 105 TYR B CA  1 
ATOM   1031 C C   . TYR B 1 66 ? -4.091  -4.211  0.054   1.00 7.09   ? 105 TYR B C   1 
ATOM   1032 O O   . TYR B 1 66 ? -3.486  -4.222  1.139   1.00 12.42  ? 105 TYR B O   1 
ATOM   1033 C CB  . TYR B 1 66 ? -3.717  -6.078  -1.555  1.00 5.44   ? 105 TYR B CB  1 
ATOM   1034 C CG  . TYR B 1 66 ? -3.192  -6.568  -2.887  1.00 3.17   ? 105 TYR B CG  1 
ATOM   1035 C CD1 . TYR B 1 66 ? -4.046  -6.837  -3.941  1.00 2.96   ? 105 TYR B CD1 1 
ATOM   1036 C CD2 . TYR B 1 66 ? -1.828  -6.747  -3.086  1.00 5.26   ? 105 TYR B CD2 1 
ATOM   1037 C CE1 . TYR B 1 66 ? -3.552  -7.292  -5.157  1.00 6.78   ? 105 TYR B CE1 1 
ATOM   1038 C CE2 . TYR B 1 66 ? -1.324  -7.191  -4.286  1.00 4.99   ? 105 TYR B CE2 1 
ATOM   1039 C CZ  . TYR B 1 66 ? -2.187  -7.468  -5.316  1.00 5.94   ? 105 TYR B CZ  1 
ATOM   1040 O OH  . TYR B 1 66 ? -1.679  -7.916  -6.511  1.00 4.45   ? 105 TYR B OH  1 
ATOM   1041 N N   . ALA B 1 67 ? -5.360  -3.838  -0.065  1.00 3.58   ? 106 ALA B N   1 
ATOM   1042 C CA  . ALA B 1 67 ? -6.131  -3.504  1.110   1.00 7.52   ? 106 ALA B CA  1 
ATOM   1043 C C   . ALA B 1 67 ? -7.576  -3.801  0.812   1.00 10.94  ? 106 ALA B C   1 
ATOM   1044 O O   . ALA B 1 67 ? -8.037  -3.559  -0.308  1.00 9.59   ? 106 ALA B O   1 
ATOM   1045 C CB  . ALA B 1 67 ? -5.941  -2.048  1.493   1.00 4.01   ? 106 ALA B CB  1 
ATOM   1046 N N   . CYS B 1 68 ? -8.288  -4.313  1.816   1.00 8.24   ? 107 CYS B N   1 
ATOM   1047 C CA  . CYS B 1 68 ? -9.708  -4.601  1.662   1.00 9.41   ? 107 CYS B CA  1 
ATOM   1048 C C   . CYS B 1 68 ? -10.476 -3.799  2.685   1.00 10.23  ? 107 CYS B C   1 
ATOM   1049 O O   . CYS B 1 68 ? -10.012 -3.643  3.818   1.00 6.48   ? 107 CYS B O   1 
ATOM   1050 C CB  . CYS B 1 68 ? -10.023 -6.093  1.813   1.00 9.76   ? 107 CYS B CB  1 
ATOM   1051 S SG  . CYS B 1 68 ? -9.932  -6.756  3.515   1.00 11.87  ? 107 CYS B SG  1 
ATOM   1052 N N   . THR B 1 69 ? -11.584 -3.208  2.233   1.00 11.12  ? 108 THR B N   1 
ATOM   1053 C CA  . THR B 1 69 ? -12.511 -2.441  3.061   1.00 7.04   ? 108 THR B CA  1 
ATOM   1054 C C   . THR B 1 69 ? -13.967 -2.807  2.705   1.00 12.48  ? 108 THR B C   1 
ATOM   1055 O O   . THR B 1 69 ? -14.234 -3.371  1.640   1.00 7.52   ? 108 THR B O   1 
ATOM   1056 C CB  . THR B 1 69 ? -12.285 -0.918  2.885   1.00 4.62   ? 108 THR B CB  1 
ATOM   1057 O OG1 . THR B 1 69 ? -13.417 -0.202  3.384   1.00 4.04   ? 108 THR B OG1 1 
ATOM   1058 C CG2 . THR B 1 69 ? -12.107 -0.569  1.430   1.00 5.79   ? 108 THR B CG2 1 
ATOM   1059 N N   . ALA B 1 70 ? -14.918 -2.452  3.564   1.00 20.58  ? 109 ALA B N   1 
ATOM   1060 C CA  . ALA B 1 70 ? -16.328 -2.645  3.232   1.00 10.03  ? 109 ALA B CA  1 
ATOM   1061 C C   . ALA B 1 70 ? -16.867 -1.423  2.540   1.00 13.41  ? 109 ALA B C   1 
ATOM   1062 O O   . ALA B 1 70 ? -16.712 -0.321  3.048   1.00 29.88  ? 109 ALA B O   1 
ATOM   1063 C CB  . ALA B 1 70 ? -17.118 -2.892  4.477   1.00 11.62  ? 109 ALA B CB  1 
ATOM   1064 N N   . SER B 1 76 ? -15.265 2.530   6.671   1.00 47.68  ? 115 SER B N   1 
ATOM   1065 C CA  . SER B 1 76 ? -14.677 2.596   7.999   1.00 30.81  ? 115 SER B CA  1 
ATOM   1066 C C   . SER B 1 76 ? -13.501 1.641   8.193   1.00 31.20  ? 115 SER B C   1 
ATOM   1067 O O   . SER B 1 76 ? -12.334 2.031   8.080   1.00 36.40  ? 115 SER B O   1 
ATOM   1068 C CB  . SER B 1 76 ? -15.733 2.276   9.057   1.00 27.02  ? 115 SER B CB  1 
ATOM   1069 O OG  . SER B 1 76 ? -15.230 2.575   10.349  1.00 28.67  ? 115 SER B OG  1 
ATOM   1070 N N   . GLU B 1 77 ? -13.805 0.371   8.414   1.00 22.44  ? 116 GLU B N   1 
ATOM   1071 C CA  . GLU B 1 77 ? -12.767 -0.563  8.824   1.00 24.03  ? 116 GLU B CA  1 
ATOM   1072 C C   . GLU B 1 77 ? -12.024 -1.130  7.622   1.00 21.64  ? 116 GLU B C   1 
ATOM   1073 O O   . GLU B 1 77 ? -12.615 -1.391  6.570   1.00 14.69  ? 116 GLU B O   1 
ATOM   1074 C CB  . GLU B 1 77 ? -13.391 -1.704  9.630   1.00 25.52  ? 116 GLU B CB  1 
ATOM   1075 C CG  . GLU B 1 77 ? -12.408 -2.673  10.294  1.00 34.10  ? 116 GLU B CG  1 
ATOM   1076 C CD  . GLU B 1 77 ? -13.121 -3.811  11.041  1.00 48.02  ? 116 GLU B CD  1 
ATOM   1077 O OE1 . GLU B 1 77 ? -14.370 -3.870  11.001  1.00 35.50  ? 116 GLU B OE1 1 
ATOM   1078 O OE2 . GLU B 1 77 ? -12.435 -4.661  11.652  1.00 45.38  ? 116 GLU B OE2 1 
ATOM   1079 N N   . THR B 1 78 ? -10.724 -1.342  7.806   1.00 18.96  ? 117 THR B N   1 
ATOM   1080 C CA  . THR B 1 78 ? -9.839  -1.684  6.708   1.00 8.92   ? 117 THR B CA  1 
ATOM   1081 C C   . THR B 1 78 ? -8.788  -2.667  7.162   1.00 8.67   ? 117 THR B C   1 
ATOM   1082 O O   . THR B 1 78 ? -8.256  -2.564  8.266   1.00 19.90  ? 117 THR B O   1 
ATOM   1083 C CB  . THR B 1 78 ? -9.162  -0.437  6.107   1.00 5.77   ? 117 THR B CB  1 
ATOM   1084 O OG1 . THR B 1 78 ? -8.630  -0.758  4.823   1.00 12.55  ? 117 THR B OG1 1 
ATOM   1085 C CG2 . THR B 1 78 ? -8.028  0.040   6.964   1.00 6.17   ? 117 THR B CG2 1 
ATOM   1086 N N   . TRP B 1 79 ? -8.500  -3.643  6.315   1.00 14.93  ? 118 TRP B N   1 
ATOM   1087 C CA  . TRP B 1 79 ? -7.481  -4.650  6.612   1.00 10.47  ? 118 TRP B CA  1 
ATOM   1088 C C   . TRP B 1 79 ? -6.424  -4.633  5.494   1.00 5.78   ? 118 TRP B C   1 
ATOM   1089 O O   . TRP B 1 79 ? -6.757  -4.511  4.314   1.00 6.28   ? 118 TRP B O   1 
ATOM   1090 C CB  . TRP B 1 79 ? -8.163  -6.000  6.745   1.00 7.55   ? 118 TRP B CB  1 
ATOM   1091 C CG  . TRP B 1 79 ? -7.289  -7.105  7.095   1.00 14.21  ? 118 TRP B CG  1 
ATOM   1092 C CD1 . TRP B 1 79 ? -6.747  -8.026  6.243   1.00 21.88  ? 118 TRP B CD1 1 
ATOM   1093 C CD2 . TRP B 1 79 ? -6.865  -7.469  8.403   1.00 28.20  ? 118 TRP B CD2 1 
ATOM   1094 N NE1 . TRP B 1 79 ? -5.993  -8.940  6.942   1.00 26.71  ? 118 TRP B NE1 1 
ATOM   1095 C CE2 . TRP B 1 79 ? -6.048  -8.618  8.273   1.00 37.75  ? 118 TRP B CE2 1 
ATOM   1096 C CE3 . TRP B 1 79 ? -7.085  -6.933  9.670   1.00 21.44  ? 118 TRP B CE3 1 
ATOM   1097 C CZ2 . TRP B 1 79 ? -5.450  -9.231  9.368   1.00 35.03  ? 118 TRP B CZ2 1 
ATOM   1098 C CZ3 . TRP B 1 79 ? -6.491  -7.542  10.755  1.00 32.64  ? 118 TRP B CZ3 1 
ATOM   1099 C CH2 . TRP B 1 79 ? -5.684  -8.682  10.600  1.00 42.35  ? 118 TRP B CH2 1 
ATOM   1100 N N   . ILE B 1 80 ? -5.155  -4.744  5.860   1.00 5.05   ? 119 ILE B N   1 
ATOM   1101 C CA  . ILE B 1 80 ? -4.082  -4.536  4.887   1.00 11.08  ? 119 ILE B CA  1 
ATOM   1102 C C   . ILE B 1 80 ? -3.107  -5.702  4.672   1.00 10.61  ? 119 ILE B C   1 
ATOM   1103 O O   . ILE B 1 80 ? -2.711  -6.388  5.632   1.00 13.31  ? 119 ILE B O   1 
ATOM   1104 C CB  . ILE B 1 80 ? -3.279  -3.270  5.260   1.00 9.80   ? 119 ILE B CB  1 
ATOM   1105 C CG1 . ILE B 1 80 ? -4.230  -2.081  5.382   1.00 6.81   ? 119 ILE B CG1 1 
ATOM   1106 C CG2 . ILE B 1 80 ? -2.159  -3.005  4.246   1.00 6.45   ? 119 ILE B CG2 1 
ATOM   1107 C CD1 . ILE B 1 80 ? -3.517  -0.759  5.375   1.00 16.27  ? 119 ILE B CD1 1 
ATOM   1108 N N   . PHE B 1 81 ? -2.659  -5.857  3.425   1.00 4.77   ? 120 PHE B N   1 
ATOM   1109 C CA  . PHE B 1 81 ? -1.781  -6.952  3.046   1.00 6.65   ? 120 PHE B CA  1 
ATOM   1110 C C   . PHE B 1 81 ? -0.579  -6.510  2.232   1.00 7.73   ? 120 PHE B C   1 
ATOM   1111 O O   . PHE B 1 81 ? -0.724  -5.863  1.199   1.00 8.75   ? 120 PHE B O   1 
ATOM   1112 C CB  . PHE B 1 81 ? -2.521  -7.948  2.147   1.00 9.39   ? 120 PHE B CB  1 
ATOM   1113 C CG  . PHE B 1 81 ? -3.825  -8.444  2.684   1.00 9.19   ? 120 PHE B CG  1 
ATOM   1114 C CD1 . PHE B 1 81 ? -5.022  -7.833  2.332   1.00 11.05  ? 120 PHE B CD1 1 
ATOM   1115 C CD2 . PHE B 1 81 ? -3.858  -9.586  3.491   1.00 9.89   ? 120 PHE B CD2 1 
ATOM   1116 C CE1 . PHE B 1 81 ? -6.250  -8.333  2.817   1.00 12.27  ? 120 PHE B CE1 1 
ATOM   1117 C CE2 . PHE B 1 81 ? -5.059  -10.092 3.978   1.00 8.77   ? 120 PHE B CE2 1 
ATOM   1118 C CZ  . PHE B 1 81 ? -6.263  -9.470  3.635   1.00 9.03   ? 120 PHE B CZ  1 
ATOM   1119 N N   . MET B 1 82 ? 0.608   -6.918  2.653   1.00 6.81   ? 121 MET B N   1 
ATOM   1120 C CA  . MET B 1 82 ? 1.774   -6.723  1.814   1.00 9.27   ? 121 MET B CA  1 
ATOM   1121 C C   . MET B 1 82 ? 2.040   -8.017  1.043   1.00 13.50  ? 121 MET B C   1 
ATOM   1122 O O   . MET B 1 82 ? 2.331   -9.052  1.648   1.00 17.08  ? 121 MET B O   1 
ATOM   1123 C CB  . MET B 1 82 ? 2.978   -6.331  2.659   1.00 13.61  ? 121 MET B CB  1 
ATOM   1124 C CG  . MET B 1 82 ? 3.091   -4.855  2.897   1.00 12.25  ? 121 MET B CG  1 
ATOM   1125 S SD  . MET B 1 82 ? 4.477   -4.219  1.946   1.00 63.87  ? 121 MET B SD  1 
ATOM   1126 C CE  . MET B 1 82 ? 5.881   -4.925  2.819   1.00 24.55  ? 121 MET B CE  1 
ATOM   1127 N N   . VAL B 1 83 ? 1.929   -7.972  -0.283  1.00 9.35   ? 122 VAL B N   1 
ATOM   1128 C CA  . VAL B 1 83 ? 2.044   -9.192  -1.084  1.00 10.79  ? 122 VAL B CA  1 
ATOM   1129 C C   . VAL B 1 83 ? 3.439   -9.248  -1.645  1.00 13.14  ? 122 VAL B C   1 
ATOM   1130 O O   . VAL B 1 83 ? 3.907   -8.275  -2.230  1.00 17.21  ? 122 VAL B O   1 
ATOM   1131 C CB  . VAL B 1 83 ? 1.022   -9.252  -2.250  1.00 7.64   ? 122 VAL B CB  1 
ATOM   1132 C CG1 . VAL B 1 83 ? 1.306   -10.446 -3.157  1.00 7.42   ? 122 VAL B CG1 1 
ATOM   1133 C CG2 . VAL B 1 83 ? -0.382  -9.358  -1.715  1.00 8.90   ? 122 VAL B CG2 1 
ATOM   1134 N N   . ASN B 1 84 ? 4.128   -10.360 -1.415  1.00 22.09  ? 123 ASN B N   1 
ATOM   1135 C CA  . ASN B 1 84 ? 5.464   -10.537 -1.970  1.00 25.96  ? 123 ASN B CA  1 
ATOM   1136 C C   . ASN B 1 84 ? 5.540   -11.782 -2.824  1.00 27.10  ? 123 ASN B C   1 
ATOM   1137 O O   . ASN B 1 84 ? 5.558   -12.902 -2.311  1.00 22.08  ? 123 ASN B O   1 
ATOM   1138 C CB  . ASN B 1 84 ? 6.510   -10.594 -0.854  1.00 24.64  ? 123 ASN B CB  1 
ATOM   1139 C CG  . ASN B 1 84 ? 7.908   -10.358 -1.359  1.00 35.04  ? 123 ASN B CG  1 
ATOM   1140 O OD1 . ASN B 1 84 ? 8.128   -10.216 -2.562  1.00 44.37  ? 123 ASN B OD1 1 
ATOM   1141 N ND2 . ASN B 1 84 ? 8.867   -10.303 -0.441  1.00 39.07  ? 123 ASN B ND2 1 
ATOM   1142 N N   . VAL B 1 85 ? 5.567   -11.570 -4.133  1.00 39.59  ? 124 VAL B N   1 
ATOM   1143 C CA  . VAL B 1 85 ? 5.736   -12.651 -5.087  1.00 32.04  ? 124 VAL B CA  1 
ATOM   1144 C C   . VAL B 1 85 ? 7.224   -12.830 -5.388  1.00 42.19  ? 124 VAL B C   1 
ATOM   1145 O O   . VAL B 1 85 ? 7.879   -11.929 -5.929  1.00 30.60  ? 124 VAL B O   1 
ATOM   1146 C CB  . VAL B 1 85 ? 4.983   -12.378 -6.388  1.00 27.19  ? 124 VAL B CB  1 
ATOM   1147 C CG1 . VAL B 1 85 ? 4.901   -13.644 -7.218  1.00 27.94  ? 124 VAL B CG1 1 
ATOM   1148 C CG2 . VAL B 1 85 ? 3.595   -11.857 -6.081  1.00 31.38  ? 124 VAL B CG2 1 
ATOM   1149 N N   . THR B 1 86 ? 7.761   -13.972 -4.970  1.00 42.07  ? 125 THR B N   1 
ATOM   1150 C CA  . THR B 1 86 ? 9.173   -14.286 -5.151  1.00 42.56  ? 125 THR B CA  1 
ATOM   1151 C C   . THR B 1 86 ? 9.341   -15.814 -5.255  1.00 58.92  ? 125 THR B C   1 
ATOM   1152 O O   . THR B 1 86 ? 8.477   -16.574 -4.772  1.00 43.83  ? 125 THR B O   1 
ATOM   1153 C CB  . THR B 1 86 ? 10.018  -13.713 -3.989  1.00 51.25  ? 125 THR B CB  1 
ATOM   1154 O OG1 . THR B 1 86 ? 11.418  -13.911 -4.240  1.00 52.25  ? 125 THR B OG1 1 
ATOM   1155 C CG2 . THR B 1 86 ? 9.604   -14.354 -2.666  1.00 38.36  ? 125 THR B CG2 1 
ATOM   1156 N N   . ASP B 1 87 ? 10.435  -16.267 -5.881  1.00 67.63  ? 126 ASP B N   1 
ATOM   1157 C CA  . ASP B 1 87 ? 10.789  -17.698 -5.880  1.00 55.30  ? 126 ASP B CA  1 
ATOM   1158 C C   . ASP B 1 87 ? 11.516  -18.009 -4.585  1.00 59.83  ? 126 ASP B C   1 
ATOM   1159 O O   . ASP B 1 87 ? 11.779  -19.171 -4.254  1.00 56.08  ? 126 ASP B O   1 
ATOM   1160 C CB  . ASP B 1 87 ? 11.711  -18.055 -7.055  1.00 42.01  ? 126 ASP B CB  1 
ATOM   1161 C CG  . ASP B 1 87 ? 10.987  -18.741 -8.196  1.00 59.36  ? 126 ASP B CG  1 
ATOM   1162 O OD1 . ASP B 1 87 ? 10.036  -19.509 -7.931  1.00 50.31  ? 126 ASP B OD1 1 
ATOM   1163 O OD2 . ASP B 1 87 ? 11.389  -18.525 -9.363  1.00 60.17  ? 126 ASP B OD2 1 
ATOM   1164 N N   . ALA B 1 88 ? 11.803  -16.947 -3.841  1.00 71.41  ? 127 ALA B N   1 
ATOM   1165 C CA  . ALA B 1 88 ? 12.469  -17.042 -2.559  1.00 72.33  ? 127 ALA B CA  1 
ATOM   1166 C C   . ALA B 1 88 ? 11.412  -17.178 -1.466  1.00 57.12  ? 127 ALA B C   1 
ATOM   1167 O O   . ALA B 1 88 ? 10.284  -17.609 -1.737  1.00 43.10  ? 127 ALA B O   1 
ATOM   1168 C CB  . ALA B 1 88 ? 13.356  -15.813 -2.328  1.00 61.63  ? 127 ALA B CB  1 
HETATM 1169 O O   . HOH C 2 .  ? 0.340   6.959   20.637  1.00 15.61  ? 201 HOH A O   1 
HETATM 1170 O O   . HOH C 2 .  ? 7.995   23.389  3.015   1.00 15.82  ? 202 HOH A O   1 
HETATM 1171 O O   . HOH C 2 .  ? 1.009   14.045  25.337  1.00 48.13  ? 203 HOH A O   1 
HETATM 1172 O O   . HOH C 2 .  ? 6.388   14.476  19.150  1.00 22.84  ? 204 HOH A O   1 
HETATM 1173 O O   . HOH C 2 .  ? 0.120   4.705   18.288  1.00 15.94  ? 205 HOH A O   1 
HETATM 1174 O O   . HOH C 2 .  ? -0.980  2.368   3.081   1.00 6.05   ? 206 HOH A O   1 
HETATM 1175 O O   . HOH D 2 .  ? -13.317 -5.283  -13.850 1.00 10.30  ? 201 HOH B O   1 
HETATM 1176 O O   . HOH D 2 .  ? -5.859  -13.925 3.678   1.00 15.27  ? 202 HOH B O   1 
HETATM 1177 O O   . HOH D 2 .  ? -13.574 -10.534 -2.411  1.00 8.42   ? 203 HOH B O   1 
HETATM 1178 O O   . HOH D 2 .  ? -12.616 -4.651  -5.516  1.00 0.00   ? 204 HOH B O   1 
HETATM 1179 O O   . HOH D 2 .  ? -13.819 -12.402 -20.380 1.00 24.56  ? 205 HOH B O   1 
HETATM 1180 O O   . HOH D 2 .  ? -1.871  -7.521  -9.454  1.00 13.68  ? 206 HOH B O   1 
HETATM 1181 O O   . HOH D 2 .  ? -7.556  4.730   -3.066  1.00 5.45   ? 207 HOH B O   1 
HETATM 1182 O O   . HOH D 2 .  ? -7.478  -6.930  -10.664 1.00 3.88   ? 208 HOH B O   1 
HETATM 1183 O O   . HOH D 2 .  ? -14.878 -3.699  -12.866 1.00 5.99   ? 209 HOH B O   1 
HETATM 1184 O O   . HOH D 2 .  ? -9.006  -9.177  -18.875 1.00 23.24  ? 210 HOH B O   1 
# 
